data_6PI6
#
_entry.id   6PI6
#
_cell.length_a   98.761
_cell.length_b   62.786
_cell.length_c   120.173
_cell.angle_alpha   90.000
_cell.angle_beta   93.360
_cell.angle_gamma   90.000
#
_symmetry.space_group_name_H-M   'P 1 21 1'
#
loop_
_entity.id
_entity.type
_entity.pdbx_description
1 polymer 'Atrazine periplasmic binding protein'
2 non-polymer 4-(ethylamino)-6-[(propan-2-yl)amino]-1,3,5-triazin-2-ol
3 non-polymer 'DIMETHYL SULFOXIDE'
4 water water
#
_entity_poly.entity_id   1
_entity_poly.type   'polypeptide(L)'
_entity_poly.pdbx_seq_one_letter_code
;MGSSHHHHHHSSGLVPRGSHMQEPLKVAFVYAGPVSDAGYTYAHDQGRLAMEKNLGAKVKSSYVENVPEGADAERVIRKL
AADGNKLIFTTSFGFMNPTERVAKAFPNVVFEHATGVKLAKNLGVYESRQYEGTYLQGVLAAKMTKTGVIGFVGSFPVPE
VIRNINAYTLGAQSVNPKIKTKVIWVSTWYDPAKERQAAETLIAQGADVLTQNTNSPATLQVAQEKGKYAFGCDADMSKF
APKAHLTASISNWGDFYTKTAQAVMAGTWKSEEVHWGMAEGMVKMAPLNAAVPPDAAKLFEEKKAAMVSGKIKPFQGPLK
DQSGAVKVAAGSDLPLASLKGMNWYVQGVEGTIPK
;
_entity_poly.pdbx_strand_id   A,B,C,D
#
# COMPACT_ATOMS: atom_id res chain seq x y z
N GLU A 23 -18.46 27.22 43.08
CA GLU A 23 -16.98 27.38 43.26
C GLU A 23 -16.28 26.53 42.20
N PRO A 24 -15.12 26.95 41.67
CA PRO A 24 -14.32 26.06 40.83
C PRO A 24 -13.88 24.74 41.51
N LEU A 25 -13.78 23.69 40.71
CA LEU A 25 -13.21 22.40 41.17
C LEU A 25 -11.69 22.60 41.25
N LYS A 26 -11.11 22.33 42.42
CA LYS A 26 -9.66 22.43 42.65
C LYS A 26 -9.02 21.11 42.26
N VAL A 27 -8.15 21.18 41.27
CA VAL A 27 -7.51 19.99 40.67
C VAL A 27 -6.00 20.15 40.86
N ALA A 28 -5.33 19.10 41.36
CA ALA A 28 -3.86 19.12 41.52
C ALA A 28 -3.21 17.98 40.73
N PHE A 29 -1.98 18.24 40.27
CA PHE A 29 -1.16 17.30 39.48
C PHE A 29 0.16 17.14 40.21
N VAL A 30 0.54 15.92 40.46
CA VAL A 30 1.84 15.59 41.09
C VAL A 30 2.75 14.97 40.04
N TYR A 31 3.89 15.62 39.75
CA TYR A 31 4.86 15.17 38.76
C TYR A 31 6.11 14.66 39.45
N ALA A 32 6.65 13.59 38.91
CA ALA A 32 7.92 12.98 39.41
C ALA A 32 9.12 13.58 38.72
N GLY A 33 8.89 14.44 37.74
CA GLY A 33 9.94 15.10 36.96
C GLY A 33 9.59 16.57 36.76
N PRO A 34 10.38 17.29 35.94
CA PRO A 34 10.14 18.70 35.68
C PRO A 34 9.35 18.93 34.40
N VAL A 35 8.56 20.01 34.42
CA VAL A 35 7.84 20.42 33.18
C VAL A 35 8.86 20.76 32.08
N SER A 36 10.10 21.10 32.45
CA SER A 36 11.14 21.46 31.48
C SER A 36 11.86 20.21 30.94
N ASP A 37 11.38 18.97 31.20
CA ASP A 37 11.96 17.75 30.59
C ASP A 37 11.79 17.76 29.07
N ALA A 38 10.80 18.49 28.55
CA ALA A 38 10.40 18.50 27.12
C ALA A 38 9.96 17.11 26.66
N GLY A 39 9.55 16.25 27.60
CA GLY A 39 9.07 14.90 27.31
C GLY A 39 7.86 14.56 28.18
N TYR A 40 8.00 13.53 29.00
CA TYR A 40 6.88 12.93 29.74
C TYR A 40 6.12 13.94 30.63
N THR A 41 6.83 14.60 31.53
CA THR A 41 6.17 15.55 32.49
C THR A 41 5.65 16.76 31.72
N TYR A 42 6.41 17.25 30.75
CA TYR A 42 5.94 18.31 29.82
C TYR A 42 4.57 17.94 29.27
N ALA A 43 4.45 16.72 28.73
CA ALA A 43 3.20 16.27 28.09
C ALA A 43 2.05 16.18 29.12
N HIS A 44 2.28 15.62 30.30
CA HIS A 44 1.23 15.62 31.36
C HIS A 44 0.79 17.07 31.65
N ASP A 45 1.74 17.98 31.73
CA ASP A 45 1.46 19.41 32.06
C ASP A 45 0.75 20.08 30.88
N GLN A 46 1.05 19.71 29.62
CA GLN A 46 0.22 20.20 28.48
C GLN A 46 -1.21 19.68 28.61
N GLY A 47 -1.40 18.47 29.16
CA GLY A 47 -2.75 17.93 29.44
C GLY A 47 -3.47 18.77 30.47
N ARG A 48 -2.80 19.14 31.54
CA ARG A 48 -3.34 20.05 32.58
C ARG A 48 -3.75 21.37 31.95
N LEU A 49 -2.89 21.91 31.10
CA LEU A 49 -3.20 23.21 30.44
C LEU A 49 -4.38 23.05 29.49
N ALA A 50 -4.49 21.92 28.77
CA ALA A 50 -5.66 21.65 27.91
C ALA A 50 -6.93 21.61 28.75
N MET A 51 -6.90 20.92 29.88
CA MET A 51 -8.07 20.84 30.80
C MET A 51 -8.47 22.25 31.23
N GLU A 52 -7.51 23.11 31.56
CA GLU A 52 -7.76 24.53 31.94
C GLU A 52 -8.42 25.27 30.77
N LYS A 53 -7.95 25.06 29.56
CA LYS A 53 -8.51 25.78 28.37
C LYS A 53 -9.94 25.27 28.13
N ASN A 54 -10.16 23.96 28.25
CA ASN A 54 -11.44 23.29 27.91
C ASN A 54 -12.51 23.62 28.96
N LEU A 55 -12.16 23.75 30.24
CA LEU A 55 -13.16 23.89 31.33
C LEU A 55 -13.18 25.30 31.90
N GLY A 56 -12.20 26.12 31.56
CA GLY A 56 -12.10 27.54 31.93
C GLY A 56 -12.25 27.76 33.42
N ALA A 57 -13.17 28.63 33.80
CA ALA A 57 -13.35 29.08 35.22
C ALA A 57 -13.96 27.96 36.08
N LYS A 58 -14.45 26.88 35.49
CA LYS A 58 -15.03 25.76 36.28
C LYS A 58 -13.95 24.97 37.00
N VAL A 59 -12.67 25.14 36.64
N VAL A 59 -12.68 25.13 36.62
CA VAL A 59 -11.54 24.38 37.25
CA VAL A 59 -11.55 24.39 37.27
C VAL A 59 -10.46 25.35 37.68
C VAL A 59 -10.46 25.38 37.70
N LYS A 60 -9.74 25.02 38.75
CA LYS A 60 -8.52 25.75 39.15
C LYS A 60 -7.45 24.70 39.38
N SER A 61 -6.40 24.68 38.57
CA SER A 61 -5.39 23.61 38.64
C SER A 61 -4.16 24.12 39.35
N SER A 62 -3.41 23.23 39.97
CA SER A 62 -2.05 23.50 40.44
C SER A 62 -1.20 22.25 40.23
N TYR A 63 0.09 22.41 40.36
CA TYR A 63 0.98 21.23 40.20
C TYR A 63 2.18 21.38 41.12
N VAL A 64 2.80 20.26 41.39
CA VAL A 64 4.12 20.18 42.07
C VAL A 64 5.02 19.32 41.19
N GLU A 65 6.24 19.80 40.90
CA GLU A 65 7.18 19.03 40.05
C GLU A 65 8.29 18.42 40.86
N ASN A 66 8.99 17.49 40.23
CA ASN A 66 10.22 16.86 40.81
C ASN A 66 9.92 16.23 42.17
N VAL A 67 8.74 15.63 42.34
CA VAL A 67 8.39 14.96 43.62
C VAL A 67 9.04 13.58 43.65
N PRO A 68 9.88 13.28 44.66
CA PRO A 68 10.49 11.94 44.74
C PRO A 68 9.41 10.84 44.92
N GLU A 69 9.64 9.70 44.24
CA GLU A 69 8.72 8.52 44.17
C GLU A 69 8.80 7.82 45.52
N GLY A 70 7.89 6.88 45.80
CA GLY A 70 7.85 6.16 47.10
C GLY A 70 7.53 7.10 48.27
N ALA A 71 8.10 6.83 49.44
CA ALA A 71 7.64 7.32 50.76
C ALA A 71 7.50 8.85 50.82
N ASP A 72 8.44 9.63 50.28
CA ASP A 72 8.47 11.13 50.42
C ASP A 72 7.35 11.84 49.61
N ALA A 73 6.75 11.15 48.64
CA ALA A 73 5.61 11.68 47.84
C ALA A 73 4.34 11.75 48.69
N GLU A 74 4.25 10.91 49.72
CA GLU A 74 3.03 10.85 50.56
C GLU A 74 2.76 12.22 51.19
N ARG A 75 3.80 12.90 51.68
CA ARG A 75 3.63 14.23 52.34
C ARG A 75 3.09 15.25 51.32
N VAL A 76 3.56 15.21 50.07
CA VAL A 76 3.14 16.20 49.04
C VAL A 76 1.67 15.93 48.71
N ILE A 77 1.34 14.68 48.45
CA ILE A 77 -0.05 14.30 48.07
C ILE A 77 -1.01 14.66 49.21
N ARG A 78 -0.65 14.34 50.46
CA ARG A 78 -1.49 14.66 51.65
C ARG A 78 -1.72 16.18 51.75
N LYS A 79 -0.68 16.97 51.57
CA LYS A 79 -0.77 18.44 51.67
C LYS A 79 -1.70 18.99 50.58
N LEU A 80 -1.62 18.47 49.34
CA LEU A 80 -2.58 18.93 48.30
C LEU A 80 -4.01 18.54 48.66
N ALA A 81 -4.22 17.38 49.27
CA ALA A 81 -5.59 16.97 49.66
C ALA A 81 -6.07 17.88 50.83
N ALA A 82 -5.19 18.17 51.79
CA ALA A 82 -5.45 19.02 52.99
C ALA A 82 -5.78 20.45 52.54
N ASP A 83 -5.20 20.91 51.42
N ASP A 83 -5.20 20.91 51.42
CA ASP A 83 -5.39 22.28 50.91
CA ASP A 83 -5.39 22.28 50.91
C ASP A 83 -6.72 22.41 50.18
C ASP A 83 -6.72 22.41 50.18
N GLY A 84 -7.49 21.34 50.00
CA GLY A 84 -8.85 21.44 49.42
C GLY A 84 -8.93 21.01 47.97
N ASN A 85 -7.89 20.39 47.40
CA ASN A 85 -8.01 19.77 46.05
C ASN A 85 -9.02 18.62 46.11
N LYS A 86 -9.98 18.60 45.18
N LYS A 86 -9.98 18.60 45.18
CA LYS A 86 -11.04 17.55 45.17
CA LYS A 86 -11.04 17.54 45.17
C LYS A 86 -10.73 16.44 44.14
C LYS A 86 -10.72 16.43 44.15
N LEU A 87 -9.74 16.69 43.26
CA LEU A 87 -9.29 15.73 42.22
C LEU A 87 -7.77 15.87 42.14
N ILE A 88 -7.07 14.74 42.34
CA ILE A 88 -5.58 14.73 42.39
C ILE A 88 -5.13 13.63 41.42
N PHE A 89 -4.30 14.04 40.45
CA PHE A 89 -3.62 13.11 39.51
C PHE A 89 -2.17 12.88 39.94
N THR A 90 -1.80 11.65 40.21
CA THR A 90 -0.40 11.30 40.52
C THR A 90 0.21 10.60 39.30
N THR A 91 1.16 11.28 38.63
CA THR A 91 1.47 10.98 37.23
C THR A 91 2.68 10.06 37.04
N SER A 92 2.98 9.14 37.97
CA SER A 92 4.15 8.27 37.82
C SER A 92 3.90 6.99 38.62
N PHE A 93 4.42 5.90 38.11
CA PHE A 93 4.31 4.57 38.72
C PHE A 93 4.63 4.58 40.22
N GLY A 94 5.75 5.18 40.59
CA GLY A 94 6.24 5.15 41.97
C GLY A 94 5.40 5.91 42.96
N PHE A 95 4.32 6.60 42.52
CA PHE A 95 3.36 7.20 43.46
C PHE A 95 2.24 6.23 43.85
N MET A 96 2.26 4.97 43.35
CA MET A 96 1.15 4.03 43.53
C MET A 96 0.81 3.84 45.03
N ASN A 97 1.78 3.43 45.83
CA ASN A 97 1.47 3.06 47.21
C ASN A 97 1.19 4.32 48.03
N PRO A 98 1.96 5.43 47.92
CA PRO A 98 1.58 6.69 48.60
C PRO A 98 0.16 7.16 48.23
N THR A 99 -0.21 7.06 46.95
CA THR A 99 -1.57 7.48 46.51
C THR A 99 -2.63 6.61 47.21
N GLU A 100 -2.43 5.30 47.26
CA GLU A 100 -3.40 4.37 47.88
C GLU A 100 -3.56 4.75 49.37
N ARG A 101 -2.47 5.07 50.05
CA ARG A 101 -2.54 5.43 51.49
C ARG A 101 -3.24 6.76 51.69
N VAL A 102 -2.95 7.78 50.85
CA VAL A 102 -3.60 9.10 51.03
C VAL A 102 -5.08 8.94 50.68
N ALA A 103 -5.42 8.16 49.64
CA ALA A 103 -6.83 8.00 49.23
C ALA A 103 -7.67 7.46 50.42
N LYS A 104 -7.15 6.55 51.24
CA LYS A 104 -7.89 6.03 52.41
C LYS A 104 -8.16 7.16 53.43
N ALA A 105 -7.24 8.10 53.58
CA ALA A 105 -7.30 9.22 54.54
C ALA A 105 -8.17 10.35 54.04
N PHE A 106 -8.43 10.42 52.72
CA PHE A 106 -9.23 11.50 52.10
C PHE A 106 -10.36 10.90 51.27
N PRO A 107 -11.38 10.30 51.90
CA PRO A 107 -12.41 9.59 51.16
C PRO A 107 -13.35 10.51 50.35
N ASN A 108 -13.30 11.84 50.55
CA ASN A 108 -14.12 12.77 49.76
C ASN A 108 -13.29 13.37 48.63
N VAL A 109 -12.07 12.91 48.41
CA VAL A 109 -11.21 13.37 47.27
C VAL A 109 -11.09 12.24 46.25
N VAL A 110 -11.13 12.59 44.98
CA VAL A 110 -10.96 11.63 43.85
C VAL A 110 -9.46 11.60 43.47
N PHE A 111 -8.87 10.43 43.45
CA PHE A 111 -7.46 10.19 43.08
C PHE A 111 -7.42 9.39 41.78
N GLU A 112 -6.56 9.81 40.87
CA GLU A 112 -6.26 9.09 39.60
C GLU A 112 -4.76 8.88 39.54
N HIS A 113 -4.36 7.62 39.47
CA HIS A 113 -2.93 7.24 39.46
C HIS A 113 -2.53 6.71 38.07
N ALA A 114 -1.48 7.30 37.51
CA ALA A 114 -1.01 6.92 36.17
C ALA A 114 -0.23 5.62 36.28
N THR A 115 -0.60 4.65 35.44
CA THR A 115 0.12 3.38 35.16
C THR A 115 -0.02 2.36 36.29
N GLY A 116 -0.76 2.67 37.35
CA GLY A 116 -0.89 1.74 38.48
C GLY A 116 -1.89 0.63 38.28
N VAL A 117 -1.96 -0.25 39.28
CA VAL A 117 -2.89 -1.42 39.25
C VAL A 117 -3.71 -1.46 40.55
N LYS A 118 -3.63 -0.44 41.42
CA LYS A 118 -4.39 -0.41 42.70
C LYS A 118 -5.57 0.55 42.56
N LEU A 119 -6.75 0.06 42.86
CA LEU A 119 -8.02 0.84 42.82
C LEU A 119 -8.69 0.83 44.18
N ALA A 120 -9.59 1.79 44.39
CA ALA A 120 -10.42 1.86 45.59
C ALA A 120 -11.67 2.65 45.21
N LYS A 121 -12.59 2.85 46.15
CA LYS A 121 -13.85 3.59 45.87
C LYS A 121 -13.51 4.98 45.30
N ASN A 122 -12.44 5.64 45.78
CA ASN A 122 -12.05 7.02 45.36
C ASN A 122 -10.69 6.99 44.66
N LEU A 123 -10.29 5.86 44.05
CA LEU A 123 -8.97 5.76 43.38
C LEU A 123 -9.14 4.99 42.08
N GLY A 124 -8.93 5.69 40.95
CA GLY A 124 -8.91 5.07 39.62
C GLY A 124 -7.47 5.03 39.08
N VAL A 125 -7.26 4.30 37.99
CA VAL A 125 -5.93 4.27 37.34
C VAL A 125 -6.14 4.54 35.85
N TYR A 126 -5.15 5.11 35.24
CA TYR A 126 -5.17 5.45 33.81
C TYR A 126 -3.81 5.25 33.19
N GLU A 127 -3.80 4.92 31.90
CA GLU A 127 -2.53 4.84 31.16
C GLU A 127 -2.82 4.89 29.67
N SER A 128 -1.77 5.09 28.93
CA SER A 128 -1.82 5.08 27.45
C SER A 128 -1.41 3.69 26.97
N ARG A 129 -1.77 3.36 25.76
CA ARG A 129 -1.22 2.19 25.03
C ARG A 129 -0.07 2.71 24.16
N GLN A 130 0.96 3.29 24.77
CA GLN A 130 2.05 3.92 24.01
C GLN A 130 2.78 2.84 23.19
N TYR A 131 2.74 1.60 23.64
CA TYR A 131 3.38 0.46 22.94
C TYR A 131 2.85 0.32 21.50
N GLU A 132 1.64 0.82 21.20
CA GLU A 132 1.16 0.88 19.79
C GLU A 132 2.11 1.76 18.97
N GLY A 133 2.48 2.92 19.52
CA GLY A 133 3.46 3.81 18.87
C GLY A 133 4.85 3.19 18.83
N THR A 134 5.25 2.53 19.91
CA THR A 134 6.60 1.95 19.98
C THR A 134 6.72 0.83 18.91
N TYR A 135 5.67 0.06 18.66
CA TYR A 135 5.64 -0.98 17.61
C TYR A 135 5.96 -0.31 16.27
N LEU A 136 5.28 0.79 15.95
CA LEU A 136 5.51 1.53 14.68
C LEU A 136 6.94 2.05 14.63
N GLN A 137 7.49 2.55 15.74
CA GLN A 137 8.91 2.97 15.80
C GLN A 137 9.80 1.78 15.42
N GLY A 138 9.52 0.60 15.93
CA GLY A 138 10.29 -0.62 15.62
C GLY A 138 10.26 -0.95 14.15
N VAL A 139 9.11 -0.82 13.51
CA VAL A 139 9.00 -1.00 12.03
C VAL A 139 10.00 -0.06 11.34
N LEU A 140 9.99 1.21 11.72
N LEU A 140 9.99 1.21 11.72
CA LEU A 140 10.87 2.20 11.09
CA LEU A 140 10.88 2.21 11.09
C LEU A 140 12.33 1.92 11.47
C LEU A 140 12.33 1.91 11.46
N ALA A 141 12.60 1.50 12.70
CA ALA A 141 13.97 1.22 13.14
C ALA A 141 14.56 0.11 12.23
N ALA A 142 13.79 -0.92 11.93
CA ALA A 142 14.24 -2.07 11.09
C ALA A 142 14.58 -1.55 9.69
N LYS A 143 13.85 -0.55 9.20
CA LYS A 143 14.11 0.04 7.86
C LYS A 143 15.37 0.91 7.88
N MET A 144 15.71 1.53 8.99
CA MET A 144 16.76 2.57 9.05
C MET A 144 18.06 2.01 9.59
N THR A 145 18.06 0.87 10.32
CA THR A 145 19.29 0.32 10.95
C THR A 145 20.28 -0.14 9.88
N LYS A 146 21.57 0.11 10.10
CA LYS A 146 22.70 -0.41 9.30
C LYS A 146 23.39 -1.55 10.04
N THR A 147 23.26 -1.64 11.36
CA THR A 147 23.95 -2.68 12.18
C THR A 147 23.02 -3.85 12.41
N GLY A 148 21.71 -3.70 12.20
CA GLY A 148 20.77 -4.75 12.61
C GLY A 148 20.55 -4.85 14.11
N VAL A 149 21.02 -3.84 14.85
CA VAL A 149 20.87 -3.80 16.33
C VAL A 149 20.22 -2.47 16.68
N ILE A 150 19.06 -2.58 17.32
CA ILE A 150 18.31 -1.40 17.81
C ILE A 150 18.48 -1.36 19.33
N GLY A 151 18.33 -0.17 19.89
CA GLY A 151 18.67 0.06 21.29
C GLY A 151 17.52 0.64 22.06
N PHE A 152 17.45 0.31 23.34
CA PHE A 152 16.40 0.79 24.22
C PHE A 152 17.01 1.27 25.55
N VAL A 153 16.75 2.51 25.91
CA VAL A 153 17.15 3.10 27.22
C VAL A 153 16.00 2.90 28.21
N GLY A 154 16.18 1.98 29.14
CA GLY A 154 15.15 1.64 30.11
C GLY A 154 15.37 2.31 31.47
N SER A 155 14.27 2.53 32.17
CA SER A 155 14.20 3.11 33.54
C SER A 155 14.22 1.98 34.57
N PHE A 156 13.10 1.33 34.73
CA PHE A 156 12.86 0.20 35.67
C PHE A 156 12.02 -0.86 34.96
N PRO A 157 12.22 -2.16 35.29
CA PRO A 157 11.55 -3.26 34.60
C PRO A 157 10.11 -3.46 35.06
N VAL A 158 9.30 -2.43 34.90
CA VAL A 158 7.86 -2.46 35.22
C VAL A 158 7.11 -2.75 33.94
N PRO A 159 5.82 -3.16 34.03
CA PRO A 159 5.10 -3.60 32.84
C PRO A 159 5.06 -2.55 31.71
N GLU A 160 4.88 -1.28 32.05
CA GLU A 160 4.88 -0.22 31.01
C GLU A 160 6.12 -0.35 30.11
N VAL A 161 7.29 -0.48 30.73
CA VAL A 161 8.58 -0.44 30.01
C VAL A 161 8.79 -1.76 29.26
N ILE A 162 8.50 -2.89 29.91
CA ILE A 162 8.64 -4.20 29.23
C ILE A 162 7.71 -4.31 28.02
N ARG A 163 6.48 -3.80 28.11
CA ARG A 163 5.62 -3.79 26.93
C ARG A 163 6.27 -2.95 25.81
N ASN A 164 6.84 -1.80 26.14
CA ASN A 164 7.50 -0.93 25.10
C ASN A 164 8.73 -1.65 24.50
N ILE A 165 9.54 -2.32 25.32
CA ILE A 165 10.72 -3.05 24.81
C ILE A 165 10.26 -4.14 23.81
N ASN A 166 9.27 -4.92 24.23
CA ASN A 166 8.74 -6.04 23.41
C ASN A 166 8.11 -5.48 22.13
N ALA A 167 7.33 -4.41 22.23
CA ALA A 167 6.65 -3.86 21.06
C ALA A 167 7.66 -3.30 20.06
N TYR A 168 8.71 -2.62 20.53
CA TYR A 168 9.79 -2.08 19.68
C TYR A 168 10.37 -3.27 18.87
N THR A 169 10.64 -4.36 19.58
CA THR A 169 11.31 -5.54 19.02
C THR A 169 10.40 -6.24 18.01
N LEU A 170 9.14 -6.47 18.36
CA LEU A 170 8.15 -7.11 17.47
C LEU A 170 7.94 -6.26 16.22
N GLY A 171 7.80 -4.95 16.41
CA GLY A 171 7.69 -4.07 15.22
C GLY A 171 8.87 -4.20 14.30
N ALA A 172 10.10 -4.20 14.82
CA ALA A 172 11.29 -4.36 13.99
C ALA A 172 11.27 -5.75 13.32
N GLN A 173 10.93 -6.80 14.08
CA GLN A 173 11.00 -8.20 13.56
C GLN A 173 9.95 -8.42 12.47
N SER A 174 8.87 -7.62 12.42
CA SER A 174 7.87 -7.68 11.33
C SER A 174 8.52 -7.29 9.99
N VAL A 175 9.62 -6.58 10.02
CA VAL A 175 10.40 -6.15 8.82
C VAL A 175 11.60 -7.07 8.64
N ASN A 176 12.38 -7.28 9.69
CA ASN A 176 13.63 -8.07 9.66
C ASN A 176 13.63 -8.97 10.88
N PRO A 177 13.29 -10.27 10.73
CA PRO A 177 13.21 -11.17 11.89
C PRO A 177 14.56 -11.40 12.58
N LYS A 178 15.65 -10.96 11.99
CA LYS A 178 17.01 -11.18 12.58
C LYS A 178 17.37 -10.00 13.49
N ILE A 179 16.50 -9.01 13.65
CA ILE A 179 16.85 -7.79 14.45
C ILE A 179 17.13 -8.23 15.88
N LYS A 180 18.13 -7.59 16.50
CA LYS A 180 18.41 -7.74 17.94
C LYS A 180 18.12 -6.39 18.62
N THR A 181 17.55 -6.44 19.80
CA THR A 181 17.30 -5.23 20.64
C THR A 181 18.24 -5.31 21.84
N LYS A 182 19.12 -4.32 21.99
CA LYS A 182 19.95 -4.22 23.19
C LYS A 182 19.30 -3.20 24.14
N VAL A 183 19.19 -3.59 25.38
CA VAL A 183 18.56 -2.79 26.46
C VAL A 183 19.64 -2.40 27.46
N ILE A 184 19.58 -1.18 27.95
CA ILE A 184 20.41 -0.67 29.06
C ILE A 184 19.49 0.01 30.07
N TRP A 185 19.73 -0.20 31.35
CA TRP A 185 18.86 0.27 32.42
C TRP A 185 19.57 1.39 33.19
N VAL A 186 18.89 2.48 33.44
CA VAL A 186 19.45 3.61 34.22
C VAL A 186 18.83 3.75 35.62
N SER A 187 17.77 3.01 35.97
CA SER A 187 17.16 2.99 37.34
C SER A 187 16.74 4.39 37.74
N THR A 188 16.18 5.10 36.79
CA THR A 188 15.55 6.42 36.99
C THR A 188 14.67 6.67 35.78
N TRP A 189 13.57 7.42 35.94
CA TRP A 189 12.79 7.85 34.79
C TRP A 189 13.38 9.07 34.08
N TYR A 190 14.20 9.87 34.77
CA TYR A 190 14.62 11.17 34.26
C TYR A 190 15.94 11.55 34.93
N ASP A 191 16.99 11.59 34.13
CA ASP A 191 18.32 12.09 34.54
C ASP A 191 19.13 12.27 33.28
N PRO A 192 19.13 13.49 32.70
CA PRO A 192 19.69 13.62 31.37
C PRO A 192 21.16 13.19 31.30
N ALA A 193 21.91 13.32 32.38
CA ALA A 193 23.33 12.90 32.38
C ALA A 193 23.43 11.36 32.22
N LYS A 194 22.62 10.65 32.99
N LYS A 194 22.62 10.65 32.99
CA LYS A 194 22.63 9.18 32.96
CA LYS A 194 22.63 9.17 32.96
C LYS A 194 22.09 8.69 31.62
C LYS A 194 22.09 8.69 31.62
N GLU A 195 21.05 9.34 31.10
CA GLU A 195 20.43 8.98 29.81
C GLU A 195 21.48 9.17 28.72
N ARG A 196 22.23 10.27 28.77
N ARG A 196 22.24 10.27 28.76
CA ARG A 196 23.30 10.54 27.75
CA ARG A 196 23.30 10.55 27.75
C ARG A 196 24.34 9.41 27.81
C ARG A 196 24.34 9.41 27.81
N GLN A 197 24.80 9.06 29.00
CA GLN A 197 25.82 7.99 29.15
C GLN A 197 25.24 6.66 28.59
N ALA A 198 23.96 6.36 28.88
CA ALA A 198 23.32 5.09 28.45
C ALA A 198 23.26 5.07 26.92
N ALA A 199 22.90 6.18 26.28
CA ALA A 199 22.84 6.26 24.82
C ALA A 199 24.25 6.01 24.23
N GLU A 200 25.27 6.63 24.81
CA GLU A 200 26.66 6.46 24.33
C GLU A 200 27.04 4.98 24.42
N THR A 201 26.68 4.32 25.50
CA THR A 201 27.01 2.89 25.72
C THR A 201 26.30 2.03 24.68
N LEU A 202 25.00 2.28 24.42
CA LEU A 202 24.28 1.48 23.41
C LEU A 202 24.94 1.64 22.06
N ILE A 203 25.31 2.87 21.69
CA ILE A 203 25.92 3.13 20.37
C ILE A 203 27.30 2.45 20.31
N ALA A 204 28.06 2.52 21.39
CA ALA A 204 29.39 1.84 21.47
C ALA A 204 29.22 0.33 21.30
N GLN A 205 28.08 -0.24 21.70
CA GLN A 205 27.81 -1.69 21.63
C GLN A 205 26.98 -2.03 20.39
N GLY A 206 26.89 -1.13 19.41
CA GLY A 206 26.46 -1.47 18.04
C GLY A 206 25.02 -1.11 17.74
N ALA A 207 24.29 -0.53 18.69
CA ALA A 207 22.87 -0.10 18.41
C ALA A 207 22.91 1.17 17.57
N ASP A 208 22.10 1.34 16.52
CA ASP A 208 22.19 2.57 15.72
C ASP A 208 20.82 3.25 15.52
N VAL A 209 19.80 2.69 16.13
CA VAL A 209 18.44 3.34 16.18
C VAL A 209 17.93 3.12 17.59
N LEU A 210 17.74 4.21 18.33
CA LEU A 210 17.51 4.15 19.78
C LEU A 210 16.08 4.64 20.09
N THR A 211 15.47 4.02 21.08
CA THR A 211 14.25 4.54 21.72
C THR A 211 14.45 4.45 23.23
N GLN A 212 13.51 4.98 23.97
CA GLN A 212 13.69 5.09 25.44
C GLN A 212 12.35 5.01 26.15
N ASN A 213 12.42 4.72 27.44
N ASN A 213 12.41 4.73 27.45
CA ASN A 213 11.29 4.95 28.38
CA ASN A 213 11.29 4.95 28.38
C ASN A 213 11.82 5.82 29.55
C ASN A 213 11.81 5.82 29.54
N THR A 214 12.84 6.62 29.32
CA THR A 214 13.21 7.75 30.20
C THR A 214 12.59 8.98 29.57
N ASN A 215 12.80 10.15 30.16
CA ASN A 215 11.90 11.29 29.89
C ASN A 215 12.59 12.46 29.16
N SER A 216 13.88 12.43 28.90
CA SER A 216 14.61 13.61 28.31
C SER A 216 14.97 13.40 26.84
N PRO A 217 15.36 14.51 26.15
CA PRO A 217 15.91 14.41 24.80
C PRO A 217 17.41 14.05 24.73
N ALA A 218 17.99 13.55 25.82
CA ALA A 218 19.44 13.27 25.91
C ALA A 218 19.85 12.22 24.86
N THR A 219 19.07 11.14 24.73
CA THR A 219 19.35 10.02 23.77
C THR A 219 19.39 10.59 22.35
N LEU A 220 18.43 11.44 22.02
CA LEU A 220 18.38 12.09 20.69
C LEU A 220 19.62 12.91 20.43
N GLN A 221 20.06 13.70 21.40
CA GLN A 221 21.22 14.58 21.24
C GLN A 221 22.46 13.73 21.01
N VAL A 222 22.61 12.62 21.75
CA VAL A 222 23.75 11.70 21.53
C VAL A 222 23.66 11.11 20.12
N ALA A 223 22.48 10.69 19.70
CA ALA A 223 22.29 10.04 18.38
C ALA A 223 22.75 11.04 17.29
N GLN A 224 22.35 12.30 17.42
CA GLN A 224 22.73 13.30 16.41
C GLN A 224 24.25 13.49 16.39
N GLU A 225 24.87 13.57 17.56
CA GLU A 225 26.33 13.77 17.69
C GLU A 225 27.07 12.61 17.01
N LYS A 226 26.56 11.38 17.09
CA LYS A 226 27.23 10.17 16.59
C LYS A 226 26.78 9.77 15.20
N GLY A 227 25.86 10.50 14.57
CA GLY A 227 25.33 10.15 13.24
C GLY A 227 24.36 8.98 13.26
N LYS A 228 23.63 8.76 14.35
CA LYS A 228 22.65 7.67 14.51
C LYS A 228 21.24 8.26 14.55
N TYR A 229 20.26 7.39 14.73
CA TYR A 229 18.84 7.78 14.76
C TYR A 229 18.25 7.51 16.13
N ALA A 230 17.18 8.23 16.47
CA ALA A 230 16.41 7.91 17.68
C ALA A 230 14.99 8.45 17.52
N PHE A 231 14.16 8.22 18.54
CA PHE A 231 12.74 8.64 18.54
C PHE A 231 12.50 9.58 19.74
N GLY A 232 11.62 10.57 19.53
CA GLY A 232 11.05 11.32 20.67
C GLY A 232 10.11 10.42 21.48
N CYS A 233 9.96 10.76 22.75
CA CYS A 233 9.10 10.00 23.70
C CYS A 233 8.18 11.01 24.36
N ASP A 234 6.86 10.87 24.18
CA ASP A 234 5.78 11.64 24.83
C ASP A 234 5.58 13.00 24.15
N ALA A 235 6.57 13.53 23.49
CA ALA A 235 6.48 14.80 22.77
C ALA A 235 7.37 14.72 21.54
N ASP A 236 7.08 15.61 20.59
CA ASP A 236 7.94 15.80 19.40
C ASP A 236 9.22 16.47 19.88
N MET A 237 10.33 15.78 19.79
CA MET A 237 11.64 16.27 20.31
C MET A 237 12.53 16.68 19.12
N SER A 238 11.96 16.87 17.92
CA SER A 238 12.78 17.11 16.70
C SER A 238 13.64 18.37 16.85
N LYS A 239 13.21 19.38 17.60
CA LYS A 239 13.99 20.63 17.74
C LYS A 239 15.31 20.35 18.47
N PHE A 240 15.42 19.27 19.26
CA PHE A 240 16.66 18.94 19.96
C PHE A 240 17.67 18.22 19.07
N ALA A 241 17.23 17.61 17.96
CA ALA A 241 18.09 16.73 17.15
C ALA A 241 17.39 16.47 15.83
N PRO A 242 17.31 17.49 14.97
CA PRO A 242 16.53 17.38 13.74
C PRO A 242 17.05 16.33 12.74
N LYS A 243 18.35 16.01 12.77
CA LYS A 243 18.88 14.96 11.86
C LYS A 243 18.60 13.56 12.41
N ALA A 244 18.59 13.39 13.72
CA ALA A 244 18.44 12.05 14.36
C ALA A 244 16.96 11.66 14.55
N HIS A 245 16.06 12.64 14.71
CA HIS A 245 14.68 12.39 15.18
C HIS A 245 13.83 11.78 14.07
N LEU A 246 13.58 10.48 14.08
CA LEU A 246 12.83 9.81 12.98
C LEU A 246 11.35 10.14 13.06
N THR A 247 10.80 10.14 14.28
CA THR A 247 9.40 10.44 14.63
C THR A 247 9.36 10.35 16.17
N ALA A 248 8.18 10.42 16.72
CA ALA A 248 7.97 10.36 18.19
C ALA A 248 6.59 9.82 18.46
N SER A 249 6.44 9.13 19.60
CA SER A 249 5.13 8.70 20.10
C SER A 249 4.64 9.77 21.07
N ILE A 250 3.72 10.61 20.61
CA ILE A 250 3.24 11.80 21.35
C ILE A 250 2.10 11.36 22.27
N SER A 251 2.14 11.84 23.52
CA SER A 251 1.11 11.54 24.54
C SER A 251 0.21 12.75 24.67
N ASN A 252 -1.06 12.54 24.40
CA ASN A 252 -2.15 13.56 24.52
C ASN A 252 -3.04 13.19 25.72
N TRP A 253 -2.82 13.82 26.87
CA TRP A 253 -3.58 13.53 28.12
C TRP A 253 -4.78 14.46 28.31
N GLY A 254 -4.88 15.52 27.51
CA GLY A 254 -5.79 16.64 27.72
C GLY A 254 -7.25 16.22 27.70
N ASP A 255 -7.60 15.33 26.79
CA ASP A 255 -9.02 14.88 26.69
C ASP A 255 -9.35 14.02 27.90
N PHE A 256 -8.43 13.16 28.34
CA PHE A 256 -8.67 12.32 29.52
C PHE A 256 -8.82 13.22 30.78
N TYR A 257 -7.94 14.18 30.96
CA TYR A 257 -7.97 15.10 32.13
C TYR A 257 -9.27 15.91 32.12
N THR A 258 -9.66 16.40 30.95
CA THR A 258 -10.93 17.11 30.76
C THR A 258 -12.12 16.24 31.18
N LYS A 259 -12.24 15.03 30.60
CA LYS A 259 -13.34 14.08 30.84
C LYS A 259 -13.40 13.79 32.35
N THR A 260 -12.25 13.56 32.98
CA THR A 260 -12.20 13.19 34.40
C THR A 260 -12.71 14.37 35.27
N ALA A 261 -12.23 15.58 35.04
CA ALA A 261 -12.60 16.78 35.80
C ALA A 261 -14.11 17.01 35.58
N GLN A 262 -14.60 16.80 34.36
CA GLN A 262 -16.04 16.98 34.01
C GLN A 262 -16.88 16.00 34.83
N ALA A 263 -16.44 14.75 34.94
CA ALA A 263 -17.14 13.67 35.65
C ALA A 263 -17.23 14.05 37.13
N VAL A 264 -16.12 14.54 37.71
CA VAL A 264 -16.15 14.92 39.15
C VAL A 264 -17.14 16.06 39.36
N MET A 265 -17.12 17.08 38.51
CA MET A 265 -18.02 18.25 38.62
C MET A 265 -19.48 17.80 38.47
N ALA A 266 -19.77 16.84 37.59
CA ALA A 266 -21.14 16.45 37.19
C ALA A 266 -21.65 15.37 38.14
N GLY A 267 -20.78 14.80 38.96
CA GLY A 267 -21.15 13.69 39.87
C GLY A 267 -21.30 12.36 39.18
N THR A 268 -20.61 12.09 38.07
CA THR A 268 -20.68 10.81 37.30
C THR A 268 -19.39 10.01 37.52
N TRP A 269 -18.42 10.53 38.26
CA TRP A 269 -17.09 9.87 38.35
C TRP A 269 -17.25 8.51 39.05
N LYS A 270 -16.57 7.49 38.54
CA LYS A 270 -16.45 6.22 39.30
C LYS A 270 -15.04 5.67 39.10
N SER A 271 -14.61 4.84 40.03
CA SER A 271 -13.30 4.16 39.98
C SER A 271 -13.29 3.18 38.81
N GLU A 272 -12.33 3.30 37.92
CA GLU A 272 -12.14 2.32 36.82
C GLU A 272 -10.69 2.34 36.34
N GLU A 273 -10.34 1.33 35.57
CA GLU A 273 -9.04 1.26 34.86
C GLU A 273 -9.28 1.76 33.45
N VAL A 274 -8.60 2.81 33.06
CA VAL A 274 -8.70 3.42 31.71
C VAL A 274 -7.39 3.18 30.96
N HIS A 275 -7.47 2.69 29.73
N HIS A 275 -7.47 2.70 29.73
CA HIS A 275 -6.29 2.53 28.84
CA HIS A 275 -6.30 2.50 28.85
C HIS A 275 -6.75 3.03 27.49
C HIS A 275 -6.75 3.03 27.49
N TRP A 276 -6.17 4.14 27.04
CA TRP A 276 -6.47 4.71 25.72
C TRP A 276 -5.23 4.61 24.83
N GLY A 277 -5.45 4.43 23.52
CA GLY A 277 -4.38 4.29 22.54
C GLY A 277 -4.55 5.24 21.37
N MET A 278 -4.19 4.76 20.18
CA MET A 278 -4.21 5.60 18.96
C MET A 278 -5.68 5.81 18.54
N ALA A 279 -6.54 4.81 18.71
CA ALA A 279 -7.97 4.93 18.32
C ALA A 279 -8.64 6.06 19.13
N GLU A 280 -8.29 6.22 20.41
CA GLU A 280 -8.93 7.25 21.28
C GLU A 280 -8.19 8.59 21.22
N GLY A 281 -7.09 8.71 20.47
CA GLY A 281 -6.31 9.95 20.27
C GLY A 281 -5.32 10.23 21.40
N MET A 282 -5.14 9.31 22.36
CA MET A 282 -4.18 9.54 23.46
C MET A 282 -2.75 9.34 22.95
N VAL A 283 -2.56 8.52 21.91
CA VAL A 283 -1.22 8.25 21.33
C VAL A 283 -1.24 8.70 19.87
N LYS A 284 -0.35 9.59 19.49
CA LYS A 284 -0.24 10.10 18.09
C LYS A 284 1.22 10.07 17.66
N MET A 285 1.53 9.95 16.37
CA MET A 285 2.94 9.92 15.91
C MET A 285 3.29 11.30 15.34
N ALA A 286 4.49 11.78 15.60
CA ALA A 286 5.06 12.97 14.95
C ALA A 286 5.27 12.68 13.48
N PRO A 287 5.38 13.73 12.65
CA PRO A 287 5.73 13.52 11.25
C PRO A 287 7.08 12.80 11.09
N LEU A 288 7.23 12.13 9.95
CA LEU A 288 8.48 11.41 9.62
C LEU A 288 9.60 12.37 9.24
N ASN A 289 10.80 12.05 9.68
CA ASN A 289 12.02 12.74 9.24
C ASN A 289 12.17 12.61 7.71
N ALA A 290 12.71 13.63 7.06
CA ALA A 290 12.95 13.66 5.60
C ALA A 290 13.92 12.54 5.17
N ALA A 291 14.74 12.01 6.04
CA ALA A 291 15.70 10.92 5.73
C ALA A 291 14.99 9.58 5.50
N VAL A 292 13.73 9.43 5.89
CA VAL A 292 13.04 8.13 5.73
C VAL A 292 12.72 7.97 4.24
N PRO A 293 13.22 6.91 3.59
CA PRO A 293 12.92 6.70 2.17
C PRO A 293 11.48 6.31 1.89
N PRO A 294 11.00 6.52 0.64
CA PRO A 294 9.61 6.28 0.31
C PRO A 294 9.07 4.88 0.64
N ASP A 295 9.84 3.80 0.44
CA ASP A 295 9.37 2.43 0.76
C ASP A 295 9.10 2.31 2.27
N ALA A 296 9.99 2.85 3.10
CA ALA A 296 9.84 2.81 4.59
C ALA A 296 8.64 3.70 5.00
N ALA A 297 8.52 4.89 4.42
CA ALA A 297 7.42 5.82 4.73
C ALA A 297 6.08 5.18 4.38
N LYS A 298 5.99 4.52 3.23
CA LYS A 298 4.72 3.89 2.80
C LYS A 298 4.33 2.78 3.78
N LEU A 299 5.30 1.95 4.15
CA LEU A 299 5.03 0.84 5.09
C LEU A 299 4.57 1.41 6.44
N PHE A 300 5.28 2.40 6.93
CA PHE A 300 4.94 3.06 8.21
C PHE A 300 3.48 3.55 8.19
N GLU A 301 3.08 4.26 7.13
CA GLU A 301 1.68 4.77 7.05
C GLU A 301 0.64 3.64 6.96
N GLU A 302 0.94 2.55 6.23
CA GLU A 302 0.04 1.36 6.18
C GLU A 302 -0.09 0.74 7.58
N LYS A 303 1.01 0.54 8.28
CA LYS A 303 0.99 -0.10 9.63
C LYS A 303 0.29 0.84 10.63
N LYS A 304 0.48 2.15 10.49
CA LYS A 304 -0.16 3.14 11.37
C LYS A 304 -1.68 3.04 11.20
N ALA A 305 -2.14 2.99 9.96
CA ALA A 305 -3.60 2.90 9.68
C ALA A 305 -4.16 1.62 10.28
N ALA A 306 -3.43 0.52 10.15
CA ALA A 306 -3.84 -0.80 10.67
C ALA A 306 -3.87 -0.76 12.20
N MET A 307 -2.94 -0.03 12.82
CA MET A 307 -2.86 0.05 14.30
C MET A 307 -4.07 0.83 14.82
N VAL A 308 -4.40 1.93 14.17
CA VAL A 308 -5.55 2.79 14.59
C VAL A 308 -6.86 2.00 14.46
N SER A 309 -7.02 1.21 13.39
CA SER A 309 -8.28 0.48 13.07
C SER A 309 -8.38 -0.80 13.90
N GLY A 310 -7.28 -1.30 14.47
CA GLY A 310 -7.27 -2.56 15.23
C GLY A 310 -7.12 -3.77 14.33
N LYS A 311 -6.75 -3.58 13.06
CA LYS A 311 -6.47 -4.68 12.10
C LYS A 311 -5.17 -5.40 12.51
N ILE A 312 -4.23 -4.69 13.12
CA ILE A 312 -3.03 -5.34 13.76
C ILE A 312 -2.99 -4.90 15.24
N LYS A 313 -2.47 -5.76 16.10
CA LYS A 313 -2.24 -5.46 17.52
C LYS A 313 -0.78 -5.80 17.79
N PRO A 314 -0.06 -5.02 18.61
CA PRO A 314 1.35 -5.31 18.85
C PRO A 314 1.61 -6.72 19.37
N PHE A 315 0.71 -7.23 20.23
CA PHE A 315 0.95 -8.53 20.92
C PHE A 315 0.02 -9.62 20.35
N GLN A 316 -0.31 -9.51 19.07
CA GLN A 316 -1.03 -10.62 18.37
C GLN A 316 -0.05 -11.80 18.23
N GLY A 317 -0.57 -13.01 18.35
CA GLY A 317 0.25 -14.24 18.22
C GLY A 317 0.72 -14.44 16.78
N PRO A 318 1.71 -15.32 16.55
CA PRO A 318 2.32 -16.11 17.62
C PRO A 318 3.43 -15.32 18.33
N LEU A 319 3.57 -15.49 19.65
CA LEU A 319 4.67 -14.91 20.42
C LEU A 319 5.34 -16.05 21.17
N LYS A 320 6.65 -16.01 21.24
CA LYS A 320 7.45 -16.82 22.18
C LYS A 320 8.29 -15.89 23.06
N ASP A 321 8.56 -16.33 24.27
CA ASP A 321 9.48 -15.59 25.16
C ASP A 321 10.93 -16.02 24.86
N GLN A 322 11.83 -15.44 25.61
CA GLN A 322 13.28 -15.59 25.35
C GLN A 322 13.77 -16.97 25.74
N SER A 323 12.97 -17.78 26.43
CA SER A 323 13.33 -19.18 26.73
C SER A 323 12.76 -20.10 25.66
N GLY A 324 12.07 -19.55 24.66
CA GLY A 324 11.48 -20.34 23.57
C GLY A 324 10.08 -20.82 23.91
N ALA A 325 9.50 -20.45 25.05
CA ALA A 325 8.14 -20.84 25.44
C ALA A 325 7.10 -20.07 24.60
N VAL A 326 6.07 -20.76 24.13
CA VAL A 326 4.93 -20.07 23.45
C VAL A 326 4.11 -19.31 24.48
N LYS A 327 3.86 -18.03 24.23
CA LYS A 327 3.05 -17.17 25.13
C LYS A 327 1.66 -16.97 24.55
N VAL A 328 1.57 -16.92 23.23
CA VAL A 328 0.32 -16.62 22.48
C VAL A 328 0.38 -17.45 21.20
N ALA A 329 -0.66 -18.24 20.90
CA ALA A 329 -0.75 -19.02 19.65
C ALA A 329 -1.09 -18.08 18.48
N ALA A 330 -0.67 -18.43 17.27
CA ALA A 330 -1.12 -17.77 16.02
C ALA A 330 -2.67 -17.74 16.02
N GLY A 331 -3.25 -16.60 15.61
CA GLY A 331 -4.70 -16.37 15.57
C GLY A 331 -5.30 -15.97 16.91
N SER A 332 -4.49 -15.81 17.96
CA SER A 332 -4.94 -15.27 19.27
C SER A 332 -4.20 -13.96 19.56
N ASP A 333 -4.68 -13.22 20.55
CA ASP A 333 -4.07 -11.97 21.05
C ASP A 333 -3.64 -12.21 22.48
N LEU A 334 -2.61 -11.49 22.95
CA LEU A 334 -2.19 -11.60 24.36
C LEU A 334 -3.34 -11.06 25.22
N PRO A 335 -3.82 -11.83 26.21
CA PRO A 335 -4.86 -11.37 27.12
C PRO A 335 -4.47 -10.13 27.94
N LEU A 336 -5.48 -9.33 28.28
CA LEU A 336 -5.33 -8.06 29.05
C LEU A 336 -4.56 -8.33 30.36
N ALA A 337 -4.76 -9.46 31.04
CA ALA A 337 -4.08 -9.75 32.33
C ALA A 337 -2.58 -9.99 32.12
N SER A 338 -2.19 -10.62 31.02
CA SER A 338 -0.76 -10.86 30.70
C SER A 338 -0.10 -9.54 30.25
N LEU A 339 -0.85 -8.69 29.53
CA LEU A 339 -0.36 -7.34 29.16
C LEU A 339 -0.11 -6.52 30.44
N LYS A 340 -1.06 -6.56 31.39
CA LYS A 340 -1.02 -5.77 32.64
C LYS A 340 0.18 -6.16 33.50
N GLY A 341 0.56 -7.44 33.52
CA GLY A 341 1.64 -7.92 34.39
C GLY A 341 2.93 -8.20 33.65
N MET A 342 3.08 -7.77 32.38
CA MET A 342 4.15 -8.26 31.49
C MET A 342 5.53 -8.14 32.16
N ASN A 343 6.21 -9.26 32.34
CA ASN A 343 7.56 -9.24 32.96
C ASN A 343 8.47 -10.20 32.19
N TRP A 344 8.17 -10.48 30.94
CA TRP A 344 8.87 -11.42 30.07
C TRP A 344 9.26 -10.69 28.80
N TYR A 345 10.26 -11.21 28.12
CA TYR A 345 10.84 -10.62 26.91
C TYR A 345 10.61 -11.55 25.74
N VAL A 346 10.40 -10.95 24.58
CA VAL A 346 10.36 -11.71 23.32
C VAL A 346 11.77 -12.13 22.93
N GLN A 347 11.85 -13.18 22.10
CA GLN A 347 13.15 -13.62 21.54
C GLN A 347 13.81 -12.47 20.80
N GLY A 348 15.11 -12.26 21.00
CA GLY A 348 15.87 -11.20 20.34
C GLY A 348 16.24 -10.03 21.28
N VAL A 349 15.67 -9.99 22.45
CA VAL A 349 15.96 -8.95 23.48
C VAL A 349 17.20 -9.41 24.25
N GLU A 350 18.20 -8.55 24.41
CA GLU A 350 19.35 -8.83 25.30
C GLU A 350 19.77 -7.56 26.04
N GLY A 351 20.56 -7.74 27.07
CA GLY A 351 21.17 -6.65 27.85
C GLY A 351 22.48 -6.19 27.22
N THR A 352 22.99 -5.05 27.67
CA THR A 352 24.33 -4.52 27.31
C THR A 352 25.36 -5.14 28.22
N ILE A 353 26.63 -5.11 27.82
CA ILE A 353 27.73 -5.49 28.72
C ILE A 353 27.92 -4.36 29.72
N PRO A 354 27.91 -4.63 31.03
CA PRO A 354 28.00 -3.56 32.04
C PRO A 354 29.34 -2.84 32.00
N LYS A 355 29.30 -1.49 32.03
CA LYS A 355 30.47 -0.58 31.86
C LYS A 355 30.94 -0.15 33.25
N GLU B 23 8.24 16.26 -14.92
CA GLU B 23 6.81 15.86 -15.10
C GLU B 23 6.80 14.39 -15.55
N PRO B 24 5.79 13.60 -15.16
CA PRO B 24 5.61 12.27 -15.77
C PRO B 24 5.43 12.31 -17.30
N LEU B 25 5.85 11.22 -17.96
CA LEU B 25 5.49 10.99 -19.38
C LEU B 25 4.01 10.62 -19.48
N LYS B 26 3.23 11.41 -20.21
CA LYS B 26 1.81 11.15 -20.46
C LYS B 26 1.71 10.18 -21.65
N VAL B 27 1.15 9.03 -21.36
CA VAL B 27 1.01 7.89 -22.30
C VAL B 27 -0.47 7.62 -22.50
N ALA B 28 -0.91 7.50 -23.75
CA ALA B 28 -2.31 7.20 -24.10
C ALA B 28 -2.39 5.92 -24.93
N PHE B 29 -3.47 5.19 -24.72
CA PHE B 29 -3.80 3.93 -25.42
C PHE B 29 -5.15 4.10 -26.06
N VAL B 30 -5.21 3.83 -27.36
CA VAL B 30 -6.46 3.89 -28.13
C VAL B 30 -6.89 2.44 -28.45
N TYR B 31 -8.06 2.02 -27.95
CA TYR B 31 -8.58 0.66 -28.14
C TYR B 31 -9.78 0.71 -29.09
N ALA B 32 -9.85 -0.27 -29.97
CA ALA B 32 -10.94 -0.43 -30.92
C ALA B 32 -12.09 -1.23 -30.32
N GLY B 33 -11.88 -1.80 -29.16
CA GLY B 33 -12.89 -2.60 -28.44
C GLY B 33 -12.93 -2.24 -26.98
N PRO B 34 -13.66 -3.01 -26.16
CA PRO B 34 -13.79 -2.74 -24.73
C PRO B 34 -12.82 -3.56 -23.86
N VAL B 35 -12.41 -2.97 -22.74
CA VAL B 35 -11.55 -3.69 -21.76
C VAL B 35 -12.35 -4.90 -21.24
N SER B 36 -13.68 -4.86 -21.30
CA SER B 36 -14.56 -5.94 -20.82
C SER B 36 -14.71 -7.03 -21.90
N ASP B 37 -13.95 -7.01 -23.01
CA ASP B 37 -13.97 -8.13 -23.99
C ASP B 37 -13.42 -9.41 -23.34
N ALA B 38 -12.60 -9.30 -22.30
CA ALA B 38 -11.87 -10.42 -21.64
C ALA B 38 -10.94 -11.12 -22.64
N GLY B 39 -10.56 -10.43 -23.70
CA GLY B 39 -9.63 -10.95 -24.72
C GLY B 39 -8.65 -9.87 -25.15
N TYR B 40 -8.68 -9.51 -26.43
CA TYR B 40 -7.67 -8.66 -27.07
C TYR B 40 -7.47 -7.32 -26.34
N THR B 41 -8.52 -6.53 -26.23
CA THR B 41 -8.40 -5.17 -25.61
C THR B 41 -8.09 -5.30 -24.11
N TYR B 42 -8.68 -6.26 -23.42
CA TYR B 42 -8.33 -6.59 -22.03
C TYR B 42 -6.80 -6.74 -21.92
N ALA B 43 -6.23 -7.53 -22.81
CA ALA B 43 -4.78 -7.87 -22.77
C ALA B 43 -3.92 -6.62 -23.04
N HIS B 44 -4.29 -5.79 -24.01
CA HIS B 44 -3.56 -4.52 -24.22
C HIS B 44 -3.62 -3.65 -22.95
N ASP B 45 -4.78 -3.62 -22.32
CA ASP B 45 -5.00 -2.84 -21.08
C ASP B 45 -4.19 -3.43 -19.92
N GLN B 46 -4.09 -4.76 -19.82
CA GLN B 46 -3.16 -5.37 -18.83
C GLN B 46 -1.71 -4.96 -19.12
N GLY B 47 -1.34 -4.76 -20.39
CA GLY B 47 -0.01 -4.25 -20.73
C GLY B 47 0.19 -2.82 -20.20
N ARG B 48 -0.80 -1.98 -20.41
CA ARG B 48 -0.81 -0.59 -19.86
C ARG B 48 -0.60 -0.63 -18.35
N LEU B 49 -1.31 -1.53 -17.67
CA LEU B 49 -1.23 -1.61 -16.19
C LEU B 49 0.16 -2.13 -15.78
N ALA B 50 0.73 -3.05 -16.53
CA ALA B 50 2.10 -3.55 -16.25
C ALA B 50 3.11 -2.41 -16.40
N MET B 51 2.96 -1.57 -17.43
CA MET B 51 3.84 -0.41 -17.64
C MET B 51 3.74 0.53 -16.42
N GLU B 52 2.53 0.75 -15.94
CA GLU B 52 2.29 1.61 -14.74
C GLU B 52 2.97 1.01 -13.51
N LYS B 53 2.89 -0.33 -13.34
N LYS B 53 2.89 -0.32 -13.34
CA LYS B 53 3.49 -1.01 -12.18
CA LYS B 53 3.49 -0.98 -12.17
C LYS B 53 5.02 -0.90 -12.27
C LYS B 53 5.02 -0.90 -12.27
N ASN B 54 5.58 -1.07 -13.47
CA ASN B 54 7.05 -1.06 -13.67
C ASN B 54 7.63 0.36 -13.47
N LEU B 55 6.94 1.41 -13.91
CA LEU B 55 7.55 2.76 -14.05
C LEU B 55 6.98 3.72 -13.02
N GLY B 56 5.89 3.35 -12.33
CA GLY B 56 5.25 4.14 -11.26
C GLY B 56 5.00 5.59 -11.66
N ALA B 57 5.52 6.55 -10.89
CA ALA B 57 5.20 7.99 -11.03
C ALA B 57 5.88 8.56 -12.27
N LYS B 58 6.80 7.85 -12.92
CA LYS B 58 7.47 8.34 -14.14
C LYS B 58 6.49 8.37 -15.33
N VAL B 59 5.35 7.68 -15.24
CA VAL B 59 4.36 7.65 -16.35
C VAL B 59 2.97 7.96 -15.81
N LYS B 60 2.16 8.58 -16.65
CA LYS B 60 0.72 8.74 -16.35
C LYS B 60 -0.02 8.25 -17.58
N SER B 61 -0.77 7.15 -17.43
CA SER B 61 -1.43 6.52 -18.61
C SER B 61 -2.91 6.91 -18.63
N SER B 62 -3.48 6.97 -19.82
CA SER B 62 -4.94 7.06 -20.01
C SER B 62 -5.32 6.20 -21.22
N TYR B 63 -6.59 5.96 -21.41
CA TYR B 63 -7.07 5.11 -22.52
C TYR B 63 -8.44 5.55 -22.93
N VAL B 64 -8.79 5.21 -24.15
CA VAL B 64 -10.14 5.38 -24.72
C VAL B 64 -10.51 4.04 -25.34
N GLU B 65 -11.71 3.53 -24.97
CA GLU B 65 -12.22 2.23 -25.47
C GLU B 65 -13.19 2.43 -26.62
N ASN B 66 -13.43 1.35 -27.37
CA ASN B 66 -14.53 1.29 -28.35
C ASN B 66 -14.39 2.39 -29.40
N VAL B 67 -13.18 2.75 -29.80
CA VAL B 67 -12.96 3.79 -30.83
C VAL B 67 -13.16 3.17 -32.21
N PRO B 68 -14.09 3.70 -33.04
CA PRO B 68 -14.28 3.16 -34.38
C PRO B 68 -13.02 3.32 -35.27
N GLU B 69 -12.76 2.30 -36.09
CA GLU B 69 -11.56 2.17 -36.99
C GLU B 69 -11.77 3.16 -38.14
N GLY B 70 -10.74 3.43 -38.94
CA GLY B 70 -10.81 4.37 -40.07
C GLY B 70 -11.07 5.81 -39.62
N ALA B 71 -11.82 6.58 -40.41
CA ALA B 71 -11.87 8.07 -40.37
C ALA B 71 -12.20 8.62 -38.98
N ASP B 72 -13.15 8.06 -38.24
CA ASP B 72 -13.66 8.65 -36.95
C ASP B 72 -12.64 8.50 -35.79
N ALA B 73 -11.65 7.60 -35.92
CA ALA B 73 -10.54 7.44 -34.96
C ALA B 73 -9.63 8.67 -34.97
N GLU B 74 -9.53 9.36 -36.11
CA GLU B 74 -8.58 10.49 -36.24
C GLU B 74 -8.87 11.55 -35.18
N ARG B 75 -10.15 11.87 -34.95
CA ARG B 75 -10.54 12.89 -33.96
C ARG B 75 -10.08 12.49 -32.56
N VAL B 76 -10.23 11.21 -32.21
CA VAL B 76 -9.86 10.73 -30.85
C VAL B 76 -8.32 10.82 -30.71
N ILE B 77 -7.61 10.30 -31.68
CA ILE B 77 -6.11 10.28 -31.60
C ILE B 77 -5.57 11.74 -31.55
N ARG B 78 -6.13 12.65 -32.37
CA ARG B 78 -5.74 14.09 -32.37
C ARG B 78 -6.00 14.71 -30.99
N LYS B 79 -7.14 14.45 -30.38
CA LYS B 79 -7.52 15.00 -29.07
C LYS B 79 -6.54 14.51 -28.00
N LEU B 80 -6.15 13.23 -28.02
CA LEU B 80 -5.17 12.74 -27.05
C LEU B 80 -3.81 13.40 -27.25
N ALA B 81 -3.41 13.65 -28.49
CA ALA B 81 -2.13 14.36 -28.74
C ALA B 81 -2.25 15.84 -28.27
N ALA B 82 -3.39 16.49 -28.55
CA ALA B 82 -3.66 17.90 -28.16
C ALA B 82 -3.74 18.04 -26.64
N ASP B 83 -4.09 16.97 -25.92
CA ASP B 83 -4.20 16.99 -24.45
C ASP B 83 -2.80 16.86 -23.79
N GLY B 84 -1.75 16.63 -24.55
CA GLY B 84 -0.37 16.60 -24.05
C GLY B 84 0.19 15.19 -23.85
N ASN B 85 -0.45 14.18 -24.42
CA ASN B 85 0.21 12.82 -24.45
C ASN B 85 1.43 12.86 -25.35
N LYS B 86 2.56 12.34 -24.88
CA LYS B 86 3.84 12.35 -25.63
C LYS B 86 4.14 10.97 -26.28
N LEU B 87 3.39 9.94 -25.89
CA LEU B 87 3.49 8.56 -26.43
C LEU B 87 2.06 8.02 -26.56
N ILE B 88 1.69 7.61 -27.77
CA ILE B 88 0.33 7.16 -28.07
C ILE B 88 0.43 5.82 -28.81
N PHE B 89 -0.19 4.81 -28.21
CA PHE B 89 -0.34 3.48 -28.80
C PHE B 89 -1.72 3.34 -29.42
N THR B 90 -1.77 3.04 -30.72
CA THR B 90 -3.05 2.78 -31.41
C THR B 90 -3.13 1.29 -31.70
N THR B 91 -4.02 0.60 -30.98
CA THR B 91 -3.89 -0.87 -30.78
C THR B 91 -4.68 -1.71 -31.79
N SER B 92 -4.96 -1.24 -32.99
CA SER B 92 -5.73 -2.05 -33.98
C SER B 92 -5.34 -1.67 -35.37
N PHE B 93 -5.41 -2.62 -36.29
CA PHE B 93 -5.04 -2.42 -37.70
C PHE B 93 -5.70 -1.20 -38.32
N GLY B 94 -6.99 -1.05 -38.10
CA GLY B 94 -7.78 0.00 -38.77
C GLY B 94 -7.46 1.41 -38.29
N PHE B 95 -6.55 1.58 -37.32
CA PHE B 95 -6.06 2.92 -36.94
C PHE B 95 -4.86 3.34 -37.77
N MET B 96 -4.40 2.54 -38.73
CA MET B 96 -3.14 2.78 -39.47
C MET B 96 -3.15 4.17 -40.13
N ASN B 97 -4.14 4.44 -40.96
CA ASN B 97 -4.13 5.69 -41.77
C ASN B 97 -4.42 6.88 -40.88
N PRO B 98 -5.42 6.86 -39.96
CA PRO B 98 -5.57 7.97 -39.00
C PRO B 98 -4.29 8.25 -38.20
N THR B 99 -3.61 7.21 -37.72
CA THR B 99 -2.37 7.41 -36.95
C THR B 99 -1.32 8.11 -37.82
N GLU B 100 -1.12 7.68 -39.05
CA GLU B 100 -0.12 8.26 -39.98
C GLU B 100 -0.44 9.75 -40.16
N ARG B 101 -1.72 10.09 -40.32
CA ARG B 101 -2.10 11.53 -40.51
C ARG B 101 -1.85 12.35 -39.24
N VAL B 102 -2.22 11.83 -38.07
CA VAL B 102 -2.02 12.56 -36.80
C VAL B 102 -0.52 12.67 -36.50
N ALA B 103 0.26 11.63 -36.80
CA ALA B 103 1.71 11.67 -36.52
C ALA B 103 2.36 12.86 -37.29
N LYS B 104 1.95 13.11 -38.51
CA LYS B 104 2.52 14.25 -39.30
C LYS B 104 2.22 15.58 -38.62
N ALA B 105 1.04 15.71 -38.00
CA ALA B 105 0.58 16.95 -37.35
C ALA B 105 1.20 17.16 -35.97
N PHE B 106 1.74 16.09 -35.35
CA PHE B 106 2.29 16.12 -34.00
C PHE B 106 3.70 15.54 -34.00
N PRO B 107 4.69 16.26 -34.54
CA PRO B 107 6.02 15.70 -34.69
C PRO B 107 6.79 15.54 -33.37
N ASN B 108 6.31 16.11 -32.26
CA ASN B 108 6.95 15.98 -30.93
C ASN B 108 6.30 14.85 -30.16
N VAL B 109 5.35 14.12 -30.76
CA VAL B 109 4.67 12.96 -30.11
C VAL B 109 5.15 11.67 -30.78
N VAL B 110 5.41 10.63 -29.97
CA VAL B 110 5.77 9.31 -30.49
C VAL B 110 4.49 8.47 -30.64
N PHE B 111 4.28 7.92 -31.81
CA PHE B 111 3.15 7.04 -32.13
C PHE B 111 3.69 5.62 -32.38
N GLU B 112 3.01 4.65 -31.78
CA GLU B 112 3.23 3.22 -32.01
C GLU B 112 1.92 2.61 -32.47
N HIS B 113 1.93 2.00 -33.64
CA HIS B 113 0.71 1.46 -34.27
C HIS B 113 0.80 -0.08 -34.28
N ALA B 114 -0.20 -0.74 -33.74
CA ALA B 114 -0.21 -2.22 -33.64
C ALA B 114 -0.61 -2.81 -34.99
N THR B 115 0.22 -3.70 -35.51
CA THR B 115 0.01 -4.56 -36.68
C THR B 115 0.13 -3.83 -38.02
N GLY B 116 0.47 -2.55 -38.02
CA GLY B 116 0.56 -1.78 -39.26
C GLY B 116 1.87 -1.97 -40.04
N VAL B 117 1.95 -1.33 -41.19
CA VAL B 117 3.14 -1.40 -42.08
C VAL B 117 3.58 0.02 -42.47
N LYS B 118 3.02 1.08 -41.88
CA LYS B 118 3.42 2.48 -42.21
C LYS B 118 4.27 3.03 -41.07
N LEU B 119 5.45 3.54 -41.42
CA LEU B 119 6.39 4.17 -40.47
C LEU B 119 6.69 5.62 -40.87
N ALA B 120 7.16 6.41 -39.92
CA ALA B 120 7.66 7.77 -40.14
C ALA B 120 8.66 8.06 -39.05
N LYS B 121 9.30 9.23 -39.09
CA LYS B 121 10.27 9.66 -38.06
C LYS B 121 9.69 9.45 -36.64
N ASN B 122 8.39 9.72 -36.43
CA ASN B 122 7.77 9.63 -35.07
C ASN B 122 6.69 8.52 -35.04
N LEU B 123 6.76 7.53 -35.93
CA LEU B 123 5.74 6.45 -36.01
C LEU B 123 6.45 5.12 -36.18
N GLY B 124 6.33 4.27 -35.18
CA GLY B 124 6.80 2.87 -35.23
C GLY B 124 5.64 1.92 -35.32
N VAL B 125 5.91 0.64 -35.65
CA VAL B 125 4.84 -0.39 -35.69
C VAL B 125 5.30 -1.56 -34.83
N TYR B 126 4.34 -2.21 -34.24
CA TYR B 126 4.65 -3.37 -33.34
C TYR B 126 3.59 -4.45 -33.55
N GLU B 127 3.97 -5.70 -33.29
CA GLU B 127 2.99 -6.79 -33.35
C GLU B 127 3.59 -8.00 -32.65
N SER B 128 2.72 -8.93 -32.38
CA SER B 128 3.13 -10.24 -31.81
C SER B 128 3.30 -11.23 -32.95
N ARG B 129 4.01 -12.33 -32.67
CA ARG B 129 4.01 -13.50 -33.58
C ARG B 129 3.03 -14.52 -32.99
N GLN B 130 1.75 -14.16 -32.88
CA GLN B 130 0.76 -15.00 -32.20
C GLN B 130 0.60 -16.34 -32.96
N TYR B 131 0.93 -16.36 -34.23
CA TYR B 131 0.83 -17.56 -35.09
C TYR B 131 1.69 -18.69 -34.53
N GLU B 132 2.75 -18.38 -33.77
CA GLU B 132 3.53 -19.45 -33.08
C GLU B 132 2.60 -20.19 -32.12
N GLY B 133 1.77 -19.47 -31.35
CA GLY B 133 0.79 -20.09 -30.47
C GLY B 133 -0.30 -20.78 -31.26
N THR B 134 -0.80 -20.16 -32.32
CA THR B 134 -1.86 -20.77 -33.12
C THR B 134 -1.39 -22.11 -33.76
N TYR B 135 -0.12 -22.23 -34.12
CA TYR B 135 0.45 -23.48 -34.65
C TYR B 135 0.31 -24.56 -33.57
N LEU B 136 0.64 -24.23 -32.32
CA LEU B 136 0.53 -25.20 -31.19
C LEU B 136 -0.93 -25.56 -30.96
N GLN B 137 -1.84 -24.59 -31.08
CA GLN B 137 -3.29 -24.89 -30.98
C GLN B 137 -3.67 -25.92 -32.06
N GLY B 138 -3.17 -25.76 -33.28
CA GLY B 138 -3.43 -26.70 -34.39
C GLY B 138 -2.97 -28.11 -34.05
N VAL B 139 -1.79 -28.23 -33.50
CA VAL B 139 -1.28 -29.56 -33.03
C VAL B 139 -2.31 -30.19 -32.10
N LEU B 140 -2.78 -29.44 -31.10
N LEU B 140 -2.79 -29.44 -31.09
CA LEU B 140 -3.75 -29.98 -30.13
CA LEU B 140 -3.77 -29.99 -30.13
C LEU B 140 -5.09 -30.25 -30.80
C LEU B 140 -5.10 -30.26 -30.83
N ALA B 141 -5.52 -29.37 -31.72
CA ALA B 141 -6.81 -29.54 -32.38
C ALA B 141 -6.82 -30.89 -33.15
N ALA B 142 -5.71 -31.25 -33.80
CA ALA B 142 -5.62 -32.50 -34.59
C ALA B 142 -5.72 -33.71 -33.63
N LYS B 143 -5.20 -33.56 -32.41
CA LYS B 143 -5.26 -34.64 -31.38
C LYS B 143 -6.69 -34.79 -30.83
N MET B 144 -7.48 -33.73 -30.79
CA MET B 144 -8.76 -33.68 -30.06
C MET B 144 -9.94 -33.80 -31.02
N THR B 145 -9.78 -33.55 -32.33
CA THR B 145 -10.92 -33.55 -33.29
C THR B 145 -11.47 -34.98 -33.47
N LYS B 146 -12.79 -35.12 -33.61
CA LYS B 146 -13.46 -36.38 -34.00
C LYS B 146 -13.91 -36.32 -35.46
N THR B 147 -14.14 -35.13 -36.02
CA THR B 147 -14.65 -34.97 -37.40
C THR B 147 -13.51 -34.79 -38.38
N GLY B 148 -12.31 -34.47 -37.93
CA GLY B 148 -11.20 -34.16 -38.84
C GLY B 148 -11.32 -32.79 -39.48
N VAL B 149 -12.25 -31.99 -38.98
CA VAL B 149 -12.50 -30.62 -39.49
C VAL B 149 -12.37 -29.65 -38.31
N ILE B 150 -11.46 -28.70 -38.47
CA ILE B 150 -11.22 -27.65 -37.47
C ILE B 150 -11.74 -26.34 -38.09
N GLY B 151 -12.07 -25.40 -37.21
CA GLY B 151 -12.82 -24.20 -37.59
C GLY B 151 -12.09 -22.95 -37.17
N PHE B 152 -12.21 -21.90 -37.98
CA PHE B 152 -11.59 -20.62 -37.70
C PHE B 152 -12.62 -19.48 -37.90
N VAL B 153 -12.80 -18.67 -36.88
CA VAL B 153 -13.65 -17.46 -36.96
C VAL B 153 -12.75 -16.28 -37.32
N GLY B 154 -12.84 -15.79 -38.54
CA GLY B 154 -12.03 -14.69 -39.01
C GLY B 154 -12.74 -13.35 -38.99
N SER B 155 -11.95 -12.31 -38.87
CA SER B 155 -12.38 -10.88 -38.87
C SER B 155 -12.32 -10.35 -40.30
N PHE B 156 -11.14 -10.03 -40.75
CA PHE B 156 -10.79 -9.47 -42.08
C PHE B 156 -9.53 -10.17 -42.60
N PRO B 157 -9.41 -10.38 -43.93
CA PRO B 157 -8.30 -11.11 -44.53
C PRO B 157 -7.02 -10.30 -44.60
N VAL B 158 -6.56 -9.79 -43.46
CA VAL B 158 -5.29 -9.07 -43.36
C VAL B 158 -4.21 -10.06 -42.95
N PRO B 159 -2.93 -9.69 -43.12
CA PRO B 159 -1.86 -10.66 -42.91
C PRO B 159 -1.89 -11.29 -41.53
N GLU B 160 -2.15 -10.51 -40.47
CA GLU B 160 -2.22 -11.12 -39.12
C GLU B 160 -3.11 -12.36 -39.12
N VAL B 161 -4.31 -12.23 -39.68
CA VAL B 161 -5.32 -13.30 -39.61
C VAL B 161 -4.95 -14.45 -40.56
N ILE B 162 -4.48 -14.16 -41.73
CA ILE B 162 -4.10 -15.22 -42.71
C ILE B 162 -2.90 -16.01 -42.15
N ARG B 163 -1.95 -15.36 -41.49
CA ARG B 163 -0.86 -16.13 -40.82
C ARG B 163 -1.47 -17.06 -39.77
N ASN B 164 -2.41 -16.58 -38.96
CA ASN B 164 -3.05 -17.45 -37.90
C ASN B 164 -3.80 -18.62 -38.57
N ILE B 165 -4.59 -18.36 -39.61
CA ILE B 165 -5.34 -19.44 -40.32
C ILE B 165 -4.33 -20.53 -40.81
N ASN B 166 -3.28 -20.09 -41.48
CA ASN B 166 -2.27 -21.01 -42.07
C ASN B 166 -1.55 -21.75 -40.96
N ALA B 167 -1.18 -21.06 -39.88
CA ALA B 167 -0.43 -21.71 -38.80
C ALA B 167 -1.30 -22.74 -38.11
N TYR B 168 -2.60 -22.45 -37.89
CA TYR B 168 -3.52 -23.40 -37.24
C TYR B 168 -3.57 -24.69 -38.09
N THR B 169 -3.64 -24.51 -39.38
CA THR B 169 -3.78 -25.61 -40.38
C THR B 169 -2.47 -26.42 -40.43
N LEU B 170 -1.32 -25.74 -40.52
CA LEU B 170 -0.01 -26.43 -40.56
C LEU B 170 0.23 -27.20 -39.26
N GLY B 171 -0.06 -26.56 -38.11
CA GLY B 171 0.09 -27.29 -36.85
C GLY B 171 -0.76 -28.56 -36.83
N ALA B 172 -2.02 -28.49 -37.23
CA ALA B 172 -2.89 -29.66 -37.27
C ALA B 172 -2.32 -30.72 -38.25
N GLN B 173 -1.86 -30.28 -39.42
CA GLN B 173 -1.42 -31.23 -40.50
C GLN B 173 -0.10 -31.90 -40.07
N SER B 174 0.66 -31.32 -39.13
CA SER B 174 1.89 -31.97 -38.58
C SER B 174 1.50 -33.24 -37.82
N VAL B 175 0.26 -33.35 -37.38
CA VAL B 175 -0.28 -34.53 -36.65
C VAL B 175 -1.07 -35.40 -37.63
N ASN B 176 -1.99 -34.80 -38.37
CA ASN B 176 -2.93 -35.49 -39.28
C ASN B 176 -2.96 -34.69 -40.58
N PRO B 177 -2.25 -35.15 -41.63
CA PRO B 177 -2.16 -34.41 -42.88
C PRO B 177 -3.51 -34.29 -43.60
N LYS B 178 -4.52 -35.04 -43.18
CA LYS B 178 -5.84 -35.05 -43.85
C LYS B 178 -6.74 -33.99 -43.24
N ILE B 179 -6.28 -33.21 -42.24
CA ILE B 179 -7.19 -32.24 -41.55
C ILE B 179 -7.64 -31.20 -42.57
N LYS B 180 -8.90 -30.78 -42.45
CA LYS B 180 -9.43 -29.62 -43.18
C LYS B 180 -9.69 -28.47 -42.20
N THR B 181 -9.47 -27.23 -42.63
CA THR B 181 -9.76 -26.03 -41.82
C THR B 181 -10.88 -25.27 -42.53
N LYS B 182 -12.03 -25.14 -41.90
CA LYS B 182 -13.11 -24.31 -42.44
C LYS B 182 -13.04 -22.93 -41.80
N VAL B 183 -13.10 -21.90 -42.65
CA VAL B 183 -13.00 -20.49 -42.23
C VAL B 183 -14.36 -19.82 -42.49
N ILE B 184 -14.78 -19.01 -41.55
CA ILE B 184 -15.95 -18.10 -41.73
C ILE B 184 -15.55 -16.70 -41.29
N TRP B 185 -16.01 -15.69 -42.04
CA TRP B 185 -15.58 -14.30 -41.89
C TRP B 185 -16.73 -13.47 -41.33
N VAL B 186 -16.47 -12.66 -40.31
CA VAL B 186 -17.56 -11.85 -39.71
C VAL B 186 -17.37 -10.36 -39.99
N SER B 187 -16.24 -9.91 -40.55
CA SER B 187 -16.00 -8.52 -41.00
C SER B 187 -16.11 -7.58 -39.80
N THR B 188 -15.59 -8.03 -38.67
CA THR B 188 -15.41 -7.21 -37.45
C THR B 188 -14.37 -7.92 -36.59
N TRP B 189 -13.64 -7.18 -35.76
CA TRP B 189 -12.76 -7.81 -34.77
C TRP B 189 -13.52 -8.22 -33.52
N TYR B 190 -14.67 -7.62 -33.24
CA TYR B 190 -15.35 -7.78 -31.93
C TYR B 190 -16.83 -7.50 -32.09
N ASP B 191 -17.62 -8.53 -31.98
CA ASP B 191 -19.10 -8.46 -31.97
C ASP B 191 -19.60 -9.79 -31.46
N PRO B 192 -19.81 -9.92 -30.15
CA PRO B 192 -20.10 -11.24 -29.63
C PRO B 192 -21.30 -11.93 -30.29
N ALA B 193 -22.28 -11.17 -30.78
CA ALA B 193 -23.43 -11.78 -31.46
C ALA B 193 -23.02 -12.43 -32.79
N LYS B 194 -22.22 -11.70 -33.57
CA LYS B 194 -21.77 -12.22 -34.88
C LYS B 194 -20.85 -13.39 -34.64
N GLU B 195 -19.97 -13.29 -33.64
CA GLU B 195 -19.00 -14.35 -33.34
C GLU B 195 -19.78 -15.61 -32.93
N ARG B 196 -20.82 -15.46 -32.12
CA ARG B 196 -21.66 -16.61 -31.68
C ARG B 196 -22.29 -17.29 -32.91
N GLN B 197 -22.87 -16.50 -33.82
CA GLN B 197 -23.52 -17.04 -35.01
C GLN B 197 -22.47 -17.77 -35.88
N ALA B 198 -21.26 -17.21 -36.01
CA ALA B 198 -20.18 -17.79 -36.85
C ALA B 198 -19.80 -19.13 -36.24
N ALA B 199 -19.64 -19.22 -34.94
CA ALA B 199 -19.27 -20.48 -34.25
C ALA B 199 -20.37 -21.54 -34.49
N GLU B 200 -21.65 -21.15 -34.39
CA GLU B 200 -22.77 -22.10 -34.61
C GLU B 200 -22.69 -22.63 -36.05
N THR B 201 -22.43 -21.76 -37.03
CA THR B 201 -22.32 -22.15 -38.45
C THR B 201 -21.17 -23.13 -38.65
N LEU B 202 -19.99 -22.86 -38.08
CA LEU B 202 -18.84 -23.76 -38.23
C LEU B 202 -19.19 -25.13 -37.67
N ILE B 203 -19.82 -25.16 -36.51
CA ILE B 203 -20.19 -26.45 -35.87
C ILE B 203 -21.24 -27.18 -36.71
N ALA B 204 -22.20 -26.45 -37.26
CA ALA B 204 -23.24 -27.04 -38.15
C ALA B 204 -22.57 -27.65 -39.39
N GLN B 205 -21.43 -27.10 -39.85
CA GLN B 205 -20.71 -27.56 -41.05
C GLN B 205 -19.56 -28.51 -40.67
N GLY B 206 -19.55 -29.04 -39.46
CA GLY B 206 -18.74 -30.22 -39.11
C GLY B 206 -17.44 -29.88 -38.38
N ALA B 207 -17.16 -28.62 -38.09
CA ALA B 207 -15.91 -28.25 -37.35
C ALA B 207 -16.12 -28.57 -35.87
N ASP B 208 -15.17 -29.21 -35.17
CA ASP B 208 -15.42 -29.55 -33.75
C ASP B 208 -14.31 -29.04 -32.82
N VAL B 209 -13.32 -28.35 -33.36
CA VAL B 209 -12.30 -27.61 -32.58
C VAL B 209 -12.10 -26.27 -33.24
N LEU B 210 -12.41 -25.20 -32.51
CA LEU B 210 -12.52 -23.86 -33.12
C LEU B 210 -11.45 -22.94 -32.53
N THR B 211 -10.95 -22.02 -33.35
CA THR B 211 -10.13 -20.91 -32.90
C THR B 211 -10.59 -19.66 -33.66
N GLN B 212 -10.06 -18.53 -33.25
CA GLN B 212 -10.61 -17.26 -33.78
C GLN B 212 -9.51 -16.22 -33.89
N ASN B 213 -9.80 -15.18 -34.67
CA ASN B 213 -9.06 -13.91 -34.63
C ASN B 213 -10.08 -12.77 -34.41
N THR B 214 -11.21 -13.05 -33.80
CA THR B 214 -12.07 -12.02 -33.16
C THR B 214 -11.71 -11.96 -31.68
N ASN B 215 -12.38 -11.17 -30.87
CA ASN B 215 -11.85 -10.74 -29.57
C ASN B 215 -12.66 -11.26 -28.35
N SER B 216 -13.79 -11.93 -28.54
CA SER B 216 -14.68 -12.31 -27.40
C SER B 216 -14.60 -13.79 -27.07
N PRO B 217 -15.13 -14.19 -25.88
CA PRO B 217 -15.30 -15.59 -25.56
C PRO B 217 -16.56 -16.27 -26.17
N ALA B 218 -17.23 -15.64 -27.13
CA ALA B 218 -18.50 -16.12 -27.69
C ALA B 218 -18.33 -17.51 -28.33
N THR B 219 -17.28 -17.73 -29.10
CA THR B 219 -16.97 -19.01 -29.78
C THR B 219 -16.80 -20.11 -28.70
N LEU B 220 -16.10 -19.81 -27.62
CA LEU B 220 -15.92 -20.78 -26.50
C LEU B 220 -17.27 -21.15 -25.89
N GLN B 221 -18.12 -20.17 -25.65
CA GLN B 221 -19.45 -20.40 -25.05
C GLN B 221 -20.29 -21.30 -25.96
N VAL B 222 -20.27 -21.06 -27.26
CA VAL B 222 -20.98 -21.93 -28.24
C VAL B 222 -20.38 -23.34 -28.18
N ALA B 223 -19.06 -23.45 -28.16
CA ALA B 223 -18.39 -24.76 -28.16
C ALA B 223 -18.83 -25.55 -26.92
N GLN B 224 -18.89 -24.92 -25.78
CA GLN B 224 -19.29 -25.61 -24.52
C GLN B 224 -20.75 -26.05 -24.65
N GLU B 225 -21.62 -25.20 -25.18
CA GLU B 225 -23.06 -25.49 -25.34
C GLU B 225 -23.23 -26.73 -26.23
N LYS B 226 -22.40 -26.89 -27.26
CA LYS B 226 -22.56 -27.93 -28.29
C LYS B 226 -21.70 -29.16 -27.98
N GLY B 227 -20.91 -29.14 -26.91
CA GLY B 227 -20.01 -30.26 -26.57
C GLY B 227 -18.76 -30.33 -27.44
N LYS B 228 -18.29 -29.19 -27.95
CA LYS B 228 -17.08 -29.10 -28.79
C LYS B 228 -15.96 -28.42 -28.01
N TYR B 229 -14.82 -28.23 -28.67
CA TYR B 229 -13.65 -27.57 -28.07
C TYR B 229 -13.35 -26.26 -28.79
N ALA B 230 -12.66 -25.37 -28.07
CA ALA B 230 -12.16 -24.14 -28.67
C ALA B 230 -10.98 -23.60 -27.84
N PHE B 231 -10.38 -22.54 -28.31
CA PHE B 231 -9.18 -21.93 -27.68
C PHE B 231 -9.49 -20.49 -27.27
N GLY B 232 -8.93 -20.05 -26.15
CA GLY B 232 -8.91 -18.62 -25.82
C GLY B 232 -7.95 -17.86 -26.73
N CYS B 233 -8.23 -16.58 -26.89
CA CYS B 233 -7.47 -15.69 -27.82
C CYS B 233 -7.08 -14.47 -26.99
N ASP B 234 -5.77 -14.27 -26.79
CA ASP B 234 -5.14 -13.10 -26.14
C ASP B 234 -5.19 -13.20 -24.62
N ALA B 235 -6.10 -13.96 -24.06
CA ALA B 235 -6.19 -14.14 -22.59
C ALA B 235 -6.71 -15.53 -22.33
N ASP B 236 -6.45 -16.01 -21.12
CA ASP B 236 -7.01 -17.28 -20.66
C ASP B 236 -8.52 -17.08 -20.48
N MET B 237 -9.33 -17.75 -21.28
CA MET B 237 -10.79 -17.55 -21.28
C MET B 237 -11.47 -18.77 -20.64
N SER B 238 -10.73 -19.59 -19.91
CA SER B 238 -11.27 -20.87 -19.37
C SER B 238 -12.46 -20.61 -18.43
N LYS B 239 -12.52 -19.48 -17.72
CA LYS B 239 -13.65 -19.22 -16.78
C LYS B 239 -14.97 -19.13 -17.57
N PHE B 240 -14.94 -18.81 -18.87
CA PHE B 240 -16.17 -18.68 -19.68
C PHE B 240 -16.65 -20.03 -20.21
N ALA B 241 -15.82 -21.06 -20.22
CA ALA B 241 -16.14 -22.33 -20.89
C ALA B 241 -15.12 -23.36 -20.43
N PRO B 242 -15.17 -23.78 -19.16
CA PRO B 242 -14.12 -24.64 -18.62
C PRO B 242 -14.00 -26.00 -19.31
N LYS B 243 -15.09 -26.53 -19.82
CA LYS B 243 -15.06 -27.87 -20.51
C LYS B 243 -14.54 -27.74 -21.94
N ALA B 244 -14.78 -26.61 -22.60
CA ALA B 244 -14.43 -26.44 -24.04
C ALA B 244 -13.00 -25.89 -24.19
N HIS B 245 -12.49 -25.14 -23.22
CA HIS B 245 -11.24 -24.35 -23.36
C HIS B 245 -10.01 -25.25 -23.31
N LEU B 246 -9.43 -25.59 -24.44
CA LEU B 246 -8.25 -26.50 -24.45
C LEU B 246 -7.01 -25.81 -23.90
N THR B 247 -6.78 -24.56 -24.32
CA THR B 247 -5.67 -23.68 -23.90
C THR B 247 -5.96 -22.34 -24.59
N ALA B 248 -5.02 -21.44 -24.54
CA ALA B 248 -5.18 -20.09 -25.13
C ALA B 248 -3.81 -19.57 -25.48
N SER B 249 -3.74 -18.73 -26.51
N SER B 249 -3.75 -18.73 -26.51
CA SER B 249 -2.54 -17.98 -26.88
CA SER B 249 -2.55 -17.96 -26.89
C SER B 249 -2.64 -16.62 -26.17
C SER B 249 -2.65 -16.62 -26.18
N ILE B 250 -1.91 -16.47 -25.08
CA ILE B 250 -1.99 -15.26 -24.21
C ILE B 250 -1.05 -14.18 -24.76
N SER B 251 -1.52 -12.94 -24.83
CA SER B 251 -0.76 -11.77 -25.30
C SER B 251 -0.27 -10.96 -24.10
N ASN B 252 1.04 -10.86 -23.96
CA ASN B 252 1.73 -10.09 -22.90
C ASN B 252 2.41 -8.88 -23.56
N TRP B 253 1.76 -7.72 -23.50
CA TRP B 253 2.28 -6.48 -24.10
C TRP B 253 3.11 -5.62 -23.11
N GLY B 254 3.10 -5.96 -21.84
CA GLY B 254 3.62 -5.14 -20.73
C GLY B 254 5.09 -4.86 -20.84
N ASP B 255 5.88 -5.85 -21.28
CA ASP B 255 7.35 -5.63 -21.37
C ASP B 255 7.63 -4.66 -22.53
N PHE B 256 6.91 -4.81 -23.63
CA PHE B 256 7.06 -3.94 -24.81
C PHE B 256 6.67 -2.52 -24.41
N TYR B 257 5.52 -2.35 -23.77
CA TYR B 257 5.01 -1.01 -23.40
C TYR B 257 5.97 -0.35 -22.39
N THR B 258 6.51 -1.12 -21.45
CA THR B 258 7.51 -0.61 -20.50
C THR B 258 8.77 -0.14 -21.24
N LYS B 259 9.37 -0.97 -22.12
CA LYS B 259 10.62 -0.68 -22.81
C LYS B 259 10.42 0.58 -23.70
N THR B 260 9.25 0.66 -24.32
CA THR B 260 8.96 1.80 -25.23
C THR B 260 8.87 3.09 -24.41
N ALA B 261 8.14 3.10 -23.30
CA ALA B 261 7.97 4.28 -22.43
C ALA B 261 9.36 4.70 -21.94
N GLN B 262 10.19 3.72 -21.55
CA GLN B 262 11.58 4.05 -21.07
C GLN B 262 12.37 4.76 -22.17
N ALA B 263 12.27 4.30 -23.41
CA ALA B 263 13.03 4.82 -24.55
C ALA B 263 12.58 6.26 -24.81
N VAL B 264 11.29 6.51 -24.75
CA VAL B 264 10.77 7.89 -24.99
C VAL B 264 11.28 8.82 -23.88
N MET B 265 11.28 8.38 -22.62
CA MET B 265 11.78 9.20 -21.48
C MET B 265 13.28 9.46 -21.64
N ALA B 266 14.05 8.51 -22.16
CA ALA B 266 15.53 8.61 -22.24
C ALA B 266 15.96 9.35 -23.50
N GLY B 267 15.03 9.53 -24.46
CA GLY B 267 15.34 10.08 -25.79
C GLY B 267 16.11 9.10 -26.67
N THR B 268 15.98 7.78 -26.44
CA THR B 268 16.62 6.73 -27.26
C THR B 268 15.61 6.06 -28.19
N TRP B 269 14.35 6.50 -28.20
CA TRP B 269 13.32 5.90 -29.04
C TRP B 269 13.66 6.16 -30.50
N LYS B 270 13.47 5.17 -31.36
CA LYS B 270 13.56 5.38 -32.81
C LYS B 270 12.44 4.57 -33.49
N SER B 271 12.03 5.02 -34.66
CA SER B 271 11.03 4.35 -35.50
C SER B 271 11.59 3.01 -35.97
N GLU B 272 10.88 1.92 -35.69
CA GLU B 272 11.24 0.59 -36.25
C GLU B 272 10.02 -0.32 -36.24
N GLU B 273 10.15 -1.47 -36.92
CA GLU B 273 9.13 -2.54 -36.94
C GLU B 273 9.55 -3.55 -35.88
N VAL B 274 8.72 -3.79 -34.90
CA VAL B 274 8.94 -4.76 -33.79
C VAL B 274 7.99 -5.92 -33.98
N HIS B 275 8.50 -7.15 -33.91
N HIS B 275 8.50 -7.16 -33.92
CA HIS B 275 7.66 -8.38 -33.92
CA HIS B 275 7.67 -8.39 -33.96
C HIS B 275 8.26 -9.29 -32.85
C HIS B 275 8.25 -9.30 -32.87
N TRP B 276 7.52 -9.49 -31.78
CA TRP B 276 7.97 -10.37 -30.66
C TRP B 276 7.08 -11.59 -30.59
N GLY B 277 7.66 -12.73 -30.20
CA GLY B 277 6.94 -14.02 -30.16
C GLY B 277 7.07 -14.68 -28.80
N MET B 278 7.16 -16.00 -28.83
CA MET B 278 7.21 -16.79 -27.57
C MET B 278 8.62 -16.59 -26.95
N ALA B 279 9.66 -16.52 -27.76
CA ALA B 279 11.04 -16.35 -27.25
C ALA B 279 11.15 -15.04 -26.43
N GLU B 280 10.48 -13.96 -26.86
CA GLU B 280 10.56 -12.65 -26.17
C GLU B 280 9.50 -12.49 -25.07
N GLY B 281 8.65 -13.48 -24.83
CA GLY B 281 7.65 -13.51 -23.76
C GLY B 281 6.35 -12.82 -24.15
N MET B 282 6.21 -12.36 -25.39
CA MET B 282 4.99 -11.61 -25.80
C MET B 282 3.84 -12.61 -26.03
N VAL B 283 4.13 -13.84 -26.39
CA VAL B 283 3.11 -14.89 -26.66
C VAL B 283 3.37 -16.03 -25.66
N LYS B 284 2.36 -16.41 -24.90
N LYS B 284 2.38 -16.40 -24.86
CA LYS B 284 2.47 -17.47 -23.84
CA LYS B 284 2.53 -17.54 -23.91
C LYS B 284 1.26 -18.39 -23.97
C LYS B 284 1.27 -18.39 -23.96
N MET B 285 1.37 -19.68 -23.62
CA MET B 285 0.18 -20.57 -23.70
C MET B 285 -0.41 -20.73 -22.30
N ALA B 286 -1.73 -20.76 -22.18
CA ALA B 286 -2.45 -21.12 -20.96
C ALA B 286 -2.19 -22.58 -20.66
N PRO B 287 -2.44 -22.99 -19.39
CA PRO B 287 -2.38 -24.41 -19.05
C PRO B 287 -3.34 -25.24 -19.93
N LEU B 288 -3.00 -26.49 -20.10
CA LEU B 288 -3.84 -27.44 -20.87
C LEU B 288 -5.06 -27.87 -20.07
N ASN B 289 -6.19 -27.97 -20.75
CA ASN B 289 -7.43 -28.56 -20.17
C ASN B 289 -7.12 -29.98 -19.69
N ALA B 290 -7.77 -30.41 -18.61
CA ALA B 290 -7.56 -31.77 -18.04
C ALA B 290 -7.99 -32.87 -19.01
N ALA B 291 -8.86 -32.59 -19.99
CA ALA B 291 -9.29 -33.56 -21.02
C ALA B 291 -8.18 -33.90 -22.02
N VAL B 292 -7.10 -33.12 -22.09
CA VAL B 292 -6.00 -33.45 -23.04
C VAL B 292 -5.24 -34.67 -22.51
N PRO B 293 -5.19 -35.77 -23.28
CA PRO B 293 -4.53 -36.99 -22.79
C PRO B 293 -3.02 -36.85 -22.78
N PRO B 294 -2.33 -37.72 -22.02
CA PRO B 294 -0.87 -37.64 -21.88
C PRO B 294 -0.07 -37.57 -23.17
N ASP B 295 -0.40 -38.36 -24.19
CA ASP B 295 0.35 -38.38 -25.48
C ASP B 295 0.22 -37.00 -26.16
N ALA B 296 -0.96 -36.39 -26.12
CA ALA B 296 -1.19 -35.06 -26.74
C ALA B 296 -0.46 -33.98 -25.91
N ALA B 297 -0.51 -34.05 -24.60
CA ALA B 297 0.15 -33.09 -23.71
C ALA B 297 1.66 -33.14 -23.93
N LYS B 298 2.22 -34.33 -24.04
CA LYS B 298 3.67 -34.50 -24.24
C LYS B 298 4.09 -33.87 -25.57
N LEU B 299 3.33 -34.14 -26.63
CA LEU B 299 3.65 -33.61 -27.97
C LEU B 299 3.58 -32.07 -27.93
N PHE B 300 2.51 -31.56 -27.34
CA PHE B 300 2.31 -30.09 -27.21
C PHE B 300 3.54 -29.46 -26.53
N GLU B 301 3.99 -30.02 -25.41
CA GLU B 301 5.15 -29.45 -24.66
C GLU B 301 6.44 -29.56 -25.48
N GLU B 302 6.65 -30.66 -26.24
CA GLU B 302 7.83 -30.81 -27.12
C GLU B 302 7.82 -29.72 -28.20
N LYS B 303 6.66 -29.52 -28.83
CA LYS B 303 6.55 -28.51 -29.93
C LYS B 303 6.69 -27.11 -29.35
N LYS B 304 6.14 -26.85 -28.18
CA LYS B 304 6.24 -25.54 -27.50
C LYS B 304 7.72 -25.22 -27.27
N ALA B 305 8.47 -26.18 -26.74
CA ALA B 305 9.92 -25.94 -26.43
C ALA B 305 10.66 -25.65 -27.73
N ALA B 306 10.33 -26.39 -28.80
CA ALA B 306 10.97 -26.20 -30.11
C ALA B 306 10.61 -24.83 -30.68
N MET B 307 9.38 -24.38 -30.46
CA MET B 307 8.92 -23.06 -30.97
C MET B 307 9.68 -21.93 -30.27
N VAL B 308 9.84 -22.05 -28.96
CA VAL B 308 10.53 -21.00 -28.14
C VAL B 308 12.00 -20.92 -28.58
N SER B 309 12.64 -22.06 -28.83
CA SER B 309 14.09 -22.15 -29.15
C SER B 309 14.35 -21.80 -30.61
N GLY B 310 13.33 -21.82 -31.48
CA GLY B 310 13.51 -21.58 -32.93
C GLY B 310 13.92 -22.83 -33.68
N LYS B 311 13.85 -24.00 -33.06
CA LYS B 311 14.15 -25.31 -33.72
C LYS B 311 13.06 -25.66 -34.73
N ILE B 312 11.83 -25.22 -34.50
CA ILE B 312 10.74 -25.29 -35.51
C ILE B 312 10.21 -23.88 -35.70
N LYS B 313 9.79 -23.57 -36.92
CA LYS B 313 9.11 -22.29 -37.25
C LYS B 313 7.79 -22.67 -37.90
N PRO B 314 6.69 -21.95 -37.64
CA PRO B 314 5.42 -22.34 -38.25
C PRO B 314 5.46 -22.44 -39.78
N PHE B 315 6.20 -21.56 -40.45
CA PHE B 315 6.22 -21.43 -41.92
C PHE B 315 7.57 -21.95 -42.47
N GLN B 316 8.15 -22.93 -41.82
CA GLN B 316 9.32 -23.64 -42.39
C GLN B 316 8.82 -24.49 -43.57
N GLY B 317 9.66 -24.61 -44.61
CA GLY B 317 9.35 -25.43 -45.77
C GLY B 317 9.34 -26.92 -45.46
N PRO B 318 8.77 -27.76 -46.34
CA PRO B 318 8.18 -27.27 -47.60
C PRO B 318 6.73 -26.80 -47.39
N LEU B 319 6.32 -25.74 -48.07
CA LEU B 319 4.93 -25.26 -48.08
C LEU B 319 4.49 -25.12 -49.53
N LYS B 320 3.24 -25.48 -49.78
CA LYS B 320 2.54 -25.12 -51.02
C LYS B 320 1.30 -24.33 -50.66
N ASP B 321 0.90 -23.45 -51.56
CA ASP B 321 -0.42 -22.77 -51.43
C ASP B 321 -1.52 -23.67 -51.98
N GLN B 322 -2.73 -23.14 -51.92
N GLN B 322 -2.75 -23.15 -51.91
CA GLN B 322 -3.91 -23.94 -52.23
CA GLN B 322 -3.99 -23.92 -52.20
C GLN B 322 -4.07 -24.15 -53.73
C GLN B 322 -4.13 -24.09 -53.72
N SER B 323 -3.28 -23.46 -54.55
CA SER B 323 -3.27 -23.68 -56.02
C SER B 323 -2.19 -24.71 -56.35
N GLY B 324 -1.45 -25.22 -55.35
CA GLY B 324 -0.42 -26.24 -55.54
C GLY B 324 0.94 -25.64 -55.82
N ALA B 325 1.08 -24.32 -55.81
CA ALA B 325 2.37 -23.64 -56.03
C ALA B 325 3.28 -23.80 -54.81
N VAL B 326 4.55 -24.08 -55.04
CA VAL B 326 5.55 -24.13 -53.94
C VAL B 326 5.84 -22.72 -53.47
N LYS B 327 5.72 -22.46 -52.16
CA LYS B 327 5.99 -21.13 -51.59
C LYS B 327 7.36 -21.12 -50.92
N VAL B 328 7.74 -22.26 -50.35
CA VAL B 328 8.97 -22.42 -49.54
C VAL B 328 9.48 -23.84 -49.77
N ALA B 329 10.74 -23.99 -50.20
CA ALA B 329 11.39 -25.32 -50.39
C ALA B 329 11.72 -25.93 -49.02
N ALA B 330 11.74 -27.26 -48.93
CA ALA B 330 12.28 -27.99 -47.76
C ALA B 330 13.68 -27.44 -47.43
N GLY B 331 13.97 -27.24 -46.14
CA GLY B 331 15.24 -26.71 -45.62
C GLY B 331 15.30 -25.19 -45.62
N SER B 332 14.25 -24.49 -46.09
CA SER B 332 14.17 -23.01 -46.06
C SER B 332 13.00 -22.59 -45.17
N ASP B 333 13.00 -21.30 -44.78
CA ASP B 333 11.93 -20.67 -43.98
C ASP B 333 11.26 -19.62 -44.86
N LEU B 334 9.99 -19.34 -44.62
CA LEU B 334 9.31 -18.24 -45.34
C LEU B 334 10.01 -16.92 -44.96
N PRO B 335 10.46 -16.13 -45.93
CA PRO B 335 11.05 -14.81 -45.67
C PRO B 335 10.11 -13.83 -44.95
N LEU B 336 10.71 -12.93 -44.17
CA LEU B 336 10.02 -11.88 -43.37
C LEU B 336 9.10 -11.05 -44.29
N ALA B 337 9.49 -10.74 -45.54
CA ALA B 337 8.66 -9.90 -46.44
C ALA B 337 7.38 -10.66 -46.86
N SER B 338 7.48 -11.97 -47.06
CA SER B 338 6.31 -12.82 -47.45
C SER B 338 5.41 -13.02 -46.23
N LEU B 339 5.99 -13.15 -45.04
CA LEU B 339 5.21 -13.19 -43.76
C LEU B 339 4.40 -11.90 -43.61
N LYS B 340 5.06 -10.76 -43.82
CA LYS B 340 4.46 -9.42 -43.60
C LYS B 340 3.27 -9.19 -44.55
N GLY B 341 3.34 -9.71 -45.78
CA GLY B 341 2.28 -9.49 -46.76
C GLY B 341 1.36 -10.70 -46.96
N MET B 342 1.37 -11.71 -46.09
CA MET B 342 0.77 -13.02 -46.36
C MET B 342 -0.71 -12.86 -46.76
N ASN B 343 -1.04 -13.31 -47.97
CA ASN B 343 -2.43 -13.20 -48.48
C ASN B 343 -2.77 -14.48 -49.24
N TRP B 344 -2.12 -15.58 -48.92
CA TRP B 344 -2.32 -16.90 -49.58
C TRP B 344 -2.59 -17.91 -48.49
N TYR B 345 -3.20 -19.01 -48.89
CA TYR B 345 -3.64 -20.10 -47.99
C TYR B 345 -2.89 -21.35 -48.29
N VAL B 346 -2.63 -22.11 -47.24
CA VAL B 346 -2.04 -23.47 -47.42
C VAL B 346 -3.14 -24.41 -47.89
N GLN B 347 -2.73 -25.51 -48.51
N GLN B 347 -2.72 -25.52 -48.50
CA GLN B 347 -3.68 -26.55 -48.97
CA GLN B 347 -3.59 -26.66 -48.88
C GLN B 347 -4.43 -27.10 -47.75
C GLN B 347 -4.43 -27.10 -47.68
N GLY B 348 -5.74 -27.27 -47.85
CA GLY B 348 -6.60 -27.77 -46.77
C GLY B 348 -7.49 -26.68 -46.15
N VAL B 349 -7.26 -25.43 -46.52
CA VAL B 349 -8.10 -24.28 -46.02
C VAL B 349 -9.27 -24.17 -47.00
N GLU B 350 -10.49 -24.06 -46.47
CA GLU B 350 -11.65 -23.71 -47.33
C GLU B 350 -12.62 -22.82 -46.57
N GLY B 351 -13.50 -22.16 -47.31
CA GLY B 351 -14.58 -21.37 -46.73
C GLY B 351 -15.76 -22.23 -46.31
N THR B 352 -16.61 -21.70 -45.46
CA THR B 352 -17.93 -22.26 -45.10
C THR B 352 -18.92 -21.95 -46.23
N ILE B 353 -19.95 -22.78 -46.31
CA ILE B 353 -21.07 -22.49 -47.24
C ILE B 353 -21.84 -21.30 -46.69
N PRO B 354 -22.06 -20.23 -47.46
CA PRO B 354 -22.72 -19.03 -46.93
C PRO B 354 -24.18 -19.28 -46.58
N LYS B 355 -24.60 -18.80 -45.39
CA LYS B 355 -25.97 -18.88 -44.79
C LYS B 355 -26.79 -17.69 -45.24
N GLU C 23 -13.29 -32.17 -1.99
CA GLU C 23 -12.52 -31.28 -1.07
C GLU C 23 -11.41 -30.59 -1.86
N PRO C 24 -11.06 -29.33 -1.54
CA PRO C 24 -9.86 -28.71 -2.13
C PRO C 24 -8.56 -29.50 -1.83
N LEU C 25 -7.59 -29.40 -2.72
CA LEU C 25 -6.20 -29.90 -2.47
C LEU C 25 -5.51 -28.98 -1.47
N LYS C 26 -5.07 -29.54 -0.34
CA LYS C 26 -4.41 -28.80 0.74
C LYS C 26 -2.91 -28.79 0.40
N VAL C 27 -2.40 -27.58 0.17
CA VAL C 27 -1.01 -27.37 -0.30
C VAL C 27 -0.30 -26.54 0.75
N ALA C 28 0.90 -26.97 1.16
CA ALA C 28 1.69 -26.20 2.14
C ALA C 28 3.06 -25.82 1.56
N PHE C 29 3.54 -24.67 1.98
CA PHE C 29 4.85 -24.07 1.57
C PHE C 29 5.65 -23.86 2.82
N VAL C 30 6.88 -24.35 2.84
CA VAL C 30 7.80 -24.14 3.98
C VAL C 30 8.91 -23.19 3.50
N TYR C 31 9.03 -22.02 4.13
CA TYR C 31 10.07 -21.01 3.81
C TYR C 31 11.11 -20.99 4.91
N ALA C 32 12.36 -20.80 4.51
CA ALA C 32 13.52 -20.69 5.41
C ALA C 32 13.73 -19.21 5.81
N GLY C 33 12.96 -18.31 5.24
CA GLY C 33 13.08 -16.87 5.51
C GLY C 33 11.73 -16.22 5.56
N PRO C 34 11.74 -14.87 5.60
CA PRO C 34 10.53 -14.10 5.66
C PRO C 34 9.99 -13.61 4.32
N VAL C 35 8.66 -13.59 4.22
CA VAL C 35 7.99 -12.98 3.06
C VAL C 35 8.40 -11.50 2.95
N SER C 36 8.78 -10.87 4.07
CA SER C 36 9.23 -9.46 4.10
C SER C 36 10.66 -9.28 3.55
N ASP C 37 11.32 -10.35 3.01
CA ASP C 37 12.69 -10.17 2.47
C ASP C 37 12.61 -9.32 1.18
N ALA C 38 11.46 -9.24 0.51
CA ALA C 38 11.29 -8.58 -0.81
C ALA C 38 12.21 -9.22 -1.88
N GLY C 39 12.61 -10.47 -1.65
CA GLY C 39 13.49 -11.21 -2.56
C GLY C 39 13.05 -12.66 -2.67
N TYR C 40 13.93 -13.57 -2.29
CA TYR C 40 13.74 -15.03 -2.51
C TYR C 40 12.43 -15.56 -1.94
N THR C 41 12.19 -15.40 -0.64
CA THR C 41 10.99 -15.98 0.00
C THR C 41 9.74 -15.25 -0.52
N TYR C 42 9.83 -13.93 -0.66
CA TYR C 42 8.75 -13.12 -1.29
C TYR C 42 8.35 -13.76 -2.62
N ALA C 43 9.33 -14.07 -3.48
CA ALA C 43 9.06 -14.62 -4.82
C ALA C 43 8.41 -16.00 -4.75
N HIS C 44 8.90 -16.90 -3.89
CA HIS C 44 8.21 -18.20 -3.66
C HIS C 44 6.76 -17.95 -3.26
N ASP C 45 6.53 -17.00 -2.34
CA ASP C 45 5.19 -16.69 -1.79
C ASP C 45 4.33 -16.07 -2.89
N GLN C 46 4.88 -15.25 -3.79
CA GLN C 46 4.15 -14.76 -4.99
C GLN C 46 3.75 -15.95 -5.87
N GLY C 47 4.58 -16.99 -5.94
CA GLY C 47 4.23 -18.20 -6.71
C GLY C 47 3.06 -18.95 -6.05
N ARG C 48 3.07 -19.06 -4.72
CA ARG C 48 1.93 -19.63 -3.95
C ARG C 48 0.66 -18.84 -4.26
N LEU C 49 0.75 -17.52 -4.22
CA LEU C 49 -0.43 -16.65 -4.46
C LEU C 49 -0.88 -16.79 -5.91
N ALA C 50 0.03 -16.92 -6.86
CA ALA C 50 -0.31 -17.15 -8.28
C ALA C 50 -1.08 -18.46 -8.41
N MET C 51 -0.61 -19.52 -7.76
CA MET C 51 -1.28 -20.84 -7.79
C MET C 51 -2.72 -20.67 -7.25
N GLU C 52 -2.89 -19.94 -6.13
CA GLU C 52 -4.22 -19.67 -5.52
C GLU C 52 -5.12 -18.93 -6.50
N LYS C 53 -4.58 -17.93 -7.22
CA LYS C 53 -5.39 -17.13 -8.17
C LYS C 53 -5.77 -18.04 -9.36
N ASN C 54 -4.84 -18.85 -9.83
CA ASN C 54 -5.02 -19.70 -11.04
C ASN C 54 -6.03 -20.83 -10.77
N LEU C 55 -6.07 -21.41 -9.57
CA LEU C 55 -6.83 -22.65 -9.32
C LEU C 55 -8.05 -22.37 -8.43
N GLY C 56 -8.13 -21.17 -7.83
CA GLY C 56 -9.22 -20.73 -6.94
C GLY C 56 -9.54 -21.75 -5.86
N ALA C 57 -10.81 -22.14 -5.77
CA ALA C 57 -11.37 -23.00 -4.71
C ALA C 57 -10.85 -24.44 -4.82
N LYS C 58 -10.21 -24.84 -5.93
CA LYS C 58 -9.64 -26.20 -6.06
C LYS C 58 -8.43 -26.39 -5.12
N VAL C 59 -7.83 -25.33 -4.59
CA VAL C 59 -6.65 -25.45 -3.68
C VAL C 59 -6.90 -24.62 -2.42
N LYS C 60 -6.33 -25.06 -1.31
CA LYS C 60 -6.21 -24.25 -0.09
C LYS C 60 -4.74 -24.29 0.32
N SER C 61 -4.07 -23.16 0.25
CA SER C 61 -2.61 -23.08 0.55
C SER C 61 -2.41 -22.59 1.97
N SER C 62 -1.32 -23.00 2.59
CA SER C 62 -0.81 -22.34 3.80
C SER C 62 0.72 -22.26 3.69
N TYR C 63 1.32 -21.52 4.59
CA TYR C 63 2.79 -21.41 4.61
C TYR C 63 3.27 -21.22 6.03
N VAL C 64 4.55 -21.48 6.22
CA VAL C 64 5.27 -21.22 7.49
C VAL C 64 6.58 -20.53 7.09
N GLU C 65 6.86 -19.40 7.74
CA GLU C 65 8.06 -18.57 7.47
C GLU C 65 9.16 -18.88 8.47
N ASN C 66 10.39 -18.51 8.12
CA ASN C 66 11.55 -18.45 9.02
C ASN C 66 11.77 -19.82 9.65
N VAL C 67 11.57 -20.92 8.91
CA VAL C 67 11.81 -22.29 9.46
C VAL C 67 13.30 -22.57 9.40
N PRO C 68 13.95 -22.90 10.54
CA PRO C 68 15.37 -23.22 10.53
C PRO C 68 15.66 -24.46 9.67
N GLU C 69 16.78 -24.41 8.95
CA GLU C 69 17.24 -25.46 8.00
C GLU C 69 17.82 -26.58 8.85
N GLY C 70 18.08 -27.74 8.23
CA GLY C 70 18.59 -28.94 8.92
C GLY C 70 17.55 -29.53 9.86
N ALA C 71 18.00 -30.13 10.97
CA ALA C 71 17.22 -31.06 11.81
C ALA C 71 15.89 -30.44 12.30
N ASP C 72 15.85 -29.18 12.73
CA ASP C 72 14.67 -28.52 13.37
C ASP C 72 13.51 -28.26 12.38
N ALA C 73 13.76 -28.30 11.08
CA ALA C 73 12.70 -28.22 10.03
C ALA C 73 11.79 -29.45 10.05
N GLU C 74 12.32 -30.59 10.50
CA GLU C 74 11.58 -31.87 10.43
C GLU C 74 10.26 -31.76 11.18
N ARG C 75 10.24 -31.10 12.35
CA ARG C 75 9.01 -30.99 13.17
C ARG C 75 7.94 -30.23 12.37
N VAL C 76 8.33 -29.14 11.69
CA VAL C 76 7.35 -28.32 10.94
C VAL C 76 6.82 -29.13 9.77
N ILE C 77 7.71 -29.75 9.01
CA ILE C 77 7.29 -30.51 7.80
C ILE C 77 6.37 -31.70 8.22
N ARG C 78 6.71 -32.41 9.30
CA ARG C 78 5.86 -33.52 9.82
C ARG C 78 4.48 -33.01 10.22
N LYS C 79 4.41 -31.87 10.93
CA LYS C 79 3.12 -31.29 11.34
C LYS C 79 2.27 -30.94 10.13
N LEU C 80 2.84 -30.36 9.07
CA LEU C 80 2.05 -30.07 7.86
C LEU C 80 1.56 -31.36 7.20
N ALA C 81 2.36 -32.42 7.20
CA ALA C 81 1.93 -33.72 6.61
C ALA C 81 0.80 -34.31 7.50
N ALA C 82 0.95 -34.25 8.81
CA ALA C 82 -0.03 -34.79 9.81
C ALA C 82 -1.33 -33.99 9.75
N ASP C 83 -1.29 -32.73 9.35
CA ASP C 83 -2.49 -31.85 9.28
C ASP C 83 -3.29 -32.11 8.00
N GLY C 84 -2.82 -32.99 7.11
CA GLY C 84 -3.61 -33.40 5.91
C GLY C 84 -3.26 -32.64 4.63
N ASN C 85 -2.12 -31.91 4.62
CA ASN C 85 -1.59 -31.37 3.36
C ASN C 85 -1.21 -32.53 2.43
N LYS C 86 -1.63 -32.49 1.18
CA LYS C 86 -1.38 -33.58 0.21
C LYS C 86 -0.18 -33.24 -0.70
N LEU C 87 0.23 -31.98 -0.74
CA LEU C 87 1.37 -31.47 -1.55
C LEU C 87 2.10 -30.45 -0.70
N ILE C 88 3.41 -30.70 -0.49
CA ILE C 88 4.25 -29.86 0.39
C ILE C 88 5.51 -29.47 -0.38
N PHE C 89 5.69 -28.16 -0.54
CA PHE C 89 6.91 -27.58 -1.13
C PHE C 89 7.83 -27.10 -0.04
N THR C 90 9.06 -27.61 -0.03
CA THR C 90 10.10 -27.13 0.90
C THR C 90 11.11 -26.31 0.10
N THR C 91 11.13 -24.99 0.35
CA THR C 91 11.67 -24.02 -0.62
C THR C 91 13.14 -23.64 -0.37
N SER C 92 13.96 -24.45 0.24
CA SER C 92 15.37 -24.09 0.49
C SER C 92 16.23 -25.32 0.56
N PHE C 93 17.50 -25.17 0.22
CA PHE C 93 18.47 -26.28 0.15
C PHE C 93 18.51 -27.05 1.47
N GLY C 94 18.57 -26.33 2.59
CA GLY C 94 18.79 -26.95 3.91
C GLY C 94 17.59 -27.76 4.37
N PHE C 95 16.47 -27.79 3.66
CA PHE C 95 15.36 -28.69 3.99
C PHE C 95 15.51 -30.07 3.33
N MET C 96 16.59 -30.33 2.60
CA MET C 96 16.74 -31.55 1.79
C MET C 96 16.60 -32.80 2.68
N ASN C 97 17.40 -32.90 3.72
CA ASN C 97 17.45 -34.15 4.52
C ASN C 97 16.17 -34.31 5.34
N PRO C 98 15.66 -33.26 6.04
CA PRO C 98 14.37 -33.38 6.70
C PRO C 98 13.23 -33.75 5.75
N THR C 99 13.20 -33.16 4.54
CA THR C 99 12.12 -33.48 3.58
C THR C 99 12.19 -34.98 3.21
N GLU C 100 13.39 -35.49 2.94
CA GLU C 100 13.57 -36.89 2.51
C GLU C 100 13.10 -37.80 3.66
N ARG C 101 13.39 -37.46 4.90
CA ARG C 101 12.95 -38.29 6.07
C ARG C 101 11.42 -38.23 6.21
N VAL C 102 10.80 -37.06 6.09
CA VAL C 102 9.34 -36.95 6.25
C VAL C 102 8.67 -37.64 5.06
N ALA C 103 9.20 -37.51 3.83
CA ALA C 103 8.60 -38.17 2.65
C ALA C 103 8.52 -39.70 2.90
N LYS C 104 9.56 -40.28 3.46
CA LYS C 104 9.56 -41.75 3.74
C LYS C 104 8.46 -42.10 4.75
N ALA C 105 8.17 -41.23 5.70
CA ALA C 105 7.20 -41.43 6.79
C ALA C 105 5.76 -41.21 6.30
N PHE C 106 5.56 -40.46 5.21
CA PHE C 106 4.21 -40.09 4.71
C PHE C 106 4.11 -40.41 3.22
N PRO C 107 4.01 -41.71 2.87
CA PRO C 107 4.02 -42.11 1.46
C PRO C 107 2.76 -41.69 0.67
N ASN C 108 1.74 -41.21 1.34
CA ASN C 108 0.49 -40.73 0.72
C ASN C 108 0.57 -39.21 0.46
N VAL C 109 1.69 -38.54 0.79
CA VAL C 109 1.84 -37.07 0.56
C VAL C 109 2.87 -36.86 -0.54
N VAL C 110 2.67 -35.87 -1.41
CA VAL C 110 3.65 -35.50 -2.48
C VAL C 110 4.52 -34.36 -1.94
N PHE C 111 5.82 -34.54 -1.98
CA PHE C 111 6.83 -33.55 -1.55
C PHE C 111 7.62 -33.08 -2.77
N GLU C 112 7.86 -31.78 -2.83
CA GLU C 112 8.69 -31.09 -3.84
C GLU C 112 9.74 -30.27 -3.10
N HIS C 113 11.01 -30.58 -3.32
CA HIS C 113 12.13 -29.93 -2.63
C HIS C 113 12.90 -29.01 -3.60
N ALA C 114 13.05 -27.75 -3.24
CA ALA C 114 13.75 -26.76 -4.09
C ALA C 114 15.27 -26.97 -3.96
N THR C 115 15.94 -27.16 -5.08
CA THR C 115 17.41 -27.17 -5.28
C THR C 115 18.08 -28.47 -4.79
N GLY C 116 17.31 -29.44 -4.36
CA GLY C 116 17.88 -30.69 -3.83
C GLY C 116 18.30 -31.70 -4.89
N VAL C 117 18.86 -32.80 -4.43
CA VAL C 117 19.36 -33.88 -5.31
C VAL C 117 18.82 -35.24 -4.82
N LYS C 118 17.94 -35.28 -3.82
CA LYS C 118 17.34 -36.52 -3.29
C LYS C 118 15.91 -36.65 -3.81
N LEU C 119 15.62 -37.79 -4.42
N LEU C 119 15.64 -37.80 -4.42
CA LEU C 119 14.29 -38.13 -4.97
CA LEU C 119 14.31 -38.16 -4.99
C LEU C 119 13.81 -39.45 -4.36
C LEU C 119 13.79 -39.41 -4.29
N ALA C 120 12.50 -39.65 -4.40
CA ALA C 120 11.85 -40.90 -3.96
C ALA C 120 10.54 -41.01 -4.72
N LYS C 121 9.81 -42.09 -4.52
CA LYS C 121 8.49 -42.31 -5.18
C LYS C 121 7.61 -41.06 -5.02
N ASN C 122 7.61 -40.42 -3.83
CA ASN C 122 6.72 -39.28 -3.49
C ASN C 122 7.54 -38.00 -3.25
N LEU C 123 8.76 -37.91 -3.81
CA LEU C 123 9.65 -36.74 -3.60
C LEU C 123 10.29 -36.35 -4.93
N GLY C 124 9.90 -35.20 -5.44
CA GLY C 124 10.55 -34.60 -6.62
C GLY C 124 11.42 -33.41 -6.22
N VAL C 125 12.27 -32.94 -7.13
CA VAL C 125 13.11 -31.75 -6.87
C VAL C 125 12.86 -30.78 -8.01
N TYR C 126 12.96 -29.52 -7.67
CA TYR C 126 12.79 -28.44 -8.68
C TYR C 126 13.80 -27.34 -8.42
N GLU C 127 14.15 -26.62 -9.47
CA GLU C 127 15.00 -25.45 -9.32
C GLU C 127 14.91 -24.63 -10.59
N SER C 128 15.37 -23.41 -10.48
CA SER C 128 15.50 -22.51 -11.65
C SER C 128 16.89 -22.60 -12.21
N ARG C 129 17.06 -22.18 -13.46
CA ARG C 129 18.39 -21.92 -14.06
C ARG C 129 18.69 -20.43 -13.91
N GLN C 130 18.72 -19.93 -12.67
CA GLN C 130 18.91 -18.49 -12.44
C GLN C 130 20.26 -18.03 -12.96
N TYR C 131 21.23 -18.94 -13.06
CA TYR C 131 22.57 -18.61 -13.58
C TYR C 131 22.51 -18.07 -15.02
N GLU C 132 21.43 -18.38 -15.77
CA GLU C 132 21.23 -17.75 -17.10
C GLU C 132 21.07 -16.24 -16.90
N GLY C 133 20.28 -15.81 -15.93
CA GLY C 133 20.12 -14.40 -15.56
C GLY C 133 21.39 -13.83 -15.03
N THR C 134 22.10 -14.57 -14.16
CA THR C 134 23.35 -14.06 -13.58
C THR C 134 24.41 -13.84 -14.66
N TYR C 135 24.48 -14.69 -15.70
CA TYR C 135 25.40 -14.51 -16.83
C TYR C 135 25.07 -13.16 -17.49
N LEU C 136 23.81 -12.89 -17.74
CA LEU C 136 23.41 -11.60 -18.38
C LEU C 136 23.74 -10.41 -17.45
N GLN C 137 23.63 -10.57 -16.14
CA GLN C 137 24.06 -9.54 -15.16
C GLN C 137 25.56 -9.30 -15.35
N GLY C 138 26.35 -10.36 -15.51
CA GLY C 138 27.81 -10.25 -15.71
C GLY C 138 28.14 -9.46 -16.98
N VAL C 139 27.42 -9.74 -18.06
CA VAL C 139 27.58 -8.96 -19.32
C VAL C 139 27.39 -7.47 -19.02
N LEU C 140 26.32 -7.11 -18.32
N LEU C 140 26.31 -7.11 -18.34
CA LEU C 140 26.02 -5.71 -17.99
CA LEU C 140 26.00 -5.70 -17.96
C LEU C 140 27.07 -5.16 -17.03
C LEU C 140 27.08 -5.16 -17.04
N ALA C 141 27.50 -5.94 -16.04
CA ALA C 141 28.52 -5.49 -15.08
C ALA C 141 29.79 -5.08 -15.84
N ALA C 142 30.21 -5.85 -16.85
CA ALA C 142 31.44 -5.57 -17.64
C ALA C 142 31.27 -4.24 -18.39
N LYS C 143 30.05 -3.89 -18.78
CA LYS C 143 29.78 -2.61 -19.49
C LYS C 143 29.76 -1.44 -18.50
N MET C 144 29.42 -1.66 -17.24
CA MET C 144 29.15 -0.59 -16.25
C MET C 144 30.35 -0.38 -15.32
N THR C 145 31.25 -1.35 -15.18
CA THR C 145 32.37 -1.26 -14.22
C THR C 145 33.39 -0.19 -14.66
N LYS C 146 33.98 0.53 -13.69
CA LYS C 146 35.13 1.43 -13.91
C LYS C 146 36.42 0.78 -13.41
N THR C 147 36.34 -0.14 -12.46
CA THR C 147 37.53 -0.74 -11.82
C THR C 147 37.91 -2.06 -12.51
N GLY C 148 37.00 -2.70 -13.24
CA GLY C 148 37.22 -4.05 -13.81
C GLY C 148 37.15 -5.13 -12.75
N VAL C 149 36.64 -4.78 -11.58
CA VAL C 149 36.44 -5.74 -10.45
C VAL C 149 34.95 -5.72 -10.10
N ILE C 150 34.32 -6.90 -10.17
CA ILE C 150 32.90 -7.05 -9.82
C ILE C 150 32.86 -7.90 -8.56
N GLY C 151 31.75 -7.80 -7.84
CA GLY C 151 31.66 -8.45 -6.52
C GLY C 151 30.47 -9.32 -6.39
N PHE C 152 30.59 -10.32 -5.54
CA PHE C 152 29.53 -11.29 -5.28
C PHE C 152 29.42 -11.54 -3.78
N VAL C 153 28.22 -11.31 -3.23
CA VAL C 153 27.90 -11.63 -1.82
C VAL C 153 27.35 -13.06 -1.78
N GLY C 154 28.17 -13.99 -1.29
CA GLY C 154 27.84 -15.40 -1.21
C GLY C 154 27.26 -15.82 0.12
N SER C 155 26.30 -16.73 0.08
CA SER C 155 25.69 -17.38 1.26
C SER C 155 26.54 -18.58 1.69
N PHE C 156 26.40 -19.67 0.94
CA PHE C 156 27.08 -20.96 1.20
C PHE C 156 27.54 -21.54 -0.13
N PRO C 157 28.68 -22.24 -0.14
CA PRO C 157 29.22 -22.82 -1.37
C PRO C 157 28.50 -24.11 -1.76
N VAL C 158 27.22 -24.01 -2.04
CA VAL C 158 26.42 -25.11 -2.63
C VAL C 158 26.36 -24.90 -4.13
N PRO C 159 25.96 -25.92 -4.91
CA PRO C 159 26.01 -25.80 -6.37
C PRO C 159 25.23 -24.61 -6.94
N GLU C 160 24.03 -24.34 -6.40
CA GLU C 160 23.27 -23.16 -6.89
C GLU C 160 24.16 -21.91 -6.88
N VAL C 161 24.82 -21.65 -5.77
CA VAL C 161 25.62 -20.43 -5.56
C VAL C 161 26.91 -20.45 -6.38
N ILE C 162 27.59 -21.60 -6.46
CA ILE C 162 28.85 -21.69 -7.25
C ILE C 162 28.53 -21.50 -8.74
N ARG C 163 27.39 -22.02 -9.22
CA ARG C 163 27.00 -21.78 -10.61
C ARG C 163 26.74 -20.29 -10.81
N ASN C 164 26.08 -19.62 -9.86
CA ASN C 164 25.82 -18.15 -10.03
C ASN C 164 27.14 -17.37 -10.00
N ILE C 165 28.07 -17.69 -9.11
CA ILE C 165 29.40 -17.01 -9.07
C ILE C 165 30.08 -17.15 -10.44
N ASN C 166 30.15 -18.38 -10.91
CA ASN C 166 30.84 -18.73 -12.19
C ASN C 166 30.14 -18.02 -13.35
N ALA C 167 28.82 -18.05 -13.40
CA ALA C 167 28.08 -17.45 -14.51
C ALA C 167 28.28 -15.94 -14.50
N TYR C 168 28.24 -15.28 -13.37
CA TYR C 168 28.48 -13.82 -13.26
C TYR C 168 29.83 -13.49 -13.89
N THR C 169 30.83 -14.28 -13.53
CA THR C 169 32.23 -14.09 -13.97
C THR C 169 32.36 -14.34 -15.48
N LEU C 170 31.78 -15.45 -15.97
CA LEU C 170 31.87 -15.81 -17.42
C LEU C 170 31.11 -14.75 -18.23
N GLY C 171 29.95 -14.31 -17.78
CA GLY C 171 29.23 -13.24 -18.49
C GLY C 171 30.06 -11.98 -18.60
N ALA C 172 30.68 -11.54 -17.53
CA ALA C 172 31.56 -10.35 -17.57
C ALA C 172 32.74 -10.60 -18.51
N GLN C 173 33.36 -11.78 -18.42
CA GLN C 173 34.58 -12.08 -19.22
C GLN C 173 34.22 -12.22 -20.72
N SER C 174 32.96 -12.45 -21.08
CA SER C 174 32.53 -12.52 -22.51
C SER C 174 32.65 -11.12 -23.11
N VAL C 175 32.66 -10.08 -22.28
CA VAL C 175 32.81 -8.66 -22.72
C VAL C 175 34.26 -8.24 -22.52
N ASN C 176 34.80 -8.48 -21.34
CA ASN C 176 36.17 -8.03 -20.96
C ASN C 176 36.85 -9.19 -20.25
N PRO C 177 37.73 -9.94 -20.93
CA PRO C 177 38.34 -11.11 -20.33
C PRO C 177 39.26 -10.80 -19.15
N LYS C 178 39.55 -9.53 -18.89
CA LYS C 178 40.42 -9.14 -17.75
C LYS C 178 39.60 -9.02 -16.44
N ILE C 179 38.29 -9.13 -16.49
CA ILE C 179 37.46 -8.85 -15.28
C ILE C 179 37.71 -9.94 -14.25
N LYS C 180 37.80 -9.53 -13.00
CA LYS C 180 37.87 -10.43 -11.85
C LYS C 180 36.62 -10.25 -11.00
N THR C 181 36.23 -11.32 -10.31
CA THR C 181 35.07 -11.38 -9.41
C THR C 181 35.57 -11.62 -8.00
N LYS C 182 35.34 -10.67 -7.10
CA LYS C 182 35.63 -10.88 -5.67
C LYS C 182 34.41 -11.44 -4.98
N VAL C 183 34.61 -12.47 -4.18
CA VAL C 183 33.56 -13.20 -3.46
C VAL C 183 33.80 -12.99 -1.98
N ILE C 184 32.71 -12.67 -1.28
CA ILE C 184 32.71 -12.69 0.21
C ILE C 184 31.62 -13.62 0.69
N TRP C 185 31.91 -14.44 1.69
CA TRP C 185 30.93 -15.40 2.21
C TRP C 185 30.32 -14.92 3.54
N VAL C 186 28.99 -14.96 3.65
CA VAL C 186 28.33 -14.54 4.92
C VAL C 186 27.74 -15.71 5.67
N SER C 187 27.66 -16.93 5.10
CA SER C 187 27.23 -18.16 5.80
C SER C 187 25.82 -17.98 6.33
N THR C 188 24.98 -17.33 5.54
CA THR C 188 23.54 -17.23 5.79
C THR C 188 22.86 -16.92 4.46
N TRP C 189 21.61 -17.28 4.30
CA TRP C 189 20.84 -16.86 3.12
C TRP C 189 20.23 -15.47 3.33
N TYR C 190 19.96 -15.08 4.58
CA TYR C 190 19.21 -13.85 4.86
C TYR C 190 19.69 -13.26 6.20
N ASP C 191 20.31 -12.12 6.13
CA ASP C 191 20.66 -11.33 7.36
C ASP C 191 21.08 -9.96 6.89
N PRO C 192 20.14 -9.00 6.79
CA PRO C 192 20.43 -7.77 6.09
C PRO C 192 21.69 -7.07 6.60
N ALA C 193 21.96 -7.12 7.90
CA ALA C 193 23.14 -6.43 8.46
C ALA C 193 24.42 -7.12 8.01
N LYS C 194 24.45 -8.45 8.00
CA LYS C 194 25.66 -9.17 7.50
C LYS C 194 25.84 -8.91 6.00
N GLU C 195 24.73 -8.89 5.27
CA GLU C 195 24.76 -8.67 3.79
C GLU C 195 25.35 -7.27 3.55
N ARG C 196 24.91 -6.28 4.33
CA ARG C 196 25.38 -4.89 4.21
C ARG C 196 26.89 -4.84 4.48
N GLN C 197 27.36 -5.50 5.53
N GLN C 197 27.36 -5.52 5.52
CA GLN C 197 28.80 -5.49 5.89
CA GLN C 197 28.80 -5.48 5.88
C GLN C 197 29.58 -6.11 4.74
C GLN C 197 29.59 -6.11 4.72
N ALA C 198 29.07 -7.20 4.13
CA ALA C 198 29.76 -7.89 3.02
C ALA C 198 29.87 -6.94 1.82
N ALA C 199 28.77 -6.25 1.49
CA ALA C 199 28.78 -5.28 0.36
C ALA C 199 29.81 -4.17 0.60
N GLU C 200 29.85 -3.62 1.82
CA GLU C 200 30.79 -2.54 2.17
C GLU C 200 32.22 -3.03 1.98
N THR C 201 32.49 -4.26 2.38
CA THR C 201 33.87 -4.84 2.28
C THR C 201 34.24 -4.98 0.80
N LEU C 202 33.32 -5.47 -0.04
CA LEU C 202 33.59 -5.67 -1.48
C LEU C 202 33.90 -4.32 -2.10
N ILE C 203 33.12 -3.31 -1.77
CA ILE C 203 33.31 -1.95 -2.34
C ILE C 203 34.66 -1.39 -1.85
N ALA C 204 34.99 -1.57 -0.59
CA ALA C 204 36.29 -1.12 -0.01
C ALA C 204 37.46 -1.78 -0.77
N GLN C 205 37.26 -3.01 -1.29
CA GLN C 205 38.33 -3.74 -2.00
C GLN C 205 38.22 -3.55 -3.53
N GLY C 206 37.42 -2.59 -4.01
CA GLY C 206 37.49 -2.10 -5.40
C GLY C 206 36.43 -2.71 -6.33
N ALA C 207 35.51 -3.52 -5.81
CA ALA C 207 34.37 -4.03 -6.63
C ALA C 207 33.38 -2.88 -6.83
N ASP C 208 32.86 -2.65 -8.04
CA ASP C 208 31.94 -1.50 -8.21
C ASP C 208 30.62 -1.91 -8.84
N VAL C 209 30.42 -3.19 -9.10
CA VAL C 209 29.11 -3.75 -9.56
C VAL C 209 28.93 -5.06 -8.81
N LEU C 210 27.88 -5.14 -8.00
CA LEU C 210 27.70 -6.25 -7.04
C LEU C 210 26.48 -7.06 -7.44
N THR C 211 26.56 -8.37 -7.13
CA THR C 211 25.37 -9.24 -7.16
C THR C 211 25.45 -10.11 -5.91
N GLN C 212 24.41 -10.88 -5.69
CA GLN C 212 24.35 -11.68 -4.44
C GLN C 212 23.62 -12.99 -4.65
N ASN C 213 23.83 -13.90 -3.71
N ASN C 213 23.83 -13.90 -3.71
CA ASN C 213 22.95 -15.08 -3.53
CA ASN C 213 22.97 -15.09 -3.53
C ASN C 213 22.48 -15.12 -2.08
C ASN C 213 22.49 -15.13 -2.07
N THR C 214 22.36 -13.96 -1.43
CA THR C 214 21.58 -13.78 -0.19
C THR C 214 20.22 -13.22 -0.64
N ASN C 215 19.32 -12.89 0.30
CA ASN C 215 17.91 -12.77 -0.09
C ASN C 215 17.36 -11.35 0.12
N SER C 216 18.13 -10.37 0.58
CA SER C 216 17.59 -9.03 0.92
C SER C 216 18.06 -7.97 -0.06
N PRO C 217 17.44 -6.76 -0.03
CA PRO C 217 17.95 -5.64 -0.79
C PRO C 217 19.13 -4.85 -0.17
N ALA C 218 19.75 -5.40 0.86
CA ALA C 218 20.83 -4.71 1.62
C ALA C 218 22.00 -4.32 0.72
N THR C 219 22.47 -5.21 -0.19
CA THR C 219 23.63 -4.96 -1.06
C THR C 219 23.28 -3.78 -1.99
N LEU C 220 22.04 -3.73 -2.47
CA LEU C 220 21.61 -2.63 -3.35
C LEU C 220 21.64 -1.31 -2.58
N GLN C 221 21.18 -1.31 -1.35
CA GLN C 221 21.13 -0.08 -0.51
C GLN C 221 22.54 0.41 -0.30
N VAL C 222 23.49 -0.48 0.00
CA VAL C 222 24.93 -0.10 0.14
C VAL C 222 25.42 0.51 -1.16
N ALA C 223 25.14 -0.15 -2.29
CA ALA C 223 25.63 0.31 -3.60
C ALA C 223 25.13 1.73 -3.85
N GLN C 224 23.88 2.00 -3.58
CA GLN C 224 23.29 3.34 -3.82
C GLN C 224 24.00 4.37 -2.91
N GLU C 225 24.22 4.02 -1.65
CA GLU C 225 24.89 4.93 -0.66
C GLU C 225 26.29 5.27 -1.15
N LYS C 226 27.00 4.34 -1.79
CA LYS C 226 28.42 4.50 -2.19
C LYS C 226 28.57 4.91 -3.64
N GLY C 227 27.49 5.09 -4.39
CA GLY C 227 27.55 5.49 -5.82
C GLY C 227 27.96 4.35 -6.74
N LYS C 228 27.68 3.10 -6.35
CA LYS C 228 28.02 1.89 -7.14
C LYS C 228 26.73 1.27 -7.68
N TYR C 229 26.88 0.16 -8.39
CA TYR C 229 25.72 -0.52 -9.03
C TYR C 229 25.56 -1.90 -8.42
N ALA C 230 24.34 -2.43 -8.48
CA ALA C 230 24.09 -3.80 -8.07
C ALA C 230 22.84 -4.32 -8.78
N PHE C 231 22.50 -5.57 -8.53
CA PHE C 231 21.36 -6.25 -9.16
C PHE C 231 20.38 -6.74 -8.12
N GLY C 232 19.09 -6.72 -8.45
CA GLY C 232 18.08 -7.43 -7.65
C GLY C 232 18.20 -8.92 -7.82
N CYS C 233 17.77 -9.65 -6.82
CA CYS C 233 17.87 -11.14 -6.78
C CYS C 233 16.45 -11.65 -6.49
N ASP C 234 15.86 -12.41 -7.42
CA ASP C 234 14.54 -13.11 -7.30
C ASP C 234 13.38 -12.17 -7.52
N ALA C 235 13.56 -10.87 -7.28
CA ALA C 235 12.46 -9.90 -7.47
C ALA C 235 13.07 -8.60 -7.91
N ASP C 236 12.27 -7.78 -8.53
CA ASP C 236 12.68 -6.42 -8.93
C ASP C 236 12.80 -5.62 -7.63
N MET C 237 14.00 -5.22 -7.27
CA MET C 237 14.29 -4.53 -6.00
C MET C 237 14.57 -3.04 -6.25
N SER C 238 14.18 -2.52 -7.41
CA SER C 238 14.52 -1.14 -7.79
C SER C 238 13.93 -0.12 -6.78
N LYS C 239 12.78 -0.40 -6.18
CA LYS C 239 12.19 0.61 -5.23
C LYS C 239 13.11 0.85 -4.03
N PHE C 240 14.03 -0.08 -3.73
CA PHE C 240 14.95 0.08 -2.56
C PHE C 240 16.18 0.87 -2.91
N ALA C 241 16.51 1.03 -4.19
CA ALA C 241 17.77 1.62 -4.64
C ALA C 241 17.68 1.93 -6.11
N PRO C 242 16.82 2.92 -6.48
CA PRO C 242 16.56 3.17 -7.89
C PRO C 242 17.77 3.62 -8.70
N LYS C 243 18.77 4.25 -8.09
CA LYS C 243 19.98 4.68 -8.83
C LYS C 243 20.95 3.52 -9.03
N ALA C 244 21.00 2.56 -8.10
CA ALA C 244 22.00 1.47 -8.15
C ALA C 244 21.47 0.26 -8.93
N HIS C 245 20.15 0.07 -9.01
CA HIS C 245 19.54 -1.21 -9.48
C HIS C 245 19.65 -1.28 -11.01
N LEU C 246 20.57 -2.04 -11.55
CA LEU C 246 20.76 -2.12 -13.03
C LEU C 246 19.65 -2.93 -13.68
N THR C 247 19.26 -4.05 -13.04
CA THR C 247 18.20 -4.99 -13.44
C THR C 247 18.16 -6.05 -12.32
N ALA C 248 17.44 -7.10 -12.54
CA ALA C 248 17.28 -8.19 -11.54
C ALA C 248 16.96 -9.46 -12.30
N SER C 249 17.34 -10.59 -11.71
CA SER C 249 16.92 -11.91 -12.22
C SER C 249 15.69 -12.29 -11.41
N ILE C 250 14.51 -12.11 -12.00
CA ILE C 250 13.22 -12.36 -11.33
C ILE C 250 12.84 -13.85 -11.42
N SER C 251 12.42 -14.41 -10.29
CA SER C 251 12.01 -15.81 -10.17
C SER C 251 10.47 -15.86 -10.24
N ASN C 252 9.97 -16.56 -11.23
CA ASN C 252 8.52 -16.82 -11.47
C ASN C 252 8.23 -18.29 -11.20
N TRP C 253 7.81 -18.61 -10.00
CA TRP C 253 7.52 -20.01 -9.58
C TRP C 253 6.05 -20.39 -9.85
N GLY C 254 5.20 -19.40 -10.13
CA GLY C 254 3.72 -19.56 -10.16
C GLY C 254 3.28 -20.60 -11.19
N ASP C 255 3.87 -20.62 -12.38
CA ASP C 255 3.47 -21.62 -13.40
C ASP C 255 3.84 -23.02 -12.94
N PHE C 256 5.03 -23.18 -12.37
CA PHE C 256 5.49 -24.49 -11.86
C PHE C 256 4.56 -24.96 -10.74
N TYR C 257 4.24 -24.09 -9.77
CA TYR C 257 3.40 -24.45 -8.61
C TYR C 257 2.01 -24.82 -9.11
N THR C 258 1.47 -24.05 -10.05
CA THR C 258 0.14 -24.31 -10.66
C THR C 258 0.14 -25.69 -11.35
N LYS C 259 1.09 -25.95 -12.24
CA LYS C 259 1.19 -27.18 -13.04
C LYS C 259 1.38 -28.38 -12.09
N THR C 260 2.17 -28.22 -11.04
CA THR C 260 2.41 -29.32 -10.07
C THR C 260 1.09 -29.64 -9.34
N ALA C 261 0.39 -28.65 -8.80
CA ALA C 261 -0.89 -28.82 -8.10
C ALA C 261 -1.88 -29.50 -9.08
N GLN C 262 -1.92 -29.06 -10.34
CA GLN C 262 -2.82 -29.67 -11.35
C GLN C 262 -2.51 -31.16 -11.53
N ALA C 263 -1.22 -31.54 -11.61
CA ALA C 263 -0.76 -32.92 -11.80
C ALA C 263 -1.18 -33.76 -10.59
N VAL C 264 -1.06 -33.21 -9.37
CA VAL C 264 -1.46 -33.97 -8.15
C VAL C 264 -2.98 -34.20 -8.20
N MET C 265 -3.77 -33.18 -8.55
CA MET C 265 -5.24 -33.30 -8.63
C MET C 265 -5.65 -34.31 -9.73
N ALA C 266 -4.92 -34.39 -10.83
CA ALA C 266 -5.26 -35.23 -12.01
C ALA C 266 -4.72 -36.65 -11.83
N GLY C 267 -3.84 -36.87 -10.84
CA GLY C 267 -3.17 -38.16 -10.62
C GLY C 267 -2.09 -38.45 -11.65
N THR C 268 -1.53 -37.43 -12.32
CA THR C 268 -0.46 -37.58 -13.32
C THR C 268 0.90 -37.22 -12.73
N TRP C 269 0.96 -36.81 -11.46
CA TRP C 269 2.22 -36.40 -10.80
C TRP C 269 3.18 -37.58 -10.77
N LYS C 270 4.43 -37.35 -11.08
CA LYS C 270 5.48 -38.37 -10.83
C LYS C 270 6.74 -37.66 -10.35
N SER C 271 7.56 -38.38 -9.62
CA SER C 271 8.88 -37.91 -9.14
C SER C 271 9.80 -37.63 -10.33
N GLU C 272 10.32 -36.42 -10.42
CA GLU C 272 11.40 -36.11 -11.41
C GLU C 272 12.17 -34.87 -10.95
N GLU C 273 13.29 -34.60 -11.62
CA GLU C 273 14.12 -33.40 -11.43
C GLU C 273 13.66 -32.41 -12.48
N VAL C 274 13.17 -31.27 -12.06
CA VAL C 274 12.71 -30.16 -12.93
C VAL C 274 13.70 -29.02 -12.79
N HIS C 275 14.17 -28.50 -13.92
N HIS C 275 14.19 -28.50 -13.92
CA HIS C 275 15.05 -27.30 -13.96
CA HIS C 275 15.07 -27.31 -13.96
C HIS C 275 14.50 -26.45 -15.09
C HIS C 275 14.51 -26.44 -15.08
N TRP C 276 13.90 -25.31 -14.75
CA TRP C 276 13.36 -24.37 -15.76
C TRP C 276 14.20 -23.09 -15.76
N GLY C 277 14.34 -22.48 -16.91
CA GLY C 277 15.13 -21.25 -17.09
C GLY C 277 14.33 -20.16 -17.78
N MET C 278 15.03 -19.40 -18.59
CA MET C 278 14.40 -18.26 -19.30
C MET C 278 13.46 -18.76 -20.39
N ALA C 279 13.80 -19.85 -21.08
CA ALA C 279 12.93 -20.41 -22.15
C ALA C 279 11.57 -20.83 -21.56
N GLU C 280 11.52 -21.36 -20.35
CA GLU C 280 10.27 -21.81 -19.71
C GLU C 280 9.57 -20.72 -18.90
N GLY C 281 10.11 -19.50 -18.84
CA GLY C 281 9.53 -18.32 -18.15
C GLY C 281 9.77 -18.31 -16.64
N MET C 282 10.59 -19.20 -16.12
CA MET C 282 10.84 -19.26 -14.65
C MET C 282 11.86 -18.17 -14.25
N VAL C 283 12.71 -17.75 -15.19
CA VAL C 283 13.71 -16.70 -14.97
C VAL C 283 13.40 -15.57 -15.97
N LYS C 284 13.21 -14.36 -15.47
CA LYS C 284 12.94 -13.18 -16.32
C LYS C 284 13.82 -12.04 -15.84
N MET C 285 14.20 -11.10 -16.73
CA MET C 285 15.02 -9.95 -16.30
C MET C 285 14.09 -8.75 -16.09
N ALA C 286 14.35 -7.97 -15.05
CA ALA C 286 13.69 -6.70 -14.77
C ALA C 286 14.09 -5.73 -15.86
N PRO C 287 13.30 -4.64 -16.02
CA PRO C 287 13.69 -3.57 -16.95
C PRO C 287 15.08 -3.02 -16.64
N LEU C 288 15.77 -2.51 -17.66
CA LEU C 288 17.13 -1.97 -17.47
C LEU C 288 17.01 -0.56 -16.85
N ASN C 289 17.88 -0.25 -15.92
CA ASN C 289 18.05 1.12 -15.38
C ASN C 289 18.40 2.07 -16.56
N ALA C 290 17.94 3.30 -16.48
CA ALA C 290 18.23 4.34 -17.50
C ALA C 290 19.71 4.69 -17.55
N ALA C 291 20.52 4.36 -16.55
CA ALA C 291 22.00 4.57 -16.57
C ALA C 291 22.69 3.65 -17.58
N VAL C 292 22.06 2.56 -18.01
CA VAL C 292 22.69 1.63 -18.97
C VAL C 292 22.66 2.30 -20.34
N PRO C 293 23.81 2.58 -20.96
CA PRO C 293 23.82 3.24 -22.26
C PRO C 293 23.36 2.34 -23.41
N PRO C 294 22.94 2.94 -24.53
CA PRO C 294 22.36 2.17 -25.65
C PRO C 294 23.18 0.99 -26.16
N ASP C 295 24.50 1.13 -26.31
CA ASP C 295 25.38 0.03 -26.80
C ASP C 295 25.34 -1.14 -25.81
N ALA C 296 25.35 -0.86 -24.49
CA ALA C 296 25.29 -1.94 -23.46
C ALA C 296 23.90 -2.59 -23.47
N ALA C 297 22.84 -1.80 -23.58
CA ALA C 297 21.45 -2.32 -23.62
C ALA C 297 21.28 -3.23 -24.86
N LYS C 298 21.79 -2.82 -26.01
CA LYS C 298 21.69 -3.64 -27.24
C LYS C 298 22.41 -4.99 -27.05
N LEU C 299 23.62 -4.98 -26.50
CA LEU C 299 24.39 -6.22 -26.28
C LEU C 299 23.61 -7.14 -25.31
N PHE C 300 23.10 -6.57 -24.23
CA PHE C 300 22.30 -7.32 -23.24
C PHE C 300 21.12 -8.01 -23.92
N GLU C 301 20.37 -7.30 -24.76
CA GLU C 301 19.18 -7.90 -25.45
C GLU C 301 19.64 -8.99 -26.45
N GLU C 302 20.75 -8.83 -27.14
CA GLU C 302 21.32 -9.86 -28.06
C GLU C 302 21.69 -11.12 -27.27
N LYS C 303 22.36 -10.95 -26.14
CA LYS C 303 22.78 -12.10 -25.30
C LYS C 303 21.55 -12.79 -24.70
N LYS C 304 20.55 -12.02 -24.29
CA LYS C 304 19.31 -12.56 -23.72
C LYS C 304 18.64 -13.45 -24.77
N ALA C 305 18.52 -12.98 -26.00
CA ALA C 305 17.85 -13.76 -27.06
C ALA C 305 18.63 -15.05 -27.31
N ALA C 306 19.96 -14.98 -27.29
CA ALA C 306 20.82 -16.15 -27.52
C ALA C 306 20.66 -17.12 -26.35
N MET C 307 20.48 -16.61 -25.13
CA MET C 307 20.29 -17.47 -23.94
C MET C 307 18.96 -18.23 -24.05
N VAL C 308 17.91 -17.54 -24.46
CA VAL C 308 16.56 -18.20 -24.60
C VAL C 308 16.61 -19.28 -25.68
N SER C 309 17.30 -19.04 -26.79
CA SER C 309 17.34 -19.96 -27.96
C SER C 309 18.33 -21.12 -27.72
N GLY C 310 19.26 -20.97 -26.77
CA GLY C 310 20.31 -21.98 -26.51
C GLY C 310 21.48 -21.83 -27.45
N LYS C 311 21.57 -20.71 -28.20
CA LYS C 311 22.73 -20.38 -29.06
C LYS C 311 23.97 -20.10 -28.20
N ILE C 312 23.78 -19.55 -26.99
CA ILE C 312 24.84 -19.47 -25.96
C ILE C 312 24.30 -20.21 -24.73
N LYS C 313 25.19 -20.87 -24.03
CA LYS C 313 24.94 -21.52 -22.74
C LYS C 313 25.96 -20.93 -21.79
N PRO C 314 25.60 -20.63 -20.53
CA PRO C 314 26.57 -20.01 -19.62
C PRO C 314 27.86 -20.82 -19.49
N PHE C 315 27.76 -22.15 -19.48
CA PHE C 315 28.89 -23.05 -19.19
C PHE C 315 29.32 -23.77 -20.48
N GLN C 316 29.17 -23.12 -21.64
CA GLN C 316 29.82 -23.59 -22.86
C GLN C 316 31.34 -23.39 -22.72
N GLY C 317 32.10 -24.31 -23.28
CA GLY C 317 33.57 -24.20 -23.36
C GLY C 317 34.03 -23.05 -24.21
N PRO C 318 35.31 -22.62 -24.06
CA PRO C 318 36.22 -23.22 -23.08
C PRO C 318 36.01 -22.67 -21.67
N LEU C 319 36.20 -23.52 -20.65
CA LEU C 319 36.15 -23.12 -19.22
C LEU C 319 37.49 -23.54 -18.62
N LYS C 320 38.07 -22.64 -17.85
CA LYS C 320 39.31 -22.90 -17.09
C LYS C 320 39.06 -22.71 -15.60
N ASP C 321 39.79 -23.47 -14.80
CA ASP C 321 39.71 -23.33 -13.34
C ASP C 321 40.69 -22.26 -12.85
N GLN C 322 40.80 -22.10 -11.54
CA GLN C 322 41.53 -20.98 -10.95
C GLN C 322 43.04 -21.11 -11.16
N SER C 323 43.53 -22.29 -11.57
CA SER C 323 44.96 -22.47 -11.89
C SER C 323 45.16 -22.35 -13.40
N GLY C 324 44.10 -22.08 -14.15
CA GLY C 324 44.16 -21.91 -15.61
C GLY C 324 44.01 -23.24 -16.33
N ALA C 325 43.71 -24.34 -15.65
CA ALA C 325 43.54 -25.66 -16.30
C ALA C 325 42.24 -25.69 -17.10
N VAL C 326 42.29 -26.24 -18.32
CA VAL C 326 41.06 -26.42 -19.12
C VAL C 326 40.21 -27.53 -18.51
N LYS C 327 38.96 -27.23 -18.21
CA LYS C 327 38.01 -28.19 -17.60
C LYS C 327 36.95 -28.57 -18.64
N VAL C 328 36.65 -27.67 -19.58
CA VAL C 328 35.74 -27.93 -20.73
C VAL C 328 36.39 -27.33 -21.97
N ALA C 329 36.60 -28.14 -23.02
CA ALA C 329 37.27 -27.65 -24.25
C ALA C 329 36.33 -26.73 -25.05
N ALA C 330 36.90 -25.80 -25.83
CA ALA C 330 36.13 -25.03 -26.84
C ALA C 330 35.34 -26.01 -27.72
N GLY C 331 34.08 -25.69 -28.00
CA GLY C 331 33.15 -26.53 -28.79
C GLY C 331 32.48 -27.65 -28.00
N SER C 332 32.73 -27.73 -26.69
CA SER C 332 32.00 -28.64 -25.77
C SER C 332 31.23 -27.79 -24.74
N ASP C 333 30.30 -28.43 -24.03
CA ASP C 333 29.49 -27.81 -22.95
C ASP C 333 29.86 -28.54 -21.66
N LEU C 334 29.72 -27.88 -20.52
CA LEU C 334 29.79 -28.56 -19.20
C LEU C 334 28.66 -29.58 -19.17
N PRO C 335 28.98 -30.88 -18.92
CA PRO C 335 27.95 -31.92 -18.88
C PRO C 335 26.92 -31.71 -17.77
N LEU C 336 25.69 -32.19 -17.98
CA LEU C 336 24.56 -31.95 -17.04
C LEU C 336 24.90 -32.42 -15.63
N ALA C 337 25.63 -33.53 -15.45
CA ALA C 337 25.97 -34.05 -14.09
C ALA C 337 26.98 -33.12 -13.40
N SER C 338 27.91 -32.55 -14.15
CA SER C 338 28.93 -31.61 -13.60
C SER C 338 28.26 -30.27 -13.27
N LEU C 339 27.30 -29.84 -14.08
CA LEU C 339 26.51 -28.61 -13.85
C LEU C 339 25.71 -28.76 -12.57
N LYS C 340 25.05 -29.90 -12.39
CA LYS C 340 24.18 -30.21 -11.23
C LYS C 340 25.00 -30.18 -9.94
N GLY C 341 26.22 -30.68 -9.95
CA GLY C 341 27.06 -30.78 -8.75
C GLY C 341 28.16 -29.77 -8.71
N MET C 342 28.09 -28.68 -9.49
CA MET C 342 29.23 -27.76 -9.71
C MET C 342 29.81 -27.31 -8.38
N ASN C 343 31.10 -27.60 -8.16
CA ASN C 343 31.70 -27.30 -6.86
C ASN C 343 33.11 -26.76 -7.05
N TRP C 344 33.40 -26.20 -8.22
CA TRP C 344 34.71 -25.59 -8.53
C TRP C 344 34.44 -24.24 -9.19
N TYR C 345 35.42 -23.38 -9.05
CA TYR C 345 35.37 -21.98 -9.55
C TYR C 345 36.13 -21.78 -10.85
N VAL C 346 35.61 -20.91 -11.69
CA VAL C 346 36.30 -20.54 -12.96
C VAL C 346 37.46 -19.57 -12.66
N GLN C 347 38.38 -19.49 -13.62
CA GLN C 347 39.51 -18.56 -13.54
C GLN C 347 38.98 -17.12 -13.42
N GLY C 348 39.53 -16.35 -12.48
CA GLY C 348 39.11 -14.95 -12.26
C GLY C 348 38.22 -14.77 -11.03
N VAL C 349 37.75 -15.86 -10.40
CA VAL C 349 37.07 -15.81 -9.09
C VAL C 349 38.15 -15.73 -8.02
N GLU C 350 38.02 -14.79 -7.10
CA GLU C 350 38.97 -14.69 -5.97
C GLU C 350 38.23 -14.25 -4.71
N GLY C 351 38.85 -14.48 -3.58
CA GLY C 351 38.31 -14.07 -2.27
C GLY C 351 38.64 -12.63 -1.95
N THR C 352 38.00 -12.11 -0.92
CA THR C 352 38.23 -10.74 -0.41
C THR C 352 39.37 -10.77 0.60
N ILE C 353 40.53 -10.23 0.22
CA ILE C 353 41.74 -10.19 1.10
C ILE C 353 42.52 -8.92 0.73
N GLU D 23 12.18 35.53 4.03
CA GLU D 23 10.96 36.38 4.22
C GLU D 23 9.88 35.53 4.89
N PRO D 24 9.05 36.11 5.79
CA PRO D 24 7.87 35.37 6.28
C PRO D 24 6.90 34.96 5.16
N LEU D 25 6.18 33.86 5.38
CA LEU D 25 5.01 33.49 4.53
C LEU D 25 3.85 34.45 4.84
N LYS D 26 3.36 35.14 3.81
CA LYS D 26 2.23 36.07 3.91
C LYS D 26 0.96 35.26 3.75
N VAL D 27 0.15 35.26 4.79
CA VAL D 27 -1.10 34.45 4.87
C VAL D 27 -2.26 35.41 5.07
N ALA D 28 -3.33 35.26 4.29
CA ALA D 28 -4.53 36.11 4.42
C ALA D 28 -5.75 35.24 4.70
N PHE D 29 -6.68 35.80 5.45
CA PHE D 29 -7.96 35.20 5.85
C PHE D 29 -9.06 36.11 5.40
N VAL D 30 -10.04 35.56 4.71
CA VAL D 30 -11.24 36.32 4.26
C VAL D 30 -12.44 35.82 5.07
N TYR D 31 -13.05 36.71 5.85
CA TYR D 31 -14.24 36.41 6.68
C TYR D 31 -15.47 37.04 6.05
N ALA D 32 -16.57 36.32 6.14
CA ALA D 32 -17.88 36.78 5.62
C ALA D 32 -18.66 37.50 6.73
N GLY D 33 -18.09 37.52 7.93
CA GLY D 33 -18.75 38.18 9.09
C GLY D 33 -17.70 38.88 9.93
N PRO D 34 -18.15 39.35 11.12
CA PRO D 34 -17.28 40.04 12.04
C PRO D 34 -16.61 39.18 13.11
N VAL D 35 -15.38 39.55 13.46
CA VAL D 35 -14.67 38.90 14.60
C VAL D 35 -15.48 39.12 15.89
N SER D 36 -16.30 40.16 15.94
CA SER D 36 -17.15 40.51 17.10
C SER D 36 -18.40 39.61 17.18
N ASP D 37 -18.59 38.59 16.30
CA ASP D 37 -19.78 37.72 16.41
C ASP D 37 -19.68 36.86 17.70
N ALA D 38 -18.49 36.66 18.25
CA ALA D 38 -18.21 35.77 19.41
C ALA D 38 -18.61 34.32 19.07
N GLY D 39 -18.63 34.00 17.78
CA GLY D 39 -18.98 32.66 17.30
C GLY D 39 -18.11 32.28 16.11
N TYR D 40 -18.72 32.02 14.98
CA TYR D 40 -18.05 31.43 13.80
C TYR D 40 -16.80 32.19 13.35
N THR D 41 -16.93 33.48 13.04
CA THR D 41 -15.79 34.28 12.53
C THR D 41 -14.76 34.47 13.63
N TYR D 42 -15.22 34.75 14.86
CA TYR D 42 -14.33 34.79 16.04
C TYR D 42 -13.45 33.54 16.06
N ALA D 43 -14.04 32.36 15.91
CA ALA D 43 -13.32 31.07 16.01
C ALA D 43 -12.31 30.91 14.87
N HIS D 44 -12.68 31.26 13.65
CA HIS D 44 -11.68 31.28 12.54
C HIS D 44 -10.51 32.20 12.88
N ASP D 45 -10.81 33.37 13.42
CA ASP D 45 -9.78 34.38 13.79
C ASP D 45 -8.93 33.86 14.95
N GLN D 46 -9.51 33.15 15.93
CA GLN D 46 -8.71 32.45 16.97
C GLN D 46 -7.78 31.43 16.33
N GLY D 47 -8.19 30.77 15.24
CA GLY D 47 -7.31 29.85 14.50
C GLY D 47 -6.14 30.59 13.87
N ARG D 48 -6.42 31.73 13.23
CA ARG D 48 -5.37 32.61 12.66
C ARG D 48 -4.37 33.00 13.76
N LEU D 49 -4.88 33.42 14.91
CA LEU D 49 -4.02 33.83 16.04
C LEU D 49 -3.20 32.64 16.56
N ALA D 50 -3.77 31.44 16.61
CA ALA D 50 -3.04 30.23 17.02
C ALA D 50 -1.90 29.95 16.04
N MET D 51 -2.16 30.09 14.73
CA MET D 51 -1.12 29.90 13.69
C MET D 51 0.03 30.87 13.94
N GLU D 52 -0.31 32.14 14.24
CA GLU D 52 0.70 33.21 14.51
C GLU D 52 1.51 32.82 15.76
N LYS D 53 0.86 32.30 16.79
CA LYS D 53 1.56 31.95 18.06
C LYS D 53 2.47 30.75 17.79
N ASN D 54 2.00 29.77 17.02
CA ASN D 54 2.73 28.50 16.76
C ASN D 54 3.97 28.75 15.88
N LEU D 55 3.89 29.66 14.89
CA LEU D 55 4.94 29.77 13.84
C LEU D 55 5.75 31.06 14.01
N GLY D 56 5.28 31.97 14.86
CA GLY D 56 5.91 33.28 15.15
C GLY D 56 6.28 34.04 13.90
N ALA D 57 7.54 34.44 13.78
CA ALA D 57 8.02 35.35 12.71
C ALA D 57 8.07 34.61 11.36
N LYS D 58 7.88 33.30 11.30
CA LYS D 58 7.85 32.56 9.99
C LYS D 58 6.58 32.89 9.20
N VAL D 59 5.55 33.46 9.84
CA VAL D 59 4.29 33.85 9.14
C VAL D 59 3.94 35.30 9.44
N LYS D 60 3.29 35.95 8.50
CA LYS D 60 2.67 37.27 8.73
C LYS D 60 1.24 37.16 8.20
N SER D 61 0.27 37.23 9.10
CA SER D 61 -1.16 37.06 8.74
C SER D 61 -1.81 38.40 8.59
N SER D 62 -2.82 38.48 7.73
CA SER D 62 -3.79 39.58 7.73
C SER D 62 -5.19 39.00 7.51
N TYR D 63 -6.19 39.82 7.70
CA TYR D 63 -7.59 39.38 7.50
C TYR D 63 -8.42 40.54 7.02
N VAL D 64 -9.57 40.21 6.45
CA VAL D 64 -10.62 41.16 6.02
C VAL D 64 -11.93 40.59 6.55
N GLU D 65 -12.71 41.41 7.24
CA GLU D 65 -14.01 41.05 7.85
C GLU D 65 -15.16 41.48 6.95
N ASN D 66 -16.32 40.88 7.16
CA ASN D 66 -17.60 41.32 6.59
C ASN D 66 -17.53 41.38 5.07
N VAL D 67 -16.82 40.46 4.42
CA VAL D 67 -16.75 40.44 2.92
C VAL D 67 -18.02 39.79 2.39
N PRO D 68 -18.78 40.48 1.52
CA PRO D 68 -20.01 39.90 0.96
C PRO D 68 -19.70 38.64 0.12
N GLU D 69 -20.58 37.66 0.23
CA GLU D 69 -20.45 36.31 -0.42
C GLU D 69 -20.82 36.51 -1.89
N GLY D 70 -20.53 35.53 -2.74
CA GLY D 70 -20.73 35.57 -4.19
C GLY D 70 -19.85 36.61 -4.86
N ALA D 71 -20.34 37.24 -5.93
CA ALA D 71 -19.53 37.96 -6.94
C ALA D 71 -18.61 39.04 -6.31
N ASP D 72 -19.07 39.83 -5.35
CA ASP D 72 -18.35 41.01 -4.79
C ASP D 72 -17.10 40.62 -3.96
N ALA D 73 -17.01 39.37 -3.52
CA ALA D 73 -15.82 38.83 -2.81
C ALA D 73 -14.61 38.75 -3.73
N GLU D 74 -14.83 38.60 -5.03
CA GLU D 74 -13.74 38.38 -6.01
C GLU D 74 -12.74 39.52 -5.93
N ARG D 75 -13.20 40.77 -5.83
CA ARG D 75 -12.29 41.94 -5.78
C ARG D 75 -11.38 41.85 -4.55
N VAL D 76 -11.91 41.45 -3.40
CA VAL D 76 -11.11 41.38 -2.15
C VAL D 76 -10.09 40.26 -2.30
N ILE D 77 -10.53 39.08 -2.74
CA ILE D 77 -9.61 37.90 -2.85
C ILE D 77 -8.49 38.21 -3.88
N ARG D 78 -8.84 38.85 -5.01
CA ARG D 78 -7.85 39.24 -6.05
C ARG D 78 -6.82 40.21 -5.47
N LYS D 79 -7.28 41.22 -4.73
CA LYS D 79 -6.36 42.22 -4.12
C LYS D 79 -5.41 41.53 -3.14
N LEU D 80 -5.89 40.60 -2.31
CA LEU D 80 -4.97 39.88 -1.40
C LEU D 80 -3.95 39.05 -2.20
N ALA D 81 -4.33 38.44 -3.31
CA ALA D 81 -3.39 37.65 -4.15
C ALA D 81 -2.37 38.62 -4.81
N ALA D 82 -2.84 39.75 -5.32
CA ALA D 82 -2.00 40.79 -5.98
C ALA D 82 -1.02 41.41 -4.98
N ASP D 83 -1.38 41.45 -3.69
CA ASP D 83 -0.54 42.08 -2.64
C ASP D 83 0.57 41.13 -2.18
N GLY D 84 0.63 39.89 -2.71
CA GLY D 84 1.75 38.97 -2.42
C GLY D 84 1.46 37.96 -1.32
N ASN D 85 0.20 37.78 -0.92
CA ASN D 85 -0.17 36.65 -0.01
C ASN D 85 0.06 35.35 -0.78
N LYS D 86 0.74 34.38 -0.16
CA LYS D 86 1.06 33.10 -0.82
C LYS D 86 0.06 32.01 -0.42
N LEU D 87 -0.70 32.25 0.66
CA LEU D 87 -1.73 31.33 1.19
C LEU D 87 -2.93 32.17 1.61
N ILE D 88 -4.09 31.85 1.04
CA ILE D 88 -5.36 32.59 1.27
C ILE D 88 -6.41 31.58 1.68
N PHE D 89 -6.98 31.80 2.86
CA PHE D 89 -8.14 31.02 3.38
C PHE D 89 -9.41 31.82 3.17
N THR D 90 -10.37 31.26 2.47
CA THR D 90 -11.70 31.90 2.32
C THR D 90 -12.68 31.09 3.17
N THR D 91 -13.18 31.70 4.24
CA THR D 91 -13.75 30.95 5.39
C THR D 91 -15.28 30.81 5.32
N SER D 92 -15.92 30.86 4.17
CA SER D 92 -17.40 30.74 4.12
C SER D 92 -17.81 30.12 2.79
N PHE D 93 -18.93 29.43 2.79
CA PHE D 93 -19.48 28.68 1.62
C PHE D 93 -19.59 29.60 0.40
N GLY D 94 -20.10 30.80 0.60
CA GLY D 94 -20.43 31.73 -0.50
C GLY D 94 -19.18 32.28 -1.17
N PHE D 95 -17.97 31.99 -0.70
CA PHE D 95 -16.74 32.40 -1.41
C PHE D 95 -16.30 31.34 -2.44
N MET D 96 -17.04 30.22 -2.58
CA MET D 96 -16.59 29.06 -3.40
C MET D 96 -16.26 29.52 -4.84
N ASN D 97 -17.21 30.15 -5.51
CA ASN D 97 -17.03 30.45 -6.96
C ASN D 97 -16.02 31.57 -7.15
N PRO D 98 -16.04 32.69 -6.38
CA PRO D 98 -14.98 33.68 -6.48
C PRO D 98 -13.59 33.09 -6.21
N THR D 99 -13.47 32.20 -5.22
CA THR D 99 -12.15 31.60 -4.90
C THR D 99 -11.66 30.79 -6.11
N GLU D 100 -12.53 29.99 -6.71
CA GLU D 100 -12.16 29.13 -7.87
C GLU D 100 -11.70 30.05 -9.02
N ARG D 101 -12.38 31.16 -9.24
CA ARG D 101 -11.98 32.08 -10.35
C ARG D 101 -10.63 32.74 -10.05
N VAL D 102 -10.41 33.21 -8.81
CA VAL D 102 -9.13 33.85 -8.46
C VAL D 102 -8.02 32.82 -8.50
N ALA D 103 -8.26 31.58 -8.02
CA ALA D 103 -7.21 30.55 -8.02
C ALA D 103 -6.70 30.31 -9.46
N LYS D 104 -7.59 30.27 -10.42
CA LYS D 104 -7.20 30.04 -11.85
C LYS D 104 -6.29 31.20 -12.33
N ALA D 105 -6.51 32.42 -11.84
CA ALA D 105 -5.79 33.64 -12.26
C ALA D 105 -4.45 33.76 -11.53
N PHE D 106 -4.26 33.08 -10.39
CA PHE D 106 -3.05 33.21 -9.56
C PHE D 106 -2.49 31.83 -9.24
N PRO D 107 -1.89 31.15 -10.24
CA PRO D 107 -1.47 29.77 -10.03
C PRO D 107 -0.25 29.61 -9.11
N ASN D 108 0.41 30.70 -8.73
CA ASN D 108 1.54 30.68 -7.76
C ASN D 108 1.03 30.90 -6.31
N VAL D 109 -0.29 31.06 -6.10
CA VAL D 109 -0.87 31.27 -4.74
C VAL D 109 -1.66 30.03 -4.35
N VAL D 110 -1.61 29.62 -3.08
CA VAL D 110 -2.35 28.47 -2.54
C VAL D 110 -3.64 29.00 -1.93
N PHE D 111 -4.78 28.46 -2.35
CA PHE D 111 -6.10 28.80 -1.83
C PHE D 111 -6.68 27.60 -1.07
N GLU D 112 -7.29 27.91 0.08
CA GLU D 112 -8.05 26.93 0.90
C GLU D 112 -9.43 27.49 1.12
N HIS D 113 -10.46 26.76 0.68
CA HIS D 113 -11.86 27.20 0.76
C HIS D 113 -12.60 26.37 1.81
N ALA D 114 -13.26 27.04 2.76
CA ALA D 114 -14.00 26.35 3.84
C ALA D 114 -15.34 25.89 3.29
N THR D 115 -15.64 24.62 3.45
CA THR D 115 -16.96 23.94 3.22
C THR D 115 -17.26 23.72 1.74
N GLY D 116 -16.35 24.06 0.84
CA GLY D 116 -16.63 23.96 -0.60
C GLY D 116 -16.43 22.57 -1.17
N VAL D 117 -16.72 22.45 -2.46
CA VAL D 117 -16.63 21.16 -3.20
C VAL D 117 -15.82 21.35 -4.49
N LYS D 118 -15.21 22.52 -4.73
CA LYS D 118 -14.41 22.78 -5.95
C LYS D 118 -12.93 22.78 -5.55
N LEU D 119 -12.16 21.96 -6.24
CA LEU D 119 -10.69 21.84 -6.10
C LEU D 119 -9.99 22.14 -7.42
N ALA D 120 -8.70 22.44 -7.33
CA ALA D 120 -7.83 22.67 -8.49
C ALA D 120 -6.40 22.41 -8.02
N LYS D 121 -5.43 22.50 -8.91
CA LYS D 121 -4.00 22.28 -8.55
C LYS D 121 -3.63 23.15 -7.33
N ASN D 122 -4.12 24.39 -7.25
CA ASN D 122 -3.74 25.36 -6.19
C ASN D 122 -4.98 25.69 -5.32
N LEU D 123 -5.99 24.82 -5.28
CA LEU D 123 -7.21 25.07 -4.48
C LEU D 123 -7.59 23.79 -3.74
N GLY D 124 -7.52 23.82 -2.43
CA GLY D 124 -7.97 22.75 -1.52
C GLY D 124 -9.26 23.18 -0.81
N VAL D 125 -9.94 22.25 -0.16
CA VAL D 125 -11.16 22.56 0.61
C VAL D 125 -11.00 21.93 1.99
N TYR D 126 -11.57 22.61 2.97
CA TYR D 126 -11.50 22.10 4.36
C TYR D 126 -12.83 22.34 5.04
N GLU D 127 -13.12 21.49 6.01
CA GLU D 127 -14.31 21.69 6.86
C GLU D 127 -14.17 20.84 8.09
N SER D 128 -14.97 21.17 9.08
CA SER D 128 -15.11 20.37 10.31
C SER D 128 -16.23 19.38 10.14
N ARG D 129 -16.22 18.35 10.96
CA ARG D 129 -17.38 17.43 11.10
C ARG D 129 -18.20 17.91 12.31
N GLN D 130 -18.70 19.12 12.25
CA GLN D 130 -19.37 19.75 13.43
C GLN D 130 -20.63 18.96 13.76
N TYR D 131 -21.20 18.23 12.80
CA TYR D 131 -22.43 17.44 13.00
C TYR D 131 -22.18 16.35 14.05
N GLU D 132 -20.92 15.95 14.29
CA GLU D 132 -20.61 15.04 15.42
C GLU D 132 -20.99 15.74 16.74
N GLY D 133 -20.62 17.00 16.89
CA GLY D 133 -20.99 17.84 18.04
C GLY D 133 -22.50 18.02 18.09
N THR D 134 -23.10 18.36 16.95
CA THR D 134 -24.56 18.60 16.93
C THR D 134 -25.33 17.34 17.34
N TYR D 135 -24.88 16.15 16.95
CA TYR D 135 -25.51 14.88 17.36
C TYR D 135 -25.51 14.83 18.89
N LEU D 136 -24.36 15.12 19.53
CA LEU D 136 -24.26 15.11 21.02
C LEU D 136 -25.17 16.16 21.63
N GLN D 137 -25.32 17.33 21.01
CA GLN D 137 -26.29 18.35 21.47
C GLN D 137 -27.70 17.74 21.46
N GLY D 138 -28.05 17.00 20.41
CA GLY D 138 -29.37 16.38 20.30
C GLY D 138 -29.62 15.36 21.43
N VAL D 139 -28.60 14.56 21.74
CA VAL D 139 -28.70 13.60 22.88
C VAL D 139 -29.05 14.40 24.14
N LEU D 140 -28.31 15.47 24.42
CA LEU D 140 -28.54 16.27 25.64
C LEU D 140 -29.92 16.94 25.56
N ALA D 141 -30.27 17.48 24.39
CA ALA D 141 -31.58 18.14 24.22
C ALA D 141 -32.71 17.18 24.62
N ALA D 142 -32.64 15.91 24.24
CA ALA D 142 -33.68 14.90 24.52
C ALA D 142 -33.76 14.68 26.04
N LYS D 143 -32.65 14.81 26.76
CA LYS D 143 -32.65 14.67 28.25
C LYS D 143 -33.21 15.92 28.93
N MET D 144 -33.11 17.10 28.32
CA MET D 144 -33.41 18.38 28.97
C MET D 144 -34.79 18.92 28.54
N THR D 145 -35.37 18.44 27.43
CA THR D 145 -36.65 18.99 26.89
C THR D 145 -37.83 18.60 27.81
N LYS D 146 -38.81 19.47 27.94
CA LYS D 146 -40.11 19.15 28.62
C LYS D 146 -41.20 18.97 27.56
N THR D 147 -41.07 19.59 26.38
CA THR D 147 -42.13 19.57 25.35
C THR D 147 -41.91 18.42 24.36
N GLY D 148 -40.69 17.89 24.24
CA GLY D 148 -40.36 16.91 23.21
C GLY D 148 -40.22 17.54 21.83
N VAL D 149 -40.12 18.84 21.79
CA VAL D 149 -39.92 19.62 20.52
C VAL D 149 -38.64 20.44 20.71
N ILE D 150 -37.67 20.21 19.83
CA ILE D 150 -36.41 20.94 19.83
C ILE D 150 -36.40 21.84 18.59
N GLY D 151 -35.57 22.84 18.59
CA GLY D 151 -35.60 23.91 17.57
C GLY D 151 -34.27 24.12 16.95
N PHE D 152 -34.26 24.54 15.69
CA PHE D 152 -33.04 24.82 14.95
C PHE D 152 -33.20 26.12 14.16
N VAL D 153 -32.31 27.07 14.41
CA VAL D 153 -32.25 28.35 13.64
C VAL D 153 -31.30 28.13 12.47
N GLY D 154 -31.88 28.03 11.27
CA GLY D 154 -31.10 27.77 10.06
C GLY D 154 -30.77 29.02 9.29
N SER D 155 -29.59 29.01 8.66
CA SER D 155 -29.09 30.08 7.76
C SER D 155 -29.61 29.80 6.35
N PHE D 156 -28.98 28.85 5.68
CA PHE D 156 -29.28 28.45 4.29
C PHE D 156 -29.21 26.94 4.19
N PRO D 157 -30.05 26.34 3.34
CA PRO D 157 -30.09 24.87 3.18
C PRO D 157 -28.93 24.35 2.34
N VAL D 158 -27.72 24.51 2.84
CA VAL D 158 -26.49 23.95 2.22
C VAL D 158 -26.13 22.68 2.97
N PRO D 159 -25.26 21.81 2.41
CA PRO D 159 -24.97 20.54 3.07
C PRO D 159 -24.51 20.67 4.53
N GLU D 160 -23.63 21.61 4.82
CA GLU D 160 -23.17 21.81 6.24
C GLU D 160 -24.38 21.91 7.18
N VAL D 161 -25.35 22.74 6.83
CA VAL D 161 -26.52 23.04 7.70
C VAL D 161 -27.49 21.87 7.73
N ILE D 162 -27.74 21.22 6.59
CA ILE D 162 -28.69 20.07 6.54
C ILE D 162 -28.07 18.91 7.34
N ARG D 163 -26.76 18.70 7.28
CA ARG D 163 -26.15 17.65 8.14
C ARG D 163 -26.35 18.00 9.61
N ASN D 164 -26.17 19.26 10.00
CA ASN D 164 -26.36 19.66 11.42
C ASN D 164 -27.82 19.48 11.85
N ILE D 165 -28.77 19.90 11.03
CA ILE D 165 -30.22 19.70 11.34
C ILE D 165 -30.51 18.22 11.58
N ASN D 166 -30.08 17.37 10.63
CA ASN D 166 -30.33 15.93 10.70
C ASN D 166 -29.62 15.32 11.90
N ALA D 167 -28.37 15.71 12.17
CA ALA D 167 -27.64 15.12 13.30
C ALA D 167 -28.28 15.53 14.62
N TYR D 168 -28.72 16.75 14.77
CA TYR D 168 -29.44 17.24 15.99
C TYR D 168 -30.65 16.34 16.23
N THR D 169 -31.39 16.07 15.16
CA THR D 169 -32.64 15.30 15.18
C THR D 169 -32.33 13.82 15.56
N LEU D 170 -31.34 13.24 14.89
CA LEU D 170 -30.99 11.81 15.14
C LEU D 170 -30.42 11.67 16.54
N GLY D 171 -29.59 12.60 17.00
CA GLY D 171 -29.10 12.52 18.40
C GLY D 171 -30.23 12.54 19.39
N ALA D 172 -31.22 13.43 19.22
CA ALA D 172 -32.36 13.47 20.13
C ALA D 172 -33.17 12.17 20.04
N GLN D 173 -33.39 11.67 18.80
CA GLN D 173 -34.25 10.47 18.60
C GLN D 173 -33.55 9.22 19.14
N SER D 174 -32.22 9.23 19.31
CA SER D 174 -31.49 8.06 19.89
C SER D 174 -31.90 7.91 21.36
N VAL D 175 -32.38 8.98 21.99
CA VAL D 175 -32.87 8.96 23.40
C VAL D 175 -34.38 8.80 23.41
N ASN D 176 -35.09 9.63 22.64
CA ASN D 176 -36.58 9.64 22.61
C ASN D 176 -37.02 9.70 21.16
N PRO D 177 -37.42 8.57 20.55
CA PRO D 177 -37.77 8.54 19.14
C PRO D 177 -38.99 9.40 18.77
N LYS D 178 -39.72 9.92 19.75
CA LYS D 178 -40.91 10.79 19.50
C LYS D 178 -40.49 12.25 19.28
N ILE D 179 -39.22 12.60 19.46
CA ILE D 179 -38.79 14.02 19.41
C ILE D 179 -38.91 14.52 17.98
N LYS D 180 -39.40 15.74 17.84
CA LYS D 180 -39.42 16.43 16.55
C LYS D 180 -38.55 17.68 16.64
N THR D 181 -38.05 18.11 15.49
CA THR D 181 -37.18 19.27 15.33
C THR D 181 -37.92 20.27 14.47
N LYS D 182 -38.20 21.45 15.01
CA LYS D 182 -38.73 22.58 14.20
C LYS D 182 -37.58 23.41 13.70
N VAL D 183 -37.60 23.72 12.41
CA VAL D 183 -36.58 24.52 11.72
C VAL D 183 -37.22 25.83 11.29
N ILE D 184 -36.48 26.91 11.51
CA ILE D 184 -36.84 28.24 10.92
C ILE D 184 -35.63 28.72 10.13
N TRP D 185 -35.85 29.34 8.99
CA TRP D 185 -34.76 29.79 8.11
C TRP D 185 -34.68 31.30 8.17
N VAL D 186 -33.47 31.82 8.36
CA VAL D 186 -33.30 33.32 8.36
C VAL D 186 -32.58 33.82 7.11
N SER D 187 -32.02 32.96 6.24
CA SER D 187 -31.39 33.35 4.94
C SER D 187 -30.27 34.36 5.17
N THR D 188 -29.51 34.15 6.23
CA THR D 188 -28.25 34.88 6.51
C THR D 188 -27.44 34.00 7.45
N TRP D 189 -26.11 34.15 7.45
CA TRP D 189 -25.28 33.47 8.45
C TRP D 189 -25.22 34.31 9.76
N TYR D 190 -25.38 35.62 9.66
CA TYR D 190 -25.13 36.52 10.83
C TYR D 190 -26.07 37.71 10.72
N ASP D 191 -26.98 37.81 11.67
CA ASP D 191 -27.85 39.01 11.81
C ASP D 191 -28.57 38.90 13.14
N PRO D 192 -27.97 39.43 14.22
CA PRO D 192 -28.46 39.13 15.56
C PRO D 192 -29.96 39.37 15.71
N ALA D 193 -30.48 40.45 15.13
CA ALA D 193 -31.90 40.77 15.24
C ALA D 193 -32.77 39.69 14.58
N LYS D 194 -32.39 39.24 13.39
CA LYS D 194 -33.18 38.20 12.68
C LYS D 194 -33.08 36.87 13.44
N GLU D 195 -31.89 36.57 13.97
CA GLU D 195 -31.65 35.33 14.74
C GLU D 195 -32.57 35.35 15.96
N ARG D 196 -32.63 36.50 16.64
CA ARG D 196 -33.47 36.68 17.85
C ARG D 196 -34.93 36.42 17.48
N GLN D 197 -35.42 37.02 16.40
CA GLN D 197 -36.83 36.84 16.00
C GLN D 197 -37.09 35.36 15.69
N ALA D 198 -36.15 34.67 15.04
CA ALA D 198 -36.31 33.23 14.71
C ALA D 198 -36.42 32.42 16.02
N ALA D 199 -35.55 32.69 17.00
CA ALA D 199 -35.57 31.99 18.31
C ALA D 199 -36.92 32.22 19.02
N GLU D 200 -37.42 33.47 19.02
CA GLU D 200 -38.72 33.79 19.67
C GLU D 200 -39.83 32.97 18.99
N THR D 201 -39.80 32.85 17.68
CA THR D 201 -40.84 32.12 16.91
C THR D 201 -40.77 30.62 17.28
N LEU D 202 -39.57 30.04 17.35
CA LEU D 202 -39.44 28.63 17.70
C LEU D 202 -39.99 28.37 19.09
N ILE D 203 -39.68 29.26 20.03
CA ILE D 203 -40.14 29.08 21.43
C ILE D 203 -41.68 29.24 21.46
N ALA D 204 -42.22 30.19 20.70
CA ALA D 204 -43.69 30.40 20.62
C ALA D 204 -44.36 29.13 20.08
N GLN D 205 -43.68 28.35 19.24
CA GLN D 205 -44.22 27.13 18.61
C GLN D 205 -43.83 25.87 19.41
N GLY D 206 -43.29 26.02 20.63
CA GLY D 206 -43.20 24.91 21.61
C GLY D 206 -41.83 24.26 21.66
N ALA D 207 -40.85 24.79 20.93
CA ALA D 207 -39.46 24.26 21.01
C ALA D 207 -38.85 24.77 22.33
N ASP D 208 -38.18 23.92 23.13
CA ASP D 208 -37.67 24.45 24.43
C ASP D 208 -36.16 24.16 24.58
N VAL D 209 -35.55 23.58 23.56
CA VAL D 209 -34.06 23.44 23.48
C VAL D 209 -33.66 23.79 22.05
N LEU D 210 -32.86 24.84 21.89
CA LEU D 210 -32.56 25.40 20.56
C LEU D 210 -31.09 25.20 20.23
N THR D 211 -30.82 25.04 18.93
CA THR D 211 -29.46 25.15 18.38
C THR D 211 -29.56 25.99 17.12
N GLN D 212 -28.44 26.27 16.53
CA GLN D 212 -28.39 27.20 15.38
C GLN D 212 -27.26 26.85 14.44
N ASN D 213 -27.35 27.33 13.20
N ASN D 213 -27.36 27.39 13.22
CA ASN D 213 -26.21 27.41 12.27
CA ASN D 213 -26.25 27.42 12.24
C ASN D 213 -26.11 28.83 11.75
C ASN D 213 -26.11 28.85 11.75
N THR D 214 -26.54 29.83 12.55
CA THR D 214 -26.18 31.24 12.38
C THR D 214 -25.02 31.49 13.35
N ASN D 215 -24.52 32.70 13.47
CA ASN D 215 -23.16 32.88 14.00
C ASN D 215 -23.15 33.73 15.30
N SER D 216 -24.27 34.17 15.83
CA SER D 216 -24.29 35.07 17.03
C SER D 216 -24.81 34.36 18.26
N PRO D 217 -24.65 34.97 19.47
CA PRO D 217 -25.30 34.46 20.67
C PRO D 217 -26.77 34.85 20.88
N ALA D 218 -27.40 35.42 19.87
CA ALA D 218 -28.78 35.97 19.98
C ALA D 218 -29.78 34.89 20.41
N THR D 219 -29.74 33.68 19.85
CA THR D 219 -30.65 32.57 20.22
C THR D 219 -30.47 32.23 21.70
N LEU D 220 -29.23 32.20 22.19
CA LEU D 220 -28.98 31.90 23.62
C LEU D 220 -29.59 33.00 24.51
N GLN D 221 -29.46 34.26 24.11
CA GLN D 221 -29.98 35.39 24.90
C GLN D 221 -31.50 35.27 24.96
N VAL D 222 -32.16 34.90 23.86
CA VAL D 222 -33.63 34.69 23.85
C VAL D 222 -33.97 33.53 24.78
N ALA D 223 -33.23 32.42 24.68
CA ALA D 223 -33.51 31.23 25.52
C ALA D 223 -33.47 31.65 26.99
N GLN D 224 -32.44 32.39 27.39
CA GLN D 224 -32.28 32.81 28.80
C GLN D 224 -33.49 33.70 29.20
N GLU D 225 -33.88 34.62 28.34
CA GLU D 225 -35.02 35.55 28.60
C GLU D 225 -36.29 34.75 28.84
N LYS D 226 -36.50 33.65 28.12
CA LYS D 226 -37.76 32.88 28.12
C LYS D 226 -37.68 31.67 29.07
N GLY D 227 -36.54 31.42 29.71
CA GLY D 227 -36.39 30.27 30.61
C GLY D 227 -36.21 28.94 29.86
N LYS D 228 -35.61 28.97 28.68
CA LYS D 228 -35.39 27.76 27.85
C LYS D 228 -33.87 27.51 27.76
N TYR D 229 -33.50 26.48 27.01
CA TYR D 229 -32.09 26.08 26.87
C TYR D 229 -31.66 26.27 25.41
N ALA D 230 -30.35 26.44 25.23
CA ALA D 230 -29.76 26.50 23.89
C ALA D 230 -28.30 26.13 23.97
N PHE D 231 -27.67 26.03 22.81
CA PHE D 231 -26.25 25.64 22.68
C PHE D 231 -25.47 26.77 22.04
N GLY D 232 -24.22 26.96 22.47
CA GLY D 232 -23.27 27.80 21.74
C GLY D 232 -22.85 27.16 20.43
N CYS D 233 -22.46 27.96 19.45
CA CYS D 233 -22.07 27.47 18.10
C CYS D 233 -20.68 28.04 17.81
N ASP D 234 -19.69 27.16 17.62
CA ASP D 234 -18.29 27.50 17.22
C ASP D 234 -17.45 27.99 18.38
N ALA D 235 -18.06 28.58 19.40
CA ALA D 235 -17.35 29.05 20.59
C ALA D 235 -18.25 28.85 21.80
N ASP D 236 -17.62 28.83 22.95
CA ASP D 236 -18.34 28.82 24.25
C ASP D 236 -19.02 30.17 24.41
N MET D 237 -20.35 30.18 24.41
CA MET D 237 -21.11 31.44 24.48
C MET D 237 -21.76 31.58 25.86
N SER D 238 -21.30 30.84 26.87
CA SER D 238 -21.97 30.80 28.19
C SER D 238 -21.99 32.21 28.83
N LYS D 239 -21.03 33.08 28.55
CA LYS D 239 -21.02 34.41 29.24
C LYS D 239 -22.24 35.23 28.81
N PHE D 240 -22.84 34.91 27.64
CA PHE D 240 -24.02 35.65 27.13
C PHE D 240 -25.31 35.16 27.76
N ALA D 241 -25.34 33.96 28.32
CA ALA D 241 -26.59 33.32 28.78
C ALA D 241 -26.23 32.12 29.66
N PRO D 242 -25.71 32.38 30.88
CA PRO D 242 -25.18 31.32 31.70
C PRO D 242 -26.21 30.30 32.18
N LYS D 243 -27.49 30.67 32.28
N LYS D 243 -27.48 30.69 32.29
CA LYS D 243 -28.54 29.73 32.70
CA LYS D 243 -28.55 29.75 32.68
C LYS D 243 -29.00 28.87 31.51
C LYS D 243 -28.96 28.87 31.50
N ALA D 244 -29.00 29.43 30.30
CA ALA D 244 -29.56 28.74 29.11
C ALA D 244 -28.51 27.85 28.44
N HIS D 245 -27.20 28.17 28.57
CA HIS D 245 -26.14 27.55 27.75
C HIS D 245 -25.86 26.14 28.27
N LEU D 246 -26.35 25.11 27.57
CA LEU D 246 -26.15 23.69 28.05
C LEU D 246 -24.70 23.30 27.82
N THR D 247 -24.18 23.62 26.63
CA THR D 247 -22.81 23.34 26.14
C THR D 247 -22.73 24.01 24.78
N ALA D 248 -21.70 23.72 24.03
CA ALA D 248 -21.42 24.36 22.73
C ALA D 248 -20.57 23.43 21.89
N SER D 249 -20.70 23.48 20.57
CA SER D 249 -19.79 22.77 19.66
C SER D 249 -18.68 23.72 19.27
N ILE D 250 -17.51 23.58 19.84
CA ILE D 250 -16.38 24.53 19.68
C ILE D 250 -15.55 24.13 18.45
N SER D 251 -15.22 25.12 17.63
CA SER D 251 -14.43 24.94 16.39
C SER D 251 -12.99 25.39 16.65
N ASN D 252 -12.07 24.46 16.56
CA ASN D 252 -10.62 24.65 16.74
C ASN D 252 -9.91 24.53 15.38
N TRP D 253 -9.68 25.66 14.72
CA TRP D 253 -9.09 25.68 13.36
C TRP D 253 -7.55 25.80 13.40
N GLY D 254 -6.99 26.13 14.58
CA GLY D 254 -5.60 26.53 14.77
C GLY D 254 -4.61 25.50 14.28
N ASP D 255 -4.87 24.23 14.58
N ASP D 255 -4.86 24.22 14.58
CA ASP D 255 -3.93 23.14 14.20
CA ASP D 255 -3.94 23.13 14.19
C ASP D 255 -3.96 22.97 12.68
C ASP D 255 -3.95 23.01 12.67
N PHE D 256 -5.15 23.04 12.07
CA PHE D 256 -5.28 22.91 10.60
C PHE D 256 -4.55 24.09 9.94
N TYR D 257 -4.75 25.32 10.43
CA TYR D 257 -4.15 26.51 9.80
C TYR D 257 -2.61 26.44 9.95
N THR D 258 -2.14 26.00 11.11
CA THR D 258 -0.70 25.81 11.38
C THR D 258 -0.11 24.78 10.40
N LYS D 259 -0.69 23.58 10.31
CA LYS D 259 -0.21 22.48 9.46
C LYS D 259 -0.21 22.90 8.00
N THR D 260 -1.25 23.61 7.59
CA THR D 260 -1.33 24.10 6.19
C THR D 260 -0.18 25.08 5.89
N ALA D 261 0.04 26.08 6.75
CA ALA D 261 1.10 27.08 6.59
C ALA D 261 2.45 26.34 6.56
N GLN D 262 2.64 25.35 7.42
CA GLN D 262 3.91 24.56 7.44
C GLN D 262 4.13 23.87 6.09
N ALA D 263 3.10 23.27 5.52
CA ALA D 263 3.16 22.52 4.25
C ALA D 263 3.52 23.50 3.12
N VAL D 264 2.94 24.71 3.14
CA VAL D 264 3.25 25.71 2.07
C VAL D 264 4.72 26.12 2.20
N MET D 265 5.22 26.37 3.41
CA MET D 265 6.63 26.77 3.66
C MET D 265 7.58 25.64 3.23
N ALA D 266 7.21 24.38 3.42
CA ALA D 266 8.09 23.20 3.18
C ALA D 266 7.99 22.77 1.71
N GLY D 267 7.01 23.30 0.96
CA GLY D 267 6.77 22.93 -0.44
C GLY D 267 6.11 21.57 -0.57
N THR D 268 5.44 21.06 0.47
CA THR D 268 4.78 19.74 0.48
C THR D 268 3.26 19.90 0.36
N TRP D 269 2.74 21.12 0.24
CA TRP D 269 1.28 21.35 0.15
C TRP D 269 0.76 20.69 -1.12
N LYS D 270 -0.40 20.04 -1.05
CA LYS D 270 -1.11 19.59 -2.26
C LYS D 270 -2.60 19.80 -2.04
N SER D 271 -3.33 19.92 -3.13
CA SER D 271 -4.79 20.05 -3.16
C SER D 271 -5.42 18.77 -2.61
N GLU D 272 -6.25 18.90 -1.57
CA GLU D 272 -7.07 17.77 -1.10
C GLU D 272 -8.28 18.31 -0.34
N GLU D 273 -9.22 17.41 -0.09
CA GLU D 273 -10.43 17.67 0.72
C GLU D 273 -10.10 17.21 2.13
N VAL D 274 -10.10 18.12 3.09
CA VAL D 274 -9.84 17.83 4.51
C VAL D 274 -11.16 17.97 5.28
N HIS D 275 -11.49 16.96 6.09
N HIS D 275 -11.49 16.96 6.09
CA HIS D 275 -12.66 16.98 6.99
CA HIS D 275 -12.70 16.93 6.96
C HIS D 275 -12.17 16.42 8.32
C HIS D 275 -12.22 16.42 8.33
N TRP D 276 -12.08 17.28 9.33
CA TRP D 276 -11.61 16.87 10.67
C TRP D 276 -12.78 16.99 11.65
N GLY D 277 -12.84 16.07 12.61
CA GLY D 277 -13.91 16.03 13.60
C GLY D 277 -13.35 16.04 15.03
N MET D 278 -14.04 15.30 15.90
CA MET D 278 -13.70 15.23 17.33
C MET D 278 -12.40 14.44 17.51
N ALA D 279 -12.20 13.37 16.73
CA ALA D 279 -10.96 12.56 16.84
C ALA D 279 -9.72 13.43 16.55
N GLU D 280 -9.78 14.37 15.61
CA GLU D 280 -8.62 15.18 15.21
C GLU D 280 -8.51 16.48 16.03
N GLY D 281 -9.47 16.75 16.94
CA GLY D 281 -9.45 17.92 17.85
C GLY D 281 -10.01 19.18 17.21
N MET D 282 -10.56 19.09 15.99
CA MET D 282 -11.15 20.29 15.33
C MET D 282 -12.51 20.62 15.94
N VAL D 283 -13.22 19.62 16.46
CA VAL D 283 -14.54 19.80 17.11
C VAL D 283 -14.41 19.36 18.57
N LYS D 284 -14.69 20.25 19.49
CA LYS D 284 -14.68 19.96 20.95
C LYS D 284 -15.99 20.47 21.57
N MET D 285 -16.42 19.90 22.70
CA MET D 285 -17.67 20.36 23.36
C MET D 285 -17.24 21.23 24.56
N ALA D 286 -17.97 22.30 24.81
CA ALA D 286 -17.86 23.12 26.03
C ALA D 286 -18.28 22.27 27.21
N PRO D 287 -17.84 22.67 28.43
CA PRO D 287 -18.30 21.99 29.64
C PRO D 287 -19.84 22.03 29.74
N LEU D 288 -20.37 21.07 30.45
CA LEU D 288 -21.83 20.96 30.68
C LEU D 288 -22.26 22.01 31.69
N ASN D 289 -23.42 22.59 31.45
CA ASN D 289 -24.08 23.48 32.43
C ASN D 289 -24.28 22.68 33.74
N ALA D 290 -24.21 23.36 34.88
CA ALA D 290 -24.40 22.70 36.19
C ALA D 290 -25.83 22.20 36.37
N ALA D 291 -26.81 22.67 35.58
CA ALA D 291 -28.20 22.19 35.65
C ALA D 291 -28.36 20.80 35.05
N VAL D 292 -27.38 20.30 34.28
CA VAL D 292 -27.52 18.97 33.65
C VAL D 292 -27.34 17.93 34.74
N PRO D 293 -28.36 17.09 35.01
CA PRO D 293 -28.27 16.08 36.06
C PRO D 293 -27.33 14.93 35.72
N PRO D 294 -26.86 14.20 36.75
CA PRO D 294 -25.86 13.15 36.53
C PRO D 294 -26.22 12.09 35.48
N ASP D 295 -27.46 11.60 35.40
CA ASP D 295 -27.83 10.57 34.39
C ASP D 295 -27.64 11.13 32.97
N ALA D 296 -28.02 12.38 32.74
CA ALA D 296 -27.88 13.04 31.42
C ALA D 296 -26.40 13.28 31.12
N ALA D 297 -25.65 13.77 32.11
CA ALA D 297 -24.20 14.02 31.98
C ALA D 297 -23.46 12.72 31.63
N LYS D 298 -23.80 11.63 32.28
CA LYS D 298 -23.13 10.33 32.06
C LYS D 298 -23.38 9.84 30.63
N LEU D 299 -24.61 9.96 30.15
CA LEU D 299 -24.97 9.50 28.79
C LEU D 299 -24.21 10.38 27.78
N PHE D 300 -24.23 11.70 28.00
CA PHE D 300 -23.53 12.63 27.10
C PHE D 300 -22.05 12.26 26.99
N GLU D 301 -21.40 12.02 28.12
CA GLU D 301 -19.94 11.69 28.11
C GLU D 301 -19.70 10.31 27.48
N GLU D 302 -20.56 9.33 27.66
CA GLU D 302 -20.44 8.00 27.00
C GLU D 302 -20.55 8.17 25.49
N LYS D 303 -21.55 8.93 25.02
CA LYS D 303 -21.73 9.17 23.57
C LYS D 303 -20.55 9.95 23.00
N LYS D 304 -20.04 10.94 23.73
CA LYS D 304 -18.89 11.73 23.28
C LYS D 304 -17.69 10.81 23.06
N ALA D 305 -17.41 9.94 24.02
CA ALA D 305 -16.23 9.04 23.92
C ALA D 305 -16.42 8.12 22.71
N ALA D 306 -17.63 7.63 22.48
CA ALA D 306 -17.96 6.75 21.35
C ALA D 306 -17.82 7.52 20.03
N MET D 307 -18.17 8.81 20.02
CA MET D 307 -18.05 9.65 18.80
C MET D 307 -16.56 9.85 18.46
N VAL D 308 -15.74 10.14 19.46
CA VAL D 308 -14.28 10.37 19.26
C VAL D 308 -13.63 9.09 18.71
N SER D 309 -14.02 7.91 19.22
CA SER D 309 -13.39 6.61 18.90
C SER D 309 -13.95 6.07 17.58
N GLY D 310 -15.08 6.58 17.09
CA GLY D 310 -15.71 6.11 15.85
C GLY D 310 -16.60 4.91 16.07
N LYS D 311 -16.91 4.57 17.32
CA LYS D 311 -17.82 3.46 17.70
C LYS D 311 -19.25 3.81 17.29
N ILE D 312 -19.62 5.10 17.30
CA ILE D 312 -20.93 5.54 16.76
C ILE D 312 -20.67 6.61 15.70
N LYS D 313 -21.53 6.65 14.70
CA LYS D 313 -21.45 7.66 13.62
C LYS D 313 -22.82 8.31 13.58
N PRO D 314 -22.89 9.65 13.40
CA PRO D 314 -24.19 10.29 13.38
C PRO D 314 -25.15 9.71 12.34
N PHE D 315 -24.64 9.32 11.16
CA PHE D 315 -25.51 8.93 10.02
C PHE D 315 -25.43 7.41 9.79
N GLN D 316 -25.21 6.65 10.85
CA GLN D 316 -25.39 5.18 10.76
C GLN D 316 -26.88 4.87 10.58
N GLY D 317 -27.17 3.86 9.77
CA GLY D 317 -28.54 3.37 9.53
C GLY D 317 -29.15 2.76 10.78
N PRO D 318 -30.50 2.61 10.82
CA PRO D 318 -31.38 3.00 9.71
C PRO D 318 -31.69 4.50 9.71
N LEU D 319 -31.82 5.08 8.53
CA LEU D 319 -32.25 6.50 8.35
C LEU D 319 -33.48 6.47 7.45
N LYS D 320 -34.46 7.27 7.82
CA LYS D 320 -35.71 7.46 7.02
C LYS D 320 -35.86 8.93 6.66
N ASP D 321 -36.44 9.18 5.51
CA ASP D 321 -36.74 10.58 5.10
C ASP D 321 -38.08 11.04 5.66
N GLN D 322 -38.56 12.20 5.25
CA GLN D 322 -39.74 12.82 5.89
C GLN D 322 -41.03 12.09 5.50
N SER D 323 -41.00 11.23 4.48
CA SER D 323 -42.17 10.43 4.08
C SER D 323 -42.07 9.04 4.72
N GLY D 324 -41.01 8.80 5.49
CA GLY D 324 -40.81 7.51 6.17
C GLY D 324 -40.14 6.48 5.25
N ALA D 325 -39.59 6.89 4.12
CA ALA D 325 -38.86 5.99 3.20
C ALA D 325 -37.49 5.67 3.80
N VAL D 326 -37.08 4.41 3.74
CA VAL D 326 -35.71 4.03 4.17
C VAL D 326 -34.70 4.55 3.17
N LYS D 327 -33.72 5.31 3.64
CA LYS D 327 -32.67 5.89 2.79
C LYS D 327 -31.33 5.17 3.07
N VAL D 328 -31.16 4.67 4.29
CA VAL D 328 -29.96 3.88 4.70
C VAL D 328 -30.47 2.73 5.56
N ALA D 329 -30.17 1.49 5.19
CA ALA D 329 -30.67 0.29 5.94
C ALA D 329 -29.92 0.15 7.27
N ALA D 330 -30.54 -0.46 8.27
CA ALA D 330 -29.86 -0.88 9.52
C ALA D 330 -28.63 -1.72 9.13
N GLY D 331 -27.50 -1.50 9.80
CA GLY D 331 -26.23 -2.20 9.52
C GLY D 331 -25.41 -1.53 8.45
N SER D 332 -25.89 -0.45 7.83
CA SER D 332 -25.14 0.34 6.83
C SER D 332 -24.96 1.77 7.37
N ASP D 333 -24.06 2.52 6.75
CA ASP D 333 -23.76 3.93 7.07
C ASP D 333 -24.13 4.74 5.84
N LEU D 334 -24.45 6.01 6.02
CA LEU D 334 -24.60 6.94 4.87
C LEU D 334 -23.25 7.02 4.18
N PRO D 335 -23.17 6.73 2.86
CA PRO D 335 -21.90 6.77 2.13
C PRO D 335 -21.28 8.17 2.09
N LEU D 336 -19.95 8.25 2.00
CA LEU D 336 -19.19 9.52 2.08
C LEU D 336 -19.69 10.53 1.03
N ALA D 337 -20.04 10.12 -0.19
CA ALA D 337 -20.50 11.06 -1.24
C ALA D 337 -21.89 11.61 -0.90
N SER D 338 -22.77 10.79 -0.30
CA SER D 338 -24.12 11.24 0.11
C SER D 338 -24.03 12.17 1.32
N LEU D 339 -23.07 11.91 2.22
N LEU D 339 -23.06 11.90 2.21
CA LEU D 339 -22.80 12.78 3.39
CA LEU D 339 -22.78 12.77 3.39
C LEU D 339 -22.31 14.14 2.91
C LEU D 339 -22.34 14.14 2.87
N LYS D 340 -21.35 14.13 1.96
CA LYS D 340 -20.74 15.36 1.40
C LYS D 340 -21.79 16.26 0.75
N GLY D 341 -22.78 15.68 0.08
CA GLY D 341 -23.78 16.46 -0.66
C GLY D 341 -25.13 16.49 0.00
N MET D 342 -25.22 16.14 1.30
N MET D 342 -25.23 16.02 1.26
CA MET D 342 -26.51 15.83 1.97
CA MET D 342 -26.50 15.73 1.94
C MET D 342 -27.48 16.98 1.77
C MET D 342 -27.45 16.92 1.75
N ASN D 343 -28.63 16.69 1.16
CA ASN D 343 -29.58 17.78 0.85
C ASN D 343 -30.99 17.32 1.11
N TRP D 344 -31.18 16.29 1.93
CA TRP D 344 -32.50 15.79 2.30
C TRP D 344 -32.57 15.71 3.83
N TYR D 345 -33.77 15.77 4.36
CA TYR D 345 -34.04 15.79 5.81
C TYR D 345 -34.53 14.43 6.32
N VAL D 346 -34.10 14.09 7.52
CA VAL D 346 -34.58 12.88 8.21
C VAL D 346 -36.02 13.06 8.70
N GLN D 347 -36.68 11.93 8.93
CA GLN D 347 -38.04 11.90 9.49
C GLN D 347 -38.05 12.63 10.85
N GLY D 348 -39.01 13.53 11.04
CA GLY D 348 -39.12 14.30 12.30
C GLY D 348 -38.64 15.72 12.22
N VAL D 349 -38.00 16.11 11.11
CA VAL D 349 -37.69 17.52 10.78
C VAL D 349 -38.96 18.14 10.22
N GLU D 350 -39.34 19.29 10.75
CA GLU D 350 -40.52 20.02 10.22
C GLU D 350 -40.25 21.51 10.26
N GLY D 351 -41.02 22.23 9.49
CA GLY D 351 -40.89 23.70 9.43
C GLY D 351 -41.74 24.33 10.53
N THR D 352 -41.57 25.63 10.70
CA THR D 352 -42.41 26.46 11.58
C THR D 352 -43.61 26.88 10.75
N ILE D 353 -44.75 27.13 11.37
CA ILE D 353 -45.99 27.62 10.68
C ILE D 353 -45.70 28.98 10.02
#